data_2FMF
# 
_entry.id   2FMF 
# 
_audit_conform.dict_name       mmcif_pdbx.dic 
_audit_conform.dict_version    5.377 
_audit_conform.dict_location   http://mmcif.pdb.org/dictionaries/ascii/mmcif_pdbx.dic 
# 
loop_
_database_2.database_id 
_database_2.database_code 
_database_2.pdbx_database_accession 
_database_2.pdbx_DOI 
PDB   2FMF         pdb_00002fmf 10.2210/pdb2fmf/pdb 
RCSB  RCSB036051   ?            ?                   
WWPDB D_1000036051 ?            ?                   
# 
loop_
_pdbx_database_related.db_name 
_pdbx_database_related.db_id 
_pdbx_database_related.details 
_pdbx_database_related.content_type 
PDB 2FKA 
'The Mg2+ and BeF3--bound CheY-CheZ peptide complex in the same space group but solved from crystals grown in CAPS (pH 10.5)' 
unspecified 
PDB 2FLK 
;The CheY-CheZ peptide complex in the same space group and solved from crystals grown under the same conditions but without Mg2+ and BeF3- ligands bound to CheY
;
unspecified 
PDB 2FMH 
'The Mg2+ and BeF3--bound CheY-CheZ peptide complex in the same space group but solved from crystals grown in Tris (pH 8.4)' 
unspecified 
PDB 2FMI 
;The CheY-CheZ peptide complex in the same space group but solved from crystals grown in Tris (pH 8.4) and without Mg2+ and BeF3- ligands bound to CheY
;
unspecified 
PDB 2FMK 'The Mg2+ and BeF3--bound CheY-CheZ peptide complex solved from P2(1)2(1)2 crystals grown in MES (pH 6.0)' unspecified 
# 
_pdbx_database_status.entry_id                        2FMF 
_pdbx_database_status.status_code                     REL 
_pdbx_database_status.status_code_sf                  REL 
_pdbx_database_status.recvd_initial_deposition_date   2006-01-09 
_pdbx_database_status.deposit_site                    RCSB 
_pdbx_database_status.process_site                    RCSB 
_pdbx_database_status.SG_entry                        N 
_pdbx_database_status.status_code_mr                  ? 
_pdbx_database_status.pdb_format_compatible           Y 
_pdbx_database_status.status_code_cs                  ? 
_pdbx_database_status.status_code_nmr_data            ? 
_pdbx_database_status.methods_development_category    ? 
# 
loop_
_audit_author.name 
_audit_author.pdbx_ordinal 
'Guhaniyogi, J.' 1 
'Robinson, V.L.' 2 
'Stock, A.M.'    3 
# 
_citation.id                        primary 
_citation.title                     
;Crystal Structures of Beryllium Fluoride-free and Beryllium Fluoride-bound CheY in Complex with the Conserved C-terminal Peptide of CheZ Reveal Dual Binding Modes Specific to CheY Conformation.
;
_citation.journal_abbrev            J.Mol.Biol. 
_citation.journal_volume            359 
_citation.page_first                624 
_citation.page_last                 645 
_citation.year                      2006 
_citation.journal_id_ASTM           JMOBAK 
_citation.country                   UK 
_citation.journal_id_ISSN           0022-2836 
_citation.journal_id_CSD            0070 
_citation.book_publisher            ? 
_citation.pdbx_database_id_PubMed   16674976 
_citation.pdbx_database_id_DOI      10.1016/j.jmb.2006.03.050 
# 
loop_
_citation_author.citation_id 
_citation_author.name 
_citation_author.ordinal 
_citation_author.identifier_ORCID 
primary 'Guhaniyogi, J.' 1 ? 
primary 'Robinson, V.L.' 2 ? 
primary 'Stock, A.M.'    3 ? 
# 
_cell.length_a           197.140 
_cell.length_b           197.140 
_cell.length_c           197.140 
_cell.angle_alpha        90.00 
_cell.angle_beta         90.00 
_cell.angle_gamma        90.00 
_cell.entry_id           2FMF 
_cell.Z_PDB              96 
_cell.pdbx_unique_axis   ? 
_cell.length_a_esd       ? 
_cell.length_b_esd       ? 
_cell.length_c_esd       ? 
_cell.angle_alpha_esd    ? 
_cell.angle_beta_esd     ? 
_cell.angle_gamma_esd    ? 
# 
_symmetry.space_group_name_H-M             'F 4 3 2' 
_symmetry.entry_id                         2FMF 
_symmetry.pdbx_full_space_group_name_H-M   ? 
_symmetry.Int_Tables_number                209 
_symmetry.cell_setting                     ? 
_symmetry.space_group_name_Hall            ? 
# 
loop_
_entity.id 
_entity.type 
_entity.src_method 
_entity.pdbx_description 
_entity.formula_weight 
_entity.pdbx_number_of_molecules 
_entity.pdbx_ec 
_entity.pdbx_mutation 
_entity.pdbx_fragment 
_entity.details 
1 polymer     man 'Chemotaxis protein cheY'                        14140.385 1  ? ? ?                  ? 
2 polymer     syn 'C-terminal 15-mer from Chemotaxis protein cheZ' 1622.687  1  ? ? 'residues 200-214' ? 
3 non-polymer syn 'SULFATE ION'                                    96.063    1  ? ? ?                  ? 
4 water       nat water                                            18.015    86 ? ? ?                  ? 
# 
loop_
_entity_poly.entity_id 
_entity_poly.type 
_entity_poly.nstd_linkage 
_entity_poly.nstd_monomer 
_entity_poly.pdbx_seq_one_letter_code 
_entity_poly.pdbx_seq_one_letter_code_can 
_entity_poly.pdbx_strand_id 
_entity_poly.pdbx_target_identifier 
1 'polypeptide(L)' no no 
;MADKELKFLVVDDFSTMRRIVRNLLKELGFNNVEEAEDGVDALNKLQAGGFGFIISDWNMPNMDGLELLKTIRADSAMSA
LPVLMVTAEAKKENIIAAAQAGASGYVVKPFTAATLEEKLNKIFEKLGM
;
;MADKELKFLVVDDFSTMRRIVRNLLKELGFNNVEEAEDGVDALNKLQAGGFGFIISDWNMPNMDGLELLKTIRADSAMSA
LPVLMVTAEAKKENIIAAAQAGASGYVVKPFTAATLEEKLNKIFEKLGM
;
A ? 
2 'polypeptide(L)' no no ASQDQVDDLLDSLGF ASQDQVDDLLDSLGF B ? 
# 
loop_
_entity_poly_seq.entity_id 
_entity_poly_seq.num 
_entity_poly_seq.mon_id 
_entity_poly_seq.hetero 
1 1   MET n 
1 2   ALA n 
1 3   ASP n 
1 4   LYS n 
1 5   GLU n 
1 6   LEU n 
1 7   LYS n 
1 8   PHE n 
1 9   LEU n 
1 10  VAL n 
1 11  VAL n 
1 12  ASP n 
1 13  ASP n 
1 14  PHE n 
1 15  SER n 
1 16  THR n 
1 17  MET n 
1 18  ARG n 
1 19  ARG n 
1 20  ILE n 
1 21  VAL n 
1 22  ARG n 
1 23  ASN n 
1 24  LEU n 
1 25  LEU n 
1 26  LYS n 
1 27  GLU n 
1 28  LEU n 
1 29  GLY n 
1 30  PHE n 
1 31  ASN n 
1 32  ASN n 
1 33  VAL n 
1 34  GLU n 
1 35  GLU n 
1 36  ALA n 
1 37  GLU n 
1 38  ASP n 
1 39  GLY n 
1 40  VAL n 
1 41  ASP n 
1 42  ALA n 
1 43  LEU n 
1 44  ASN n 
1 45  LYS n 
1 46  LEU n 
1 47  GLN n 
1 48  ALA n 
1 49  GLY n 
1 50  GLY n 
1 51  PHE n 
1 52  GLY n 
1 53  PHE n 
1 54  ILE n 
1 55  ILE n 
1 56  SER n 
1 57  ASP n 
1 58  TRP n 
1 59  ASN n 
1 60  MET n 
1 61  PRO n 
1 62  ASN n 
1 63  MET n 
1 64  ASP n 
1 65  GLY n 
1 66  LEU n 
1 67  GLU n 
1 68  LEU n 
1 69  LEU n 
1 70  LYS n 
1 71  THR n 
1 72  ILE n 
1 73  ARG n 
1 74  ALA n 
1 75  ASP n 
1 76  SER n 
1 77  ALA n 
1 78  MET n 
1 79  SER n 
1 80  ALA n 
1 81  LEU n 
1 82  PRO n 
1 83  VAL n 
1 84  LEU n 
1 85  MET n 
1 86  VAL n 
1 87  THR n 
1 88  ALA n 
1 89  GLU n 
1 90  ALA n 
1 91  LYS n 
1 92  LYS n 
1 93  GLU n 
1 94  ASN n 
1 95  ILE n 
1 96  ILE n 
1 97  ALA n 
1 98  ALA n 
1 99  ALA n 
1 100 GLN n 
1 101 ALA n 
1 102 GLY n 
1 103 ALA n 
1 104 SER n 
1 105 GLY n 
1 106 TYR n 
1 107 VAL n 
1 108 VAL n 
1 109 LYS n 
1 110 PRO n 
1 111 PHE n 
1 112 THR n 
1 113 ALA n 
1 114 ALA n 
1 115 THR n 
1 116 LEU n 
1 117 GLU n 
1 118 GLU n 
1 119 LYS n 
1 120 LEU n 
1 121 ASN n 
1 122 LYS n 
1 123 ILE n 
1 124 PHE n 
1 125 GLU n 
1 126 LYS n 
1 127 LEU n 
1 128 GLY n 
1 129 MET n 
2 1   ALA n 
2 2   SER n 
2 3   GLN n 
2 4   ASP n 
2 5   GLN n 
2 6   VAL n 
2 7   ASP n 
2 8   ASP n 
2 9   LEU n 
2 10  LEU n 
2 11  ASP n 
2 12  SER n 
2 13  LEU n 
2 14  GLY n 
2 15  PHE n 
# 
_entity_src_gen.entity_id                          1 
_entity_src_gen.pdbx_src_id                        1 
_entity_src_gen.pdbx_alt_source_flag               sample 
_entity_src_gen.pdbx_seq_type                      ? 
_entity_src_gen.pdbx_beg_seq_num                   ? 
_entity_src_gen.pdbx_end_seq_num                   ? 
_entity_src_gen.gene_src_common_name               ? 
_entity_src_gen.gene_src_genus                     Salmonella 
_entity_src_gen.pdbx_gene_src_gene                 cheY 
_entity_src_gen.gene_src_species                   'Salmonella typhimurium' 
_entity_src_gen.gene_src_strain                    LT2 
_entity_src_gen.gene_src_tissue                    ? 
_entity_src_gen.gene_src_tissue_fraction           ? 
_entity_src_gen.gene_src_details                   ? 
_entity_src_gen.pdbx_gene_src_fragment             ? 
_entity_src_gen.pdbx_gene_src_scientific_name      'Salmonella typhimurium' 
_entity_src_gen.pdbx_gene_src_ncbi_taxonomy_id     99287 
_entity_src_gen.pdbx_gene_src_variant              ? 
_entity_src_gen.pdbx_gene_src_cell_line            ? 
_entity_src_gen.pdbx_gene_src_atcc                 ? 
_entity_src_gen.pdbx_gene_src_organ                ? 
_entity_src_gen.pdbx_gene_src_organelle            ? 
_entity_src_gen.pdbx_gene_src_cell                 ? 
_entity_src_gen.pdbx_gene_src_cellular_location    ? 
_entity_src_gen.host_org_common_name               ? 
_entity_src_gen.pdbx_host_org_scientific_name      'Escherichia coli' 
_entity_src_gen.pdbx_host_org_ncbi_taxonomy_id     562 
_entity_src_gen.host_org_genus                     Escherichia 
_entity_src_gen.pdbx_host_org_gene                 ? 
_entity_src_gen.pdbx_host_org_organ                ? 
_entity_src_gen.host_org_species                   ? 
_entity_src_gen.pdbx_host_org_tissue               ? 
_entity_src_gen.pdbx_host_org_tissue_fraction      ? 
_entity_src_gen.pdbx_host_org_strain               HB101 
_entity_src_gen.pdbx_host_org_variant              ? 
_entity_src_gen.pdbx_host_org_cell_line            ? 
_entity_src_gen.pdbx_host_org_atcc                 ? 
_entity_src_gen.pdbx_host_org_culture_collection   ? 
_entity_src_gen.pdbx_host_org_cell                 ? 
_entity_src_gen.pdbx_host_org_organelle            ? 
_entity_src_gen.pdbx_host_org_cellular_location    ? 
_entity_src_gen.pdbx_host_org_vector_type          PLASMID 
_entity_src_gen.pdbx_host_org_vector               ? 
_entity_src_gen.host_org_details                   ? 
_entity_src_gen.expression_system_id               ? 
_entity_src_gen.plasmid_name                       pUC18 
_entity_src_gen.plasmid_details                    ? 
_entity_src_gen.pdbx_description                   ? 
# 
_pdbx_entity_src_syn.entity_id              2 
_pdbx_entity_src_syn.pdbx_src_id            1 
_pdbx_entity_src_syn.pdbx_alt_source_flag   sample 
_pdbx_entity_src_syn.pdbx_beg_seq_num       ? 
_pdbx_entity_src_syn.pdbx_end_seq_num       ? 
_pdbx_entity_src_syn.organism_scientific    ? 
_pdbx_entity_src_syn.organism_common_name   ? 
_pdbx_entity_src_syn.ncbi_taxonomy_id       ? 
_pdbx_entity_src_syn.details                
;This sequence corresponds to the C-terminal 15 residues of the CheZ protein occurring naturally in Salmonella enterica serovar Typhumurium
;
# 
loop_
_struct_ref.id 
_struct_ref.entity_id 
_struct_ref.db_name 
_struct_ref.db_code 
_struct_ref.pdbx_db_accession 
_struct_ref.pdbx_align_begin 
_struct_ref.pdbx_seq_one_letter_code 
_struct_ref.pdbx_db_isoform 
1 1 UNP CHEY_SALTY P0A2D5 1   
;ADKELKFLVVDDFSTMRRIVRNLLKELGFNNVEEAEDGVDALNKLQAGGFGFIISDWNMPNMDGLELLKTIRADSAMSAL
PVLMVTAEAKKENIIAAAQAGASGYVVKPFTAATLEEKLNKIFEKLGM
;
? 
2 2 UNP CHEZ_SALTY P07800 200 ASQDQVDDLLDSLGF ? 
# 
loop_
_struct_ref_seq.align_id 
_struct_ref_seq.ref_id 
_struct_ref_seq.pdbx_PDB_id_code 
_struct_ref_seq.pdbx_strand_id 
_struct_ref_seq.seq_align_beg 
_struct_ref_seq.pdbx_seq_align_beg_ins_code 
_struct_ref_seq.seq_align_end 
_struct_ref_seq.pdbx_seq_align_end_ins_code 
_struct_ref_seq.pdbx_db_accession 
_struct_ref_seq.db_align_beg 
_struct_ref_seq.pdbx_db_align_beg_ins_code 
_struct_ref_seq.db_align_end 
_struct_ref_seq.pdbx_db_align_end_ins_code 
_struct_ref_seq.pdbx_auth_seq_align_beg 
_struct_ref_seq.pdbx_auth_seq_align_end 
1 1 2FMF A 2 ? 129 ? P0A2D5 1   ? 128 ? 2   129 
2 2 2FMF B 1 ? 15  ? P07800 200 ? 214 ? 200 214 
# 
_struct_ref_seq_dif.align_id                     1 
_struct_ref_seq_dif.pdbx_pdb_id_code             2FMF 
_struct_ref_seq_dif.mon_id                       MET 
_struct_ref_seq_dif.pdbx_pdb_strand_id           A 
_struct_ref_seq_dif.seq_num                      1 
_struct_ref_seq_dif.pdbx_pdb_ins_code            ? 
_struct_ref_seq_dif.pdbx_seq_db_name             UNP 
_struct_ref_seq_dif.pdbx_seq_db_accession_code   P0A2D5 
_struct_ref_seq_dif.db_mon_id                    ? 
_struct_ref_seq_dif.pdbx_seq_db_seq_num          ? 
_struct_ref_seq_dif.details                      'initiating methionine' 
_struct_ref_seq_dif.pdbx_auth_seq_num            1 
_struct_ref_seq_dif.pdbx_ordinal                 1 
# 
loop_
_chem_comp.id 
_chem_comp.type 
_chem_comp.mon_nstd_flag 
_chem_comp.name 
_chem_comp.pdbx_synonyms 
_chem_comp.formula 
_chem_comp.formula_weight 
ALA 'L-peptide linking' y ALANINE         ? 'C3 H7 N O2'     89.093  
ARG 'L-peptide linking' y ARGININE        ? 'C6 H15 N4 O2 1' 175.209 
ASN 'L-peptide linking' y ASPARAGINE      ? 'C4 H8 N2 O3'    132.118 
ASP 'L-peptide linking' y 'ASPARTIC ACID' ? 'C4 H7 N O4'     133.103 
GLN 'L-peptide linking' y GLUTAMINE       ? 'C5 H10 N2 O3'   146.144 
GLU 'L-peptide linking' y 'GLUTAMIC ACID' ? 'C5 H9 N O4'     147.129 
GLY 'peptide linking'   y GLYCINE         ? 'C2 H5 N O2'     75.067  
HOH non-polymer         . WATER           ? 'H2 O'           18.015  
ILE 'L-peptide linking' y ISOLEUCINE      ? 'C6 H13 N O2'    131.173 
LEU 'L-peptide linking' y LEUCINE         ? 'C6 H13 N O2'    131.173 
LYS 'L-peptide linking' y LYSINE          ? 'C6 H15 N2 O2 1' 147.195 
MET 'L-peptide linking' y METHIONINE      ? 'C5 H11 N O2 S'  149.211 
PHE 'L-peptide linking' y PHENYLALANINE   ? 'C9 H11 N O2'    165.189 
PRO 'L-peptide linking' y PROLINE         ? 'C5 H9 N O2'     115.130 
SER 'L-peptide linking' y SERINE          ? 'C3 H7 N O3'     105.093 
SO4 non-polymer         . 'SULFATE ION'   ? 'O4 S -2'        96.063  
THR 'L-peptide linking' y THREONINE       ? 'C4 H9 N O3'     119.119 
TRP 'L-peptide linking' y TRYPTOPHAN      ? 'C11 H12 N2 O2'  204.225 
TYR 'L-peptide linking' y TYROSINE        ? 'C9 H11 N O3'    181.189 
VAL 'L-peptide linking' y VALINE          ? 'C5 H11 N O2'    117.146 
# 
_exptl.crystals_number   1 
_exptl.method            'X-RAY DIFFRACTION' 
_exptl.entry_id          2FMF 
# 
_exptl_crystal.id                    1 
_exptl_crystal.density_meas          ? 
_exptl_crystal.density_Matthews      ? 
_exptl_crystal.density_percent_sol   ? 
_exptl_crystal.description           ? 
_exptl_crystal.F_000                 ? 
_exptl_crystal.preparation           ? 
# 
_exptl_crystal_grow.crystal_id      1 
_exptl_crystal_grow.method          'VAPOR DIFFUSION, HANGING DROP' 
_exptl_crystal_grow.pH              7.5 
_exptl_crystal_grow.temp            298.0 
_exptl_crystal_grow.pdbx_details    
'2M ammonium sulfate, 0.2M lithium sulfate, 0.1M Hepes, pH 7.5, VAPOR DIFFUSION, HANGING DROP, temperature 298.0K' 
_exptl_crystal_grow.temp_details    ? 
_exptl_crystal_grow.pdbx_pH_range   . 
# 
_diffrn.id                     1 
_diffrn.ambient_temp           100.0 
_diffrn.ambient_temp_details   ? 
_diffrn.crystal_id             1 
# 
_diffrn_detector.diffrn_id              1 
_diffrn_detector.detector               CCD 
_diffrn_detector.type                   'ADSC QUANTUM 4' 
_diffrn_detector.pdbx_collection_date   2003-02-17 
_diffrn_detector.details                ? 
# 
_diffrn_radiation.diffrn_id                        1 
_diffrn_radiation.pdbx_diffrn_protocol             'SINGLE WAVELENGTH' 
_diffrn_radiation.monochromator                    
'KOHZU double crystal monochromator with a sagittally focused second crystal. Crystal type Si(111)' 
_diffrn_radiation.wavelength_id                    1 
_diffrn_radiation.pdbx_monochromatic_or_laue_m_l   M 
_diffrn_radiation.pdbx_scattering_type             x-ray 
# 
_diffrn_radiation_wavelength.id           1 
_diffrn_radiation_wavelength.wavelength   0.9793 
_diffrn_radiation_wavelength.wt           1.0 
# 
_diffrn_source.diffrn_id                   1 
_diffrn_source.source                      SYNCHROTRON 
_diffrn_source.type                        'NSLS BEAMLINE X4A' 
_diffrn_source.pdbx_wavelength_list        0.9793 
_diffrn_source.pdbx_wavelength             ? 
_diffrn_source.pdbx_synchrotron_site       NSLS 
_diffrn_source.pdbx_synchrotron_beamline   X4A 
# 
_reflns.entry_id                     2FMF 
_reflns.observed_criterion_sigma_F   ? 
_reflns.observed_criterion_sigma_I   -3.0 
_reflns.d_resolution_high            1.998 
_reflns.d_resolution_low             20.0 
_reflns.number_all                   22840 
_reflns.number_obs                   22136 
_reflns.percent_possible_obs         97.1 
_reflns.pdbx_Rmerge_I_obs            ? 
_reflns.pdbx_Rsym_value              0.078 
_reflns.pdbx_netI_over_sigmaI        22.0 
_reflns.B_iso_Wilson_estimate        34.1 
_reflns.pdbx_redundancy              ? 
_reflns.R_free_details               ? 
_reflns.limit_h_max                  ? 
_reflns.limit_h_min                  ? 
_reflns.limit_k_max                  ? 
_reflns.limit_k_min                  ? 
_reflns.limit_l_max                  ? 
_reflns.limit_l_min                  ? 
_reflns.observed_criterion_F_max     ? 
_reflns.observed_criterion_F_min     ? 
_reflns.pdbx_chi_squared             ? 
_reflns.pdbx_scaling_rejects         ? 
_reflns.pdbx_ordinal                 1 
_reflns.pdbx_diffrn_id               1 
# 
_reflns_shell.d_res_high             1.998 
_reflns_shell.d_res_low              2.07 
_reflns_shell.percent_possible_obs   ? 
_reflns_shell.percent_possible_all   97.0 
_reflns_shell.Rmerge_I_obs           ? 
_reflns_shell.meanI_over_sigI_obs    6.6 
_reflns_shell.pdbx_Rsym_value        0.251 
_reflns_shell.pdbx_redundancy        ? 
_reflns_shell.number_unique_all      2148 
_reflns_shell.number_measured_all    ? 
_reflns_shell.number_measured_obs    ? 
_reflns_shell.number_unique_obs      ? 
_reflns_shell.pdbx_chi_squared       ? 
_reflns_shell.pdbx_ordinal           1 
_reflns_shell.pdbx_diffrn_id         1 
# 
_refine.ls_d_res_high                            1.998 
_refine.ls_d_res_low                             19.800 
_refine.pdbx_ls_sigma_F                          0.00 
_refine.ls_percent_reflns_obs                    97.880 
_refine.ls_number_reflns_obs                     21659 
_refine.pdbx_ls_cross_valid_method               THROUGHOUT 
_refine.pdbx_R_Free_selection_details            RANDOM 
_refine.details                                  'HYDROGENS HAVE BEEN ADDED IN THE RIDING POSITIONS' 
_refine.ls_R_factor_all                          0.20134 
_refine.ls_R_factor_R_work                       0.20006 
_refine.ls_R_factor_R_free                       0.21319 
_refine.ls_percent_reflns_R_free                 9.900 
_refine.ls_number_reflns_R_free                  2148 
_refine.B_iso_mean                               27.445 
_refine.correlation_coeff_Fo_to_Fc               0.946 
_refine.correlation_coeff_Fo_to_Fc_free          0.942 
_refine.pdbx_overall_ESU_R                       0.120 
_refine.pdbx_overall_ESU_R_Free                  0.111 
_refine.overall_SU_ML                            0.100 
_refine.overall_SU_B                             3.483 
_refine.solvent_model_details                    'BABINET MODEL WITH MASK' 
_refine.pdbx_solvent_vdw_probe_radii             1.400 
_refine.pdbx_solvent_ion_probe_radii             0.800 
_refine.pdbx_solvent_shrinkage_radii             0.800 
_refine.pdbx_stereochemistry_target_values       'MAXIMUM LIKELIHOOD' 
_refine.entry_id                                 2FMF 
_refine.pdbx_ls_sigma_I                          ? 
_refine.ls_number_reflns_all                     22128 
_refine.ls_R_factor_obs                          0.20134 
_refine.ls_redundancy_reflns_obs                 ? 
_refine.pdbx_data_cutoff_high_absF               ? 
_refine.pdbx_data_cutoff_low_absF                ? 
_refine.ls_number_parameters                     ? 
_refine.ls_number_restraints                     ? 
_refine.ls_R_factor_R_free_error                 ? 
_refine.ls_R_factor_R_free_error_details         ? 
_refine.pdbx_method_to_determine_struct          'MOLECULAR REPLACEMENT' 
_refine.pdbx_starting_model                      'PDB ENTRY 1FQW' 
_refine.pdbx_stereochem_target_val_spec_case     ? 
_refine.solvent_model_param_bsol                 ? 
_refine.solvent_model_param_ksol                 ? 
_refine.occupancy_max                            ? 
_refine.occupancy_min                            ? 
_refine.pdbx_isotropic_thermal_model             ? 
_refine.aniso_B[1][1]                            ? 
_refine.aniso_B[1][2]                            ? 
_refine.aniso_B[1][3]                            ? 
_refine.aniso_B[2][2]                            ? 
_refine.aniso_B[2][3]                            ? 
_refine.aniso_B[3][3]                            ? 
_refine.B_iso_min                                ? 
_refine.B_iso_max                                ? 
_refine.overall_SU_R_Cruickshank_DPI             ? 
_refine.overall_SU_R_free                        ? 
_refine.pdbx_data_cutoff_high_rms_absF           ? 
_refine.ls_wR_factor_R_free                      ? 
_refine.ls_wR_factor_R_work                      ? 
_refine.overall_FOM_free_R_set                   ? 
_refine.overall_FOM_work_R_set                   ? 
_refine.pdbx_refine_id                           'X-RAY DIFFRACTION' 
_refine.pdbx_diffrn_id                           1 
_refine.pdbx_TLS_residual_ADP_flag               ? 
_refine.pdbx_overall_phase_error                 ? 
_refine.pdbx_overall_SU_R_free_Cruickshank_DPI   ? 
_refine.pdbx_overall_SU_R_Blow_DPI               ? 
_refine.pdbx_overall_SU_R_free_Blow_DPI          ? 
# 
_refine_hist.pdbx_refine_id                   'X-RAY DIFFRACTION' 
_refine_hist.cycle_id                         LAST 
_refine_hist.pdbx_number_atoms_protein        1084 
_refine_hist.pdbx_number_atoms_nucleic_acid   0 
_refine_hist.pdbx_number_atoms_ligand         5 
_refine_hist.number_atoms_solvent             86 
_refine_hist.number_atoms_total               1175 
_refine_hist.d_res_high                       1.998 
_refine_hist.d_res_low                        19.800 
# 
loop_
_refine_ls_restr.type 
_refine_ls_restr.number 
_refine_ls_restr.dev_ideal 
_refine_ls_restr.dev_ideal_target 
_refine_ls_restr.weight 
_refine_ls_restr.pdbx_refine_id 
_refine_ls_restr.pdbx_restraint_function 
r_bond_refined_d         1119 0.011  0.022  ? 'X-RAY DIFFRACTION' ? 
r_bond_other_d           1036 0.001  0.020  ? 'X-RAY DIFFRACTION' ? 
r_angle_refined_deg      1504 1.409  1.985  ? 'X-RAY DIFFRACTION' ? 
r_angle_other_deg        2423 2.650  3.000  ? 'X-RAY DIFFRACTION' ? 
r_dihedral_angle_1_deg   140  4.950  3.000  ? 'X-RAY DIFFRACTION' ? 
r_dihedral_angle_3_deg   219  14.803 15.000 ? 'X-RAY DIFFRACTION' ? 
r_chiral_restr           173  0.093  0.200  ? 'X-RAY DIFFRACTION' ? 
r_gen_planes_refined     1236 0.006  0.020  ? 'X-RAY DIFFRACTION' ? 
r_gen_planes_other       207  0.004  0.020  ? 'X-RAY DIFFRACTION' ? 
r_nbd_refined            249  0.237  0.300  ? 'X-RAY DIFFRACTION' ? 
r_nbd_other              968  0.208  0.300  ? 'X-RAY DIFFRACTION' ? 
r_nbtor_other            3    0.243  0.500  ? 'X-RAY DIFFRACTION' ? 
r_xyhbond_nbd_refined    98   0.178  0.500  ? 'X-RAY DIFFRACTION' ? 
r_symmetry_vdw_refined   9    0.185  0.300  ? 'X-RAY DIFFRACTION' ? 
r_symmetry_vdw_other     36   0.168  0.300  ? 'X-RAY DIFFRACTION' ? 
r_symmetry_hbond_refined 24   0.770  0.500  ? 'X-RAY DIFFRACTION' ? 
r_mcbond_it              703  0.734  1.500  ? 'X-RAY DIFFRACTION' ? 
r_mcangle_it             1122 1.411  2.000  ? 'X-RAY DIFFRACTION' ? 
r_scbond_it              416  2.240  3.000  ? 'X-RAY DIFFRACTION' ? 
r_scangle_it             382  3.885  4.500  ? 'X-RAY DIFFRACTION' ? 
# 
_refine_ls_shell.d_res_high                       1.998 
_refine_ls_shell.d_res_low                        2.050 
_refine_ls_shell.pdbx_total_number_of_bins_used   20 
_refine_ls_shell.percent_reflns_obs               97.0 
_refine_ls_shell.number_reflns_R_work             1369 
_refine_ls_shell.R_factor_all                     ? 
_refine_ls_shell.R_factor_R_work                  0.221 
_refine_ls_shell.R_factor_R_free                  0.297 
_refine_ls_shell.percent_reflns_R_free            ? 
_refine_ls_shell.number_reflns_R_free             148 
_refine_ls_shell.R_factor_R_free_error            ? 
_refine_ls_shell.number_reflns_all                ? 
_refine_ls_shell.number_reflns_obs                1517 
_refine_ls_shell.redundancy_reflns_obs            ? 
_refine_ls_shell.pdbx_refine_id                   'X-RAY DIFFRACTION' 
# 
_struct.entry_id                  2FMF 
_struct.title                     
'Crystal structure of CheY in complex with CheZ 200-214 solved from a F432 crystal grown in Hepes (pH 7.5)' 
_struct.pdbx_model_details        ? 
_struct.pdbx_CASP_flag            ? 
_struct.pdbx_model_type_details   ? 
# 
_struct_keywords.entry_id        2FMF 
_struct_keywords.pdbx_keywords   'SIGNALING PROTEIN' 
_struct_keywords.text            'CHEMOTAXIS; BEF(3)(-)-BOUND CHEY; CHEY-CHEZ PEPTIDE COMPLEX, SIGNALING PROTEIN' 
# 
loop_
_struct_asym.id 
_struct_asym.pdbx_blank_PDB_chainid_flag 
_struct_asym.pdbx_modified 
_struct_asym.entity_id 
_struct_asym.details 
A N N 1 ? 
B N N 2 ? 
C N N 3 ? 
D N N 4 ? 
E N N 4 ? 
# 
_struct_biol.id   1 
# 
loop_
_struct_conf.conf_type_id 
_struct_conf.id 
_struct_conf.pdbx_PDB_helix_id 
_struct_conf.beg_label_comp_id 
_struct_conf.beg_label_asym_id 
_struct_conf.beg_label_seq_id 
_struct_conf.pdbx_beg_PDB_ins_code 
_struct_conf.end_label_comp_id 
_struct_conf.end_label_asym_id 
_struct_conf.end_label_seq_id 
_struct_conf.pdbx_end_PDB_ins_code 
_struct_conf.beg_auth_comp_id 
_struct_conf.beg_auth_asym_id 
_struct_conf.beg_auth_seq_id 
_struct_conf.end_auth_comp_id 
_struct_conf.end_auth_asym_id 
_struct_conf.end_auth_seq_id 
_struct_conf.pdbx_PDB_helix_class 
_struct_conf.details 
_struct_conf.pdbx_PDB_helix_length 
HELX_P HELX_P1 1 PHE A 14  ? LEU A 28  ? PHE A 14  LEU A 28  1 ? 15 
HELX_P HELX_P2 2 ASP A 38  ? GLN A 47  ? ASP A 38  GLN A 47  1 ? 10 
HELX_P HELX_P3 3 ASP A 64  ? ASP A 75  ? ASP A 64  ASP A 75  1 ? 12 
HELX_P HELX_P4 4 LYS A 91  ? GLY A 102 ? LYS A 91  GLY A 102 1 ? 12 
HELX_P HELX_P5 5 THR A 112 ? GLY A 128 ? THR A 112 GLY A 128 1 ? 17 
HELX_P HELX_P6 6 GLN B 3   ? GLY B 14  ? GLN B 202 GLY B 213 1 ? 12 
# 
_struct_conf_type.id          HELX_P 
_struct_conf_type.criteria    ? 
_struct_conf_type.reference   ? 
# 
_struct_mon_prot_cis.pdbx_id                1 
_struct_mon_prot_cis.label_comp_id          LYS 
_struct_mon_prot_cis.label_seq_id           109 
_struct_mon_prot_cis.label_asym_id          A 
_struct_mon_prot_cis.label_alt_id           . 
_struct_mon_prot_cis.pdbx_PDB_ins_code      ? 
_struct_mon_prot_cis.auth_comp_id           LYS 
_struct_mon_prot_cis.auth_seq_id            109 
_struct_mon_prot_cis.auth_asym_id           A 
_struct_mon_prot_cis.pdbx_label_comp_id_2   PRO 
_struct_mon_prot_cis.pdbx_label_seq_id_2    110 
_struct_mon_prot_cis.pdbx_label_asym_id_2   A 
_struct_mon_prot_cis.pdbx_PDB_ins_code_2    ? 
_struct_mon_prot_cis.pdbx_auth_comp_id_2    PRO 
_struct_mon_prot_cis.pdbx_auth_seq_id_2     110 
_struct_mon_prot_cis.pdbx_auth_asym_id_2    A 
_struct_mon_prot_cis.pdbx_PDB_model_num     1 
_struct_mon_prot_cis.pdbx_omega_angle       -3.77 
# 
_struct_sheet.id               A 
_struct_sheet.type             ? 
_struct_sheet.number_strands   5 
_struct_sheet.details          ? 
# 
loop_
_struct_sheet_order.sheet_id 
_struct_sheet_order.range_id_1 
_struct_sheet_order.range_id_2 
_struct_sheet_order.offset 
_struct_sheet_order.sense 
A 1 2 ? parallel 
A 2 3 ? parallel 
A 3 4 ? parallel 
A 4 5 ? parallel 
# 
loop_
_struct_sheet_range.sheet_id 
_struct_sheet_range.id 
_struct_sheet_range.beg_label_comp_id 
_struct_sheet_range.beg_label_asym_id 
_struct_sheet_range.beg_label_seq_id 
_struct_sheet_range.pdbx_beg_PDB_ins_code 
_struct_sheet_range.end_label_comp_id 
_struct_sheet_range.end_label_asym_id 
_struct_sheet_range.end_label_seq_id 
_struct_sheet_range.pdbx_end_PDB_ins_code 
_struct_sheet_range.beg_auth_comp_id 
_struct_sheet_range.beg_auth_asym_id 
_struct_sheet_range.beg_auth_seq_id 
_struct_sheet_range.end_auth_comp_id 
_struct_sheet_range.end_auth_asym_id 
_struct_sheet_range.end_auth_seq_id 
A 1 VAL A 33  ? ALA A 36  ? VAL A 33  ALA A 36  
A 2 PHE A 8   ? VAL A 11  ? PHE A 8   VAL A 11  
A 3 PHE A 53  ? ASP A 57  ? PHE A 53  ASP A 57  
A 4 VAL A 83  ? THR A 87  ? VAL A 83  THR A 87  
A 5 GLY A 105 ? VAL A 108 ? GLY A 105 VAL A 108 
# 
loop_
_pdbx_struct_sheet_hbond.sheet_id 
_pdbx_struct_sheet_hbond.range_id_1 
_pdbx_struct_sheet_hbond.range_id_2 
_pdbx_struct_sheet_hbond.range_1_label_atom_id 
_pdbx_struct_sheet_hbond.range_1_label_comp_id 
_pdbx_struct_sheet_hbond.range_1_label_asym_id 
_pdbx_struct_sheet_hbond.range_1_label_seq_id 
_pdbx_struct_sheet_hbond.range_1_PDB_ins_code 
_pdbx_struct_sheet_hbond.range_1_auth_atom_id 
_pdbx_struct_sheet_hbond.range_1_auth_comp_id 
_pdbx_struct_sheet_hbond.range_1_auth_asym_id 
_pdbx_struct_sheet_hbond.range_1_auth_seq_id 
_pdbx_struct_sheet_hbond.range_2_label_atom_id 
_pdbx_struct_sheet_hbond.range_2_label_comp_id 
_pdbx_struct_sheet_hbond.range_2_label_asym_id 
_pdbx_struct_sheet_hbond.range_2_label_seq_id 
_pdbx_struct_sheet_hbond.range_2_PDB_ins_code 
_pdbx_struct_sheet_hbond.range_2_auth_atom_id 
_pdbx_struct_sheet_hbond.range_2_auth_comp_id 
_pdbx_struct_sheet_hbond.range_2_auth_asym_id 
_pdbx_struct_sheet_hbond.range_2_auth_seq_id 
A 1 2 O GLU A 34 ? O GLU A 34 N VAL A 10  ? N VAL A 10  
A 2 3 N VAL A 11 ? N VAL A 11 O ILE A 55  ? O ILE A 55  
A 3 4 N ILE A 54 ? N ILE A 54 O LEU A 84  ? O LEU A 84  
A 4 5 N MET A 85 ? N MET A 85 O VAL A 107 ? O VAL A 107 
# 
_struct_site.id                   AC1 
_struct_site.pdbx_evidence_code   Software 
_struct_site.pdbx_auth_asym_id    A 
_struct_site.pdbx_auth_comp_id    SO4 
_struct_site.pdbx_auth_seq_id     150 
_struct_site.pdbx_auth_ins_code   ? 
_struct_site.pdbx_num_residues    6 
_struct_site.details              'BINDING SITE FOR RESIDUE SO4 A 150' 
# 
loop_
_struct_site_gen.id 
_struct_site_gen.site_id 
_struct_site_gen.pdbx_num_res 
_struct_site_gen.label_comp_id 
_struct_site_gen.label_asym_id 
_struct_site_gen.label_seq_id 
_struct_site_gen.pdbx_auth_ins_code 
_struct_site_gen.auth_comp_id 
_struct_site_gen.auth_asym_id 
_struct_site_gen.auth_seq_id 
_struct_site_gen.label_atom_id 
_struct_site_gen.label_alt_id 
_struct_site_gen.symmetry 
_struct_site_gen.details 
1 AC1 6 LYS A 70 ? LYS A 70  . ? 77_545 ? 
2 AC1 6 LYS A 70 ? LYS A 70  . ? 57_554 ? 
3 AC1 6 LYS A 70 ? LYS A 70  . ? 1_555  ? 
4 AC1 6 HOH D .  ? HOH A 222 . ? 77_545 ? 
5 AC1 6 HOH D .  ? HOH A 222 . ? 57_554 ? 
6 AC1 6 HOH D .  ? HOH A 222 . ? 1_555  ? 
# 
_atom_sites.entry_id                    2FMF 
_atom_sites.fract_transf_matrix[1][1]   0.00075982 
_atom_sites.fract_transf_matrix[1][2]   0.00215268 
_atom_sites.fract_transf_matrix[1][3]   -0.00453034 
_atom_sites.fract_transf_matrix[2][1]   -0.00138484 
_atom_sites.fract_transf_matrix[2][2]   0.00449396 
_atom_sites.fract_transf_matrix[2][3]   0.00190313 
_atom_sites.fract_transf_matrix[3][1]   0.00482081 
_atom_sites.fract_transf_matrix[3][2]   0.00095165 
_atom_sites.fract_transf_matrix[3][3]   0.00126074 
_atom_sites.fract_transf_vector[1]      0.182684 
_atom_sites.fract_transf_vector[2]      -0.421844 
_atom_sites.fract_transf_vector[3]      -0.310102 
# 
loop_
_atom_type.symbol 
C 
N 
O 
S 
# 
loop_
_atom_site.group_PDB 
_atom_site.id 
_atom_site.type_symbol 
_atom_site.label_atom_id 
_atom_site.label_alt_id 
_atom_site.label_comp_id 
_atom_site.label_asym_id 
_atom_site.label_entity_id 
_atom_site.label_seq_id 
_atom_site.pdbx_PDB_ins_code 
_atom_site.Cartn_x 
_atom_site.Cartn_y 
_atom_site.Cartn_z 
_atom_site.occupancy 
_atom_site.B_iso_or_equiv 
_atom_site.pdbx_formal_charge 
_atom_site.auth_seq_id 
_atom_site.auth_comp_id 
_atom_site.auth_asym_id 
_atom_site.auth_atom_id 
_atom_site.pdbx_PDB_model_num 
ATOM   1    N N   . ALA A 1 2   ? 7.646   11.967  -8.316  1.00 32.09 ? 2   ALA A N   1 
ATOM   2    C CA  . ALA A 1 2   ? 7.821   11.859  -6.845  1.00 31.10 ? 2   ALA A CA  1 
ATOM   3    C C   . ALA A 1 2   ? 9.304   11.672  -6.585  1.00 30.66 ? 2   ALA A C   1 
ATOM   4    O O   . ALA A 1 2   ? 10.041  11.264  -7.479  1.00 29.83 ? 2   ALA A O   1 
ATOM   5    C CB  . ALA A 1 2   ? 7.016   10.662  -6.289  1.00 31.50 ? 2   ALA A CB  1 
ATOM   6    N N   . ASP A 1 3   ? 9.766   12.070  -5.408  1.00 30.09 ? 3   ASP A N   1 
ATOM   7    C CA  . ASP A 1 3   ? 11.157  11.916  -5.036  1.00 30.55 ? 3   ASP A CA  1 
ATOM   8    C C   . ASP A 1 3   ? 11.647  10.480  -4.965  1.00 30.83 ? 3   ASP A C   1 
ATOM   9    O O   . ASP A 1 3   ? 11.015  9.613   -4.354  1.00 29.25 ? 3   ASP A O   1 
ATOM   10   C CB  . ASP A 1 3   ? 11.433  12.636  -3.721  1.00 31.22 ? 3   ASP A CB  1 
ATOM   11   C CG  . ASP A 1 3   ? 12.888  13.004  -3.572  1.00 34.11 ? 3   ASP A CG  1 
ATOM   12   O OD1 . ASP A 1 3   ? 13.648  12.151  -3.077  1.00 36.38 ? 3   ASP A OD1 1 
ATOM   13   O OD2 . ASP A 1 3   ? 13.364  14.098  -3.956  1.00 39.64 ? 3   ASP A OD2 1 
ATOM   14   N N   . LYS A 1 4   ? 12.785  10.240  -5.613  1.00 31.19 ? 4   LYS A N   1 
ATOM   15   C CA  . LYS A 1 4   ? 13.421  8.925   -5.596  1.00 31.42 ? 4   LYS A CA  1 
ATOM   16   C C   . LYS A 1 4   ? 13.760  8.440   -4.191  1.00 30.57 ? 4   LYS A C   1 
ATOM   17   O O   . LYS A 1 4   ? 13.832  7.236   -3.967  1.00 30.60 ? 4   LYS A O   1 
ATOM   18   C CB  . LYS A 1 4   ? 14.692  8.909   -6.455  1.00 32.21 ? 4   LYS A CB  1 
ATOM   19   C CG  . LYS A 1 4   ? 14.442  8.484   -7.899  1.00 33.04 ? 4   LYS A CG  1 
ATOM   20   C CD  . LYS A 1 4   ? 15.731  8.291   -8.687  1.00 32.82 ? 4   LYS A CD  1 
ATOM   21   C CE  . LYS A 1 4   ? 16.642  7.233   -8.078  1.00 32.08 ? 4   LYS A CE  1 
ATOM   22   N NZ  . LYS A 1 4   ? 16.139  5.861   -8.286  1.00 29.05 ? 4   LYS A NZ  1 
ATOM   23   N N   . GLU A 1 5   ? 13.980  9.361   -3.254  1.00 30.22 ? 5   GLU A N   1 
ATOM   24   C CA  . GLU A 1 5   ? 14.354  8.993   -1.885  1.00 30.41 ? 5   GLU A CA  1 
ATOM   25   C C   . GLU A 1 5   ? 13.154  8.855   -0.948  1.00 29.80 ? 5   GLU A C   1 
ATOM   26   O O   . GLU A 1 5   ? 13.330  8.742   0.260   1.00 29.81 ? 5   GLU A O   1 
ATOM   27   C CB  . GLU A 1 5   ? 15.346  10.006  -1.299  1.00 31.34 ? 5   GLU A CB  1 
ATOM   28   C CG  . GLU A 1 5   ? 16.651  10.098  -2.072  1.00 33.53 ? 5   GLU A CG  1 
ATOM   29   C CD  . GLU A 1 5   ? 17.273  8.733   -2.314  1.00 36.78 ? 5   GLU A CD  1 
ATOM   30   O OE1 . GLU A 1 5   ? 17.362  7.932   -1.358  1.00 38.88 ? 5   GLU A OE1 1 
ATOM   31   O OE2 . GLU A 1 5   ? 17.657  8.448   -3.465  1.00 39.62 ? 5   GLU A OE2 1 
ATOM   32   N N   . LEU A 1 6   ? 11.942  8.872   -1.494  1.00 29.25 ? 6   LEU A N   1 
ATOM   33   C CA  . LEU A 1 6   ? 10.741  8.680   -0.690  1.00 28.97 ? 6   LEU A CA  1 
ATOM   34   C C   . LEU A 1 6   ? 10.910  7.378   0.091   1.00 28.40 ? 6   LEU A C   1 
ATOM   35   O O   . LEU A 1 6   ? 11.281  6.355   -0.483  1.00 26.70 ? 6   LEU A O   1 
ATOM   36   C CB  . LEU A 1 6   ? 9.519   8.600   -1.605  1.00 29.40 ? 6   LEU A CB  1 
ATOM   37   C CG  . LEU A 1 6   ? 8.128   8.696   -0.980  1.00 32.24 ? 6   LEU A CG  1 
ATOM   38   C CD1 . LEU A 1 6   ? 7.898   10.058  -0.334  1.00 32.19 ? 6   LEU A CD1 1 
ATOM   39   C CD2 . LEU A 1 6   ? 7.094   8.420   -2.059  1.00 33.52 ? 6   LEU A CD2 1 
ATOM   40   N N   . LYS A 1 7   ? 10.661  7.416   1.398   1.00 27.39 ? 7   LYS A N   1 
ATOM   41   C CA  . LYS A 1 7   ? 10.837  6.238   2.241   1.00 27.22 ? 7   LYS A CA  1 
ATOM   42   C C   . LYS A 1 7   ? 9.567   5.395   2.333   1.00 25.95 ? 7   LYS A C   1 
ATOM   43   O O   . LYS A 1 7   ? 8.531   5.836   2.841   1.00 24.23 ? 7   LYS A O   1 
ATOM   44   C CB  . LYS A 1 7   ? 11.319  6.640   3.635   1.00 28.11 ? 7   LYS A CB  1 
ATOM   45   C CG  . LYS A 1 7   ? 11.671  5.442   4.504   1.00 30.98 ? 7   LYS A CG  1 
ATOM   46   C CD  . LYS A 1 7   ? 12.476  5.821   5.736   1.00 34.69 ? 7   LYS A CD  1 
ATOM   47   C CE  . LYS A 1 7   ? 11.674  6.644   6.716   1.00 36.98 ? 7   LYS A CE  1 
ATOM   48   N NZ  . LYS A 1 7   ? 12.422  6.819   8.001   1.00 37.34 ? 7   LYS A NZ  1 
ATOM   49   N N   . PHE A 1 8   ? 9.666   4.175   1.817   1.00 24.80 ? 8   PHE A N   1 
ATOM   50   C CA  . PHE A 1 8   ? 8.552   3.243   1.807   1.00 24.26 ? 8   PHE A CA  1 
ATOM   51   C C   . PHE A 1 8   ? 8.630   2.276   2.973   1.00 24.25 ? 8   PHE A C   1 
ATOM   52   O O   . PHE A 1 8   ? 9.713   1.898   3.418   1.00 24.84 ? 8   PHE A O   1 
ATOM   53   C CB  . PHE A 1 8   ? 8.566   2.380   0.530   1.00 24.48 ? 8   PHE A CB  1 
ATOM   54   C CG  . PHE A 1 8   ? 8.234   3.122   -0.729  1.00 24.05 ? 8   PHE A CG  1 
ATOM   55   C CD1 . PHE A 1 8   ? 9.136   4.012   -1.278  1.00 25.22 ? 8   PHE A CD1 1 
ATOM   56   C CD2 . PHE A 1 8   ? 7.026   2.912   -1.378  1.00 24.23 ? 8   PHE A CD2 1 
ATOM   57   C CE1 . PHE A 1 8   ? 8.835   4.688   -2.439  1.00 25.51 ? 8   PHE A CE1 1 
ATOM   58   C CE2 . PHE A 1 8   ? 6.727   3.588   -2.542  1.00 23.98 ? 8   PHE A CE2 1 
ATOM   59   C CZ  . PHE A 1 8   ? 7.631   4.477   -3.068  1.00 25.07 ? 8   PHE A CZ  1 
ATOM   60   N N   . LEU A 1 9   ? 7.465   1.845   3.434   1.00 24.23 ? 9   LEU A N   1 
ATOM   61   C CA  . LEU A 1 9   ? 7.381   0.773   4.407   1.00 23.78 ? 9   LEU A CA  1 
ATOM   62   C C   . LEU A 1 9   ? 6.577   -0.312  3.713   1.00 23.47 ? 9   LEU A C   1 
ATOM   63   O O   . LEU A 1 9   ? 5.453   -0.069  3.274   1.00 22.64 ? 9   LEU A O   1 
ATOM   64   C CB  . LEU A 1 9   ? 6.668   1.216   5.683   1.00 23.94 ? 9   LEU A CB  1 
ATOM   65   C CG  . LEU A 1 9   ? 6.598   0.144   6.779   1.00 23.63 ? 9   LEU A CG  1 
ATOM   66   C CD1 . LEU A 1 9   ? 8.004   -0.242  7.231   1.00 24.64 ? 9   LEU A CD1 1 
ATOM   67   C CD2 . LEU A 1 9   ? 5.780   0.610   7.965   1.00 25.83 ? 9   LEU A CD2 1 
ATOM   68   N N   . VAL A 1 10  ? 7.168   -1.492  3.572   1.00 23.53 ? 10  VAL A N   1 
ATOM   69   C CA  . VAL A 1 10  ? 6.489   -2.619  2.946   1.00 23.36 ? 10  VAL A CA  1 
ATOM   70   C C   . VAL A 1 10  ? 6.039   -3.565  4.048   1.00 23.20 ? 10  VAL A C   1 
ATOM   71   O O   . VAL A 1 10  ? 6.861   -4.083  4.810   1.00 23.11 ? 10  VAL A O   1 
ATOM   72   C CB  . VAL A 1 10  ? 7.411   -3.364  1.955   1.00 23.35 ? 10  VAL A CB  1 
ATOM   73   C CG1 . VAL A 1 10  ? 6.718   -4.608  1.396   1.00 23.42 ? 10  VAL A CG1 1 
ATOM   74   C CG2 . VAL A 1 10  ? 7.822   -2.440  0.827   1.00 23.82 ? 10  VAL A CG2 1 
ATOM   75   N N   . VAL A 1 11  ? 4.730   -3.778  4.123   1.00 23.01 ? 11  VAL A N   1 
ATOM   76   C CA  . VAL A 1 11  ? 4.137   -4.555  5.193   1.00 22.85 ? 11  VAL A CA  1 
ATOM   77   C C   . VAL A 1 11  ? 3.510   -5.842  4.674   1.00 23.00 ? 11  VAL A C   1 
ATOM   78   O O   . VAL A 1 11  ? 2.631   -5.824  3.818   1.00 22.49 ? 11  VAL A O   1 
ATOM   79   C CB  . VAL A 1 11  ? 3.058   -3.726  5.935   1.00 23.33 ? 11  VAL A CB  1 
ATOM   80   C CG1 . VAL A 1 11  ? 2.692   -4.391  7.235   1.00 23.60 ? 11  VAL A CG1 1 
ATOM   81   C CG2 . VAL A 1 11  ? 3.551   -2.306  6.200   1.00 22.58 ? 11  VAL A CG2 1 
ATOM   82   N N   . ASP A 1 12  ? 3.980   -6.961  5.207   1.00 23.54 ? 12  ASP A N   1 
ATOM   83   C CA  . ASP A 1 12  ? 3.464   -8.272  4.854   1.00 24.41 ? 12  ASP A CA  1 
ATOM   84   C C   . ASP A 1 12  ? 4.060   -9.255  5.858   1.00 25.36 ? 12  ASP A C   1 
ATOM   85   O O   . ASP A 1 12  ? 5.210   -9.098  6.257   1.00 25.18 ? 12  ASP A O   1 
ATOM   86   C CB  . ASP A 1 12  ? 3.865   -8.650  3.430   1.00 24.33 ? 12  ASP A CB  1 
ATOM   87   C CG  . ASP A 1 12  ? 3.055   -9.802  2.887   1.00 25.68 ? 12  ASP A CG  1 
ATOM   88   O OD1 . ASP A 1 12  ? 2.608   -10.651 3.689   1.00 30.47 ? 12  ASP A OD1 1 
ATOM   89   O OD2 . ASP A 1 12  ? 2.799   -9.935  1.673   1.00 26.21 ? 12  ASP A OD2 1 
ATOM   90   N N   . ASP A 1 13  ? 3.294   -10.248 6.291   1.00 27.05 ? 13  ASP A N   1 
ATOM   91   C CA  . ASP A 1 13  ? 3.832   -11.225 7.242   1.00 28.20 ? 13  ASP A CA  1 
ATOM   92   C C   . ASP A 1 13  ? 4.672   -12.301 6.536   1.00 28.89 ? 13  ASP A C   1 
ATOM   93   O O   . ASP A 1 13  ? 5.324   -13.121 7.184   1.00 29.26 ? 13  ASP A O   1 
ATOM   94   C CB  . ASP A 1 13  ? 2.729   -11.849 8.096   1.00 28.53 ? 13  ASP A CB  1 
ATOM   95   C CG  . ASP A 1 13  ? 1.650   -12.501 7.281   1.00 30.15 ? 13  ASP A CG  1 
ATOM   96   O OD1 . ASP A 1 13  ? 1.099   -11.861 6.361   1.00 34.56 ? 13  ASP A OD1 1 
ATOM   97   O OD2 . ASP A 1 13  ? 1.263   -13.660 7.513   1.00 32.28 ? 13  ASP A OD2 1 
ATOM   98   N N   . PHE A 1 14  ? 4.654   -12.293 5.208   1.00 28.96 ? 14  PHE A N   1 
ATOM   99   C CA  . PHE A 1 14  ? 5.464   -13.228 4.430   1.00 29.63 ? 14  PHE A CA  1 
ATOM   100  C C   . PHE A 1 14  ? 6.725   -12.556 3.934   1.00 28.59 ? 14  PHE A C   1 
ATOM   101  O O   . PHE A 1 14  ? 6.681   -11.654 3.097   1.00 27.65 ? 14  PHE A O   1 
ATOM   102  C CB  . PHE A 1 14  ? 4.691   -13.743 3.259   1.00 30.21 ? 14  PHE A CB  1 
ATOM   103  C CG  A PHE A 1 14  ? 3.745   -14.887 3.593   0.50 32.19 ? 14  PHE A CG  1 
ATOM   104  C CG  B PHE A 1 14  ? 5.436   -14.734 2.433   0.50 32.43 ? 14  PHE A CG  1 
ATOM   105  C CD1 A PHE A 1 14  ? 4.093   -16.210 3.556   0.50 34.39 ? 14  PHE A CD1 1 
ATOM   106  C CD1 B PHE A 1 14  ? 6.369   -15.568 2.992   0.50 35.21 ? 14  PHE A CD1 1 
ATOM   107  C CD2 A PHE A 1 14  ? 2.449   -14.551 4.031   0.50 34.56 ? 14  PHE A CD2 1 
ATOM   108  C CD2 B PHE A 1 14  ? 5.237   -14.790 1.085   0.50 34.73 ? 14  PHE A CD2 1 
ATOM   109  C CE1 A PHE A 1 14  ? 3.159   -17.192 3.911   0.50 35.99 ? 14  PHE A CE1 1 
ATOM   110  C CE1 B PHE A 1 14  ? 7.046   -16.481 2.212   0.50 36.10 ? 14  PHE A CE1 1 
ATOM   111  C CE2 A PHE A 1 14  ? 1.526   -15.516 4.387   0.50 35.25 ? 14  PHE A CE2 1 
ATOM   112  C CE2 B PHE A 1 14  ? 5.916   -15.671 0.283   0.50 35.04 ? 14  PHE A CE2 1 
ATOM   113  C CZ  A PHE A 1 14  ? 1.879   -16.836 4.328   0.50 36.35 ? 14  PHE A CZ  1 
ATOM   114  C CZ  B PHE A 1 14  ? 6.818   -16.533 0.853   0.50 37.01 ? 14  PHE A CZ  1 
ATOM   115  N N   . SER A 1 15  ? 7.850   -12.985 4.486   1.00 27.89 ? 15  SER A N   1 
ATOM   116  C CA  . SER A 1 15  ? 9.133   -12.379 4.166   1.00 27.96 ? 15  SER A CA  1 
ATOM   117  C C   . SER A 1 15  ? 9.430   -12.363 2.671   1.00 26.72 ? 15  SER A C   1 
ATOM   118  O O   . SER A 1 15  ? 9.954   -11.378 2.160   1.00 26.37 ? 15  SER A O   1 
ATOM   119  C CB  . SER A 1 15  ? 10.266  -13.075 4.929   1.00 28.61 ? 15  SER A CB  1 
ATOM   120  O OG  . SER A 1 15  ? 10.293  -14.463 4.653   1.00 30.15 ? 15  SER A OG  1 
ATOM   121  N N   . THR A 1 16  ? 9.118   -13.442 1.966   1.00 25.60 ? 16  THR A N   1 
ATOM   122  C CA  . THR A 1 16  ? 9.435   -13.487 0.541   1.00 25.87 ? 16  THR A CA  1 
ATOM   123  C C   . THR A 1 16  ? 8.697   -12.409 -0.251  1.00 25.00 ? 16  THR A C   1 
ATOM   124  O O   . THR A 1 16  ? 9.288   -11.747 -1.100  1.00 25.14 ? 16  THR A O   1 
ATOM   125  C CB  . THR A 1 16  ? 9.134   -14.854 -0.039  1.00 26.27 ? 16  THR A CB  1 
ATOM   126  O OG1 . THR A 1 16  ? 9.910   -15.846 0.650   1.00 28.30 ? 16  THR A OG1 1 
ATOM   127  C CG2 . THR A 1 16  ? 9.617   -14.936 -1.466  1.00 26.46 ? 16  THR A CG2 1 
ATOM   128  N N   . MET A 1 17  ? 7.410   -12.230 0.026   1.00 24.59 ? 17  MET A N   1 
ATOM   129  C CA  . MET A 1 17  ? 6.646   -11.195 -0.664  1.00 24.73 ? 17  MET A CA  1 
ATOM   130  C C   . MET A 1 17  ? 7.236   -9.818  -0.352  1.00 24.46 ? 17  MET A C   1 
ATOM   131  O O   . MET A 1 17  ? 7.345   -8.975  -1.241  1.00 24.31 ? 17  MET A O   1 
ATOM   132  C CB  . MET A 1 17  ? 5.166   -11.281 -0.288  1.00 24.99 ? 17  MET A CB  1 
ATOM   133  C CG  . MET A 1 17  ? 4.280   -10.288 -1.023  1.00 25.49 ? 17  MET A CG  1 
ATOM   134  S SD  . MET A 1 17  ? 4.378   -10.463 -2.814  1.00 27.60 ? 17  MET A SD  1 
ATOM   135  C CE  . MET A 1 17  ? 3.182   -9.237  -3.340  1.00 28.20 ? 17  MET A CE  1 
ATOM   136  N N   . ARG A 1 18  ? 7.627   -9.586  0.901   1.00 24.55 ? 18  ARG A N   1 
ATOM   137  C CA  . ARG A 1 18  ? 8.235   -8.303  1.260   1.00 24.90 ? 18  ARG A CA  1 
ATOM   138  C C   . ARG A 1 18  ? 9.490   -8.069  0.420   1.00 25.39 ? 18  ARG A C   1 
ATOM   139  O O   . ARG A 1 18  ? 9.699   -6.985  -0.120  1.00 24.52 ? 18  ARG A O   1 
ATOM   140  C CB  . ARG A 1 18  ? 8.606   -8.237  2.739   1.00 25.41 ? 18  ARG A CB  1 
ATOM   141  C CG  . ARG A 1 18  ? 7.452   -8.275  3.702   1.00 26.50 ? 18  ARG A CG  1 
ATOM   142  C CD  . ARG A 1 18  ? 7.810   -7.733  5.074   1.00 26.86 ? 18  ARG A CD  1 
ATOM   143  N NE  . ARG A 1 18  ? 8.988   -8.376  5.655   1.00 28.83 ? 18  ARG A NE  1 
ATOM   144  C CZ  . ARG A 1 18  ? 8.953   -9.466  6.411   1.00 27.99 ? 18  ARG A CZ  1 
ATOM   145  N NH1 . ARG A 1 18  ? 7.802   -10.059 6.686   1.00 27.46 ? 18  ARG A NH1 1 
ATOM   146  N NH2 . ARG A 1 18  ? 10.078  -9.964  6.899   1.00 28.57 ? 18  ARG A NH2 1 
ATOM   147  N N   . ARG A 1 19  ? 10.336  -9.089  0.326   1.00 25.50 ? 19  ARG A N   1 
ATOM   148  C CA  . ARG A 1 19  ? 11.543  -8.983  -0.476  1.00 26.36 ? 19  ARG A CA  1 
ATOM   149  C C   . ARG A 1 19  ? 11.195  -8.702  -1.931  1.00 25.03 ? 19  ARG A C   1 
ATOM   150  O O   . ARG A 1 19  ? 11.844  -7.883  -2.582  1.00 26.00 ? 19  ARG A O   1 
ATOM   151  C CB  . ARG A 1 19  ? 12.384  -10.260 -0.383  1.00 27.42 ? 19  ARG A CB  1 
ATOM   152  C CG  . ARG A 1 19  ? 13.537  -10.303 -1.386  1.00 31.75 ? 19  ARG A CG  1 
ATOM   153  C CD  . ARG A 1 19  ? 14.376  -11.574 -1.331  1.00 38.65 ? 19  ARG A CD  1 
ATOM   154  N NE  . ARG A 1 19  ? 14.589  -12.046 0.031   1.00 43.11 ? 19  ARG A NE  1 
ATOM   155  C CZ  . ARG A 1 19  ? 15.559  -11.617 0.825   1.00 48.02 ? 19  ARG A CZ  1 
ATOM   156  N NH1 . ARG A 1 19  ? 16.417  -10.695 0.404   1.00 50.72 ? 19  ARG A NH1 1 
ATOM   157  N NH2 . ARG A 1 19  ? 15.667  -12.112 2.047   1.00 50.63 ? 19  ARG A NH2 1 
ATOM   158  N N   . ILE A 1 20  ? 10.180  -9.390  -2.445  1.00 23.66 ? 20  ILE A N   1 
ATOM   159  C CA  . ILE A 1 20  ? 9.794   -9.213  -3.838  1.00 23.78 ? 20  ILE A CA  1 
ATOM   160  C C   . ILE A 1 20  ? 9.365   -7.769  -4.091  1.00 23.12 ? 20  ILE A C   1 
ATOM   161  O O   . ILE A 1 20  ? 9.793   -7.148  -5.059  1.00 22.26 ? 20  ILE A O   1 
ATOM   162  C CB  . ILE A 1 20  ? 8.687   -10.204 -4.233  1.00 23.72 ? 20  ILE A CB  1 
ATOM   163  C CG1 . ILE A 1 20  ? 9.288   -11.598 -4.409  1.00 25.06 ? 20  ILE A CG1 1 
ATOM   164  C CG2 . ILE A 1 20  ? 8.036   -9.790  -5.540  1.00 24.36 ? 20  ILE A CG2 1 
ATOM   165  C CD1 . ILE A 1 20  ? 8.264   -12.678 -4.655  1.00 26.95 ? 20  ILE A CD1 1 
ATOM   166  N N   . VAL A 1 21  ? 8.526   -7.236  -3.212  1.00 22.46 ? 21  VAL A N   1 
ATOM   167  C CA  . VAL A 1 21  ? 8.035   -5.871  -3.367  1.00 21.94 ? 21  VAL A CA  1 
ATOM   168  C C   . VAL A 1 21  ? 9.180   -4.870  -3.239  1.00 22.53 ? 21  VAL A C   1 
ATOM   169  O O   . VAL A 1 21  ? 9.258   -3.911  -4.002  1.00 21.48 ? 21  VAL A O   1 
ATOM   170  C CB  . VAL A 1 21  ? 6.921   -5.561  -2.363  1.00 21.74 ? 21  VAL A CB  1 
ATOM   171  C CG1 . VAL A 1 21  ? 6.451   -4.110  -2.499  1.00 22.51 ? 21  VAL A CG1 1 
ATOM   172  C CG2 . VAL A 1 21  ? 5.762   -6.503  -2.590  1.00 22.56 ? 21  VAL A CG2 1 
ATOM   173  N N   . ARG A 1 22  ? 10.075  -5.112  -2.287  1.00 23.99 ? 22  ARG A N   1 
ATOM   174  C CA  . ARG A 1 22  ? 11.233  -4.252  -2.085  1.00 25.37 ? 22  ARG A CA  1 
ATOM   175  C C   . ARG A 1 22  ? 12.089  -4.247  -3.352  1.00 25.66 ? 22  ARG A C   1 
ATOM   176  O O   . ARG A 1 22  ? 12.590  -3.202  -3.777  1.00 24.63 ? 22  ARG A O   1 
ATOM   177  C CB  . ARG A 1 22  ? 12.048  -4.743  -0.885  1.00 26.20 ? 22  ARG A CB  1 
ATOM   178  C CG  . ARG A 1 22  ? 13.236  -3.871  -0.505  1.00 29.45 ? 22  ARG A CG  1 
ATOM   179  C CD  . ARG A 1 22  ? 13.880  -4.287  0.824   1.00 34.79 ? 22  ARG A CD  1 
ATOM   180  N NE  . ARG A 1 22  ? 14.806  -3.285  1.347   1.00 39.97 ? 22  ARG A NE  1 
ATOM   181  C CZ  . ARG A 1 22  ? 15.446  -3.386  2.508   1.00 45.93 ? 22  ARG A CZ  1 
ATOM   182  N NH1 . ARG A 1 22  ? 15.267  -4.451  3.280   1.00 47.85 ? 22  ARG A NH1 1 
ATOM   183  N NH2 . ARG A 1 22  ? 16.271  -2.425  2.903   1.00 48.32 ? 22  ARG A NH2 1 
ATOM   184  N N   . ASN A 1 23  ? 12.250  -5.426  -3.950  1.00 25.19 ? 23  ASN A N   1 
ATOM   185  C CA  . ASN A 1 23  ? 13.024  -5.566  -5.180  1.00 25.80 ? 23  ASN A CA  1 
ATOM   186  C C   . ASN A 1 23  ? 12.344  -4.866  -6.358  1.00 25.29 ? 23  ASN A C   1 
ATOM   187  O O   . ASN A 1 23  ? 13.019  -4.251  -7.179  1.00 25.39 ? 23  ASN A O   1 
ATOM   188  C CB  . ASN A 1 23  ? 13.235  -7.031  -5.521  1.00 26.15 ? 23  ASN A CB  1 
ATOM   189  C CG  . ASN A 1 23  ? 14.255  -7.689  -4.636  1.00 30.18 ? 23  ASN A CG  1 
ATOM   190  O OD1 . ASN A 1 23  ? 15.085  -7.025  -4.016  1.00 35.39 ? 23  ASN A OD1 1 
ATOM   191  N ND2 . ASN A 1 23  ? 14.204  -9.010  -4.571  1.00 34.15 ? 23  ASN A ND2 1 
ATOM   192  N N   . LEU A 1 24  ? 11.019  -4.952  -6.447  1.00 24.26 ? 24  LEU A N   1 
ATOM   193  C CA  . LEU A 1 24  ? 10.298  -4.246  -7.511  1.00 24.51 ? 24  LEU A CA  1 
ATOM   194  C C   . LEU A 1 24  ? 10.492  -2.740  -7.330  1.00 24.55 ? 24  LEU A C   1 
ATOM   195  O O   . LEU A 1 24  ? 10.768  -2.013  -8.286  1.00 25.32 ? 24  LEU A O   1 
ATOM   196  C CB  . LEU A 1 24  ? 8.809   -4.595  -7.521  1.00 24.45 ? 24  LEU A CB  1 
ATOM   197  C CG  . LEU A 1 24  ? 8.437   -6.040  -7.875  1.00 25.62 ? 24  LEU A CG  1 
ATOM   198  C CD1 . LEU A 1 24  ? 6.949   -6.237  -7.753  1.00 25.95 ? 24  LEU A CD1 1 
ATOM   199  C CD2 . LEU A 1 24  ? 8.898   -6.435  -9.272  1.00 26.64 ? 24  LEU A CD2 1 
ATOM   200  N N   . LEU A 1 25  ? 10.372  -2.276  -6.092  1.00 24.65 ? 25  LEU A N   1 
ATOM   201  C CA  . LEU A 1 25  ? 10.592  -0.868  -5.794  1.00 24.23 ? 25  LEU A CA  1 
ATOM   202  C C   . LEU A 1 25  ? 11.995  -0.451  -6.248  1.00 24.99 ? 25  LEU A C   1 
ATOM   203  O O   . LEU A 1 25  ? 12.172  0.584   -6.891  1.00 25.09 ? 25  LEU A O   1 
ATOM   204  C CB  . LEU A 1 25  ? 10.393  -0.601  -4.303  1.00 23.75 ? 25  LEU A CB  1 
ATOM   205  C CG  . LEU A 1 25  ? 8.921   -0.546  -3.868  1.00 22.72 ? 25  LEU A CG  1 
ATOM   206  C CD1 . LEU A 1 25  ? 8.806   -0.519  -2.363  1.00 23.46 ? 25  LEU A CD1 1 
ATOM   207  C CD2 . LEU A 1 25  ? 8.208   0.656   -4.484  1.00 23.44 ? 25  LEU A CD2 1 
ATOM   208  N N   . LYS A 1 26  ? 12.991  -1.267  -5.928  1.00 25.95 ? 26  LYS A N   1 
ATOM   209  C CA  . LYS A 1 26  ? 14.355  -0.961  -6.331  1.00 26.89 ? 26  LYS A CA  1 
ATOM   210  C C   . LYS A 1 26  ? 14.441  -0.874  -7.849  1.00 26.72 ? 26  LYS A C   1 
ATOM   211  O O   . LYS A 1 26  ? 15.107  0.001   -8.392  1.00 26.01 ? 26  LYS A O   1 
ATOM   212  C CB  . LYS A 1 26  ? 15.317  -2.021  -5.810  1.00 27.81 ? 26  LYS A CB  1 
ATOM   213  C CG  . LYS A 1 26  ? 16.766  -1.761  -6.149  1.00 30.83 ? 26  LYS A CG  1 
ATOM   214  C CD  . LYS A 1 26  ? 17.667  -2.800  -5.491  1.00 35.70 ? 26  LYS A CD  1 
ATOM   215  C CE  . LYS A 1 26  ? 19.118  -2.589  -5.882  1.00 39.61 ? 26  LYS A CE  1 
ATOM   216  N NZ  . LYS A 1 26  ? 20.066  -3.613  -5.323  1.00 43.25 ? 26  LYS A NZ  1 
ATOM   217  N N   . GLU A 1 27  ? 13.767  -1.793  -8.527  1.00 26.60 ? 27  GLU A N   1 
ATOM   218  C CA  . GLU A 1 27  ? 13.746  -1.802  -9.978  1.00 27.32 ? 27  GLU A CA  1 
ATOM   219  C C   . GLU A 1 27  ? 13.210  -0.479  -10.520 1.00 26.71 ? 27  GLU A C   1 
ATOM   220  O O   . GLU A 1 27  ? 13.622  -0.025  -11.588 1.00 26.52 ? 27  GLU A O   1 
ATOM   221  C CB  . GLU A 1 27  ? 12.888  -2.961  -10.468 1.00 28.24 ? 27  GLU A CB  1 
ATOM   222  C CG  . GLU A 1 27  ? 13.086  -3.275  -11.931 1.00 31.91 ? 27  GLU A CG  1 
ATOM   223  C CD  . GLU A 1 27  ? 12.256  -4.448  -12.390 1.00 33.47 ? 27  GLU A CD  1 
ATOM   224  O OE1 . GLU A 1 27  ? 12.048  -5.383  -11.585 1.00 34.06 ? 27  GLU A OE1 1 
ATOM   225  O OE2 . GLU A 1 27  ? 11.809  -4.415  -13.556 1.00 37.08 ? 27  GLU A OE2 1 
ATOM   226  N N   . LEU A 1 28  ? 12.298  0.143   -9.780  1.00 25.47 ? 28  LEU A N   1 
ATOM   227  C CA  . LEU A 1 28  ? 11.736  1.418   -10.203 1.00 24.45 ? 28  LEU A CA  1 
ATOM   228  C C   . LEU A 1 28  ? 12.553  2.619   -9.729  1.00 24.65 ? 28  LEU A C   1 
ATOM   229  O O   . LEU A 1 28  ? 12.158  3.755   -9.967  1.00 25.03 ? 28  LEU A O   1 
ATOM   230  C CB  . LEU A 1 28  ? 10.307  1.561   -9.688  1.00 24.48 ? 28  LEU A CB  1 
ATOM   231  C CG  . LEU A 1 28  ? 9.334   0.478   -10.160 1.00 23.85 ? 28  LEU A CG  1 
ATOM   232  C CD1 . LEU A 1 28  ? 7.953   0.706   -9.558  1.00 25.23 ? 28  LEU A CD1 1 
ATOM   233  C CD2 . LEU A 1 28  ? 9.241   0.465   -11.672 1.00 24.43 ? 28  LEU A CD2 1 
ATOM   234  N N   . GLY A 1 29  ? 13.656  2.379   -9.027  1.00 23.92 ? 29  GLY A N   1 
ATOM   235  C CA  . GLY A 1 29  ? 14.518  3.460   -8.567  1.00 24.84 ? 29  GLY A CA  1 
ATOM   236  C C   . GLY A 1 29  ? 14.268  3.930   -7.139  1.00 25.01 ? 29  GLY A C   1 
ATOM   237  O O   . GLY A 1 29  ? 14.878  4.908   -6.698  1.00 24.71 ? 29  GLY A O   1 
ATOM   238  N N   . PHE A 1 30  ? 13.366  3.252   -6.428  1.00 25.22 ? 30  PHE A N   1 
ATOM   239  C CA  . PHE A 1 30  ? 13.055  3.561   -5.030  1.00 25.28 ? 30  PHE A CA  1 
ATOM   240  C C   . PHE A 1 30  ? 13.869  2.633   -4.119  1.00 26.01 ? 30  PHE A C   1 
ATOM   241  O O   . PHE A 1 30  ? 13.495  1.481   -3.886  1.00 25.98 ? 30  PHE A O   1 
ATOM   242  C CB  . PHE A 1 30  ? 11.554  3.391   -4.747  1.00 25.46 ? 30  PHE A CB  1 
ATOM   243  C CG  . PHE A 1 30  ? 10.670  4.376   -5.477  1.00 24.58 ? 30  PHE A CG  1 
ATOM   244  C CD1 . PHE A 1 30  ? 10.711  5.726   -5.173  1.00 26.29 ? 30  PHE A CD1 1 
ATOM   245  C CD2 . PHE A 1 30  ? 9.779   3.942   -6.450  1.00 26.32 ? 30  PHE A CD2 1 
ATOM   246  C CE1 . PHE A 1 30  ? 9.892   6.632   -5.837  1.00 26.02 ? 30  PHE A CE1 1 
ATOM   247  C CE2 . PHE A 1 30  ? 8.958   4.844   -7.117  1.00 27.16 ? 30  PHE A CE2 1 
ATOM   248  C CZ  . PHE A 1 30  ? 9.014   6.191   -6.805  1.00 25.89 ? 30  PHE A CZ  1 
ATOM   249  N N   . ASN A 1 31  ? 14.981  3.153   -3.608  1.00 26.36 ? 31  ASN A N   1 
ATOM   250  C CA  . ASN A 1 31  ? 15.909  2.392   -2.774  1.00 27.13 ? 31  ASN A CA  1 
ATOM   251  C C   . ASN A 1 31  ? 15.676  2.511   -1.263  1.00 27.34 ? 31  ASN A C   1 
ATOM   252  O O   . ASN A 1 31  ? 16.165  1.690   -0.489  1.00 26.97 ? 31  ASN A O   1 
ATOM   253  C CB  . ASN A 1 31  ? 17.337  2.857   -3.084  1.00 26.85 ? 31  ASN A CB  1 
ATOM   254  C CG  . ASN A 1 31  ? 17.744  2.555   -4.504  1.00 28.77 ? 31  ASN A CG  1 
ATOM   255  O OD1 . ASN A 1 31  ? 18.067  1.412   -4.834  1.00 27.79 ? 31  ASN A OD1 1 
ATOM   256  N ND2 . ASN A 1 31  ? 17.706  3.570   -5.365  1.00 27.63 ? 31  ASN A ND2 1 
ATOM   257  N N   . ASN A 1 32  ? 14.957  3.546   -0.842  1.00 27.73 ? 32  ASN A N   1 
ATOM   258  C CA  . ASN A 1 32  ? 14.733  3.817   0.577   1.00 28.50 ? 32  ASN A CA  1 
ATOM   259  C C   . ASN A 1 32  ? 13.508  3.040   1.053   1.00 28.44 ? 32  ASN A C   1 
ATOM   260  O O   . ASN A 1 32  ? 12.399  3.572   1.093   1.00 27.57 ? 32  ASN A O   1 
ATOM   261  C CB  . ASN A 1 32  ? 14.542  5.323   0.758   1.00 29.12 ? 32  ASN A CB  1 
ATOM   262  C CG  . ASN A 1 32  ? 14.775  5.791   2.176   1.00 29.88 ? 32  ASN A CG  1 
ATOM   263  O OD1 . ASN A 1 32  ? 15.137  5.015   3.058   1.00 32.42 ? 32  ASN A OD1 1 
ATOM   264  N ND2 . ASN A 1 32  ? 14.578  7.085   2.398   1.00 29.11 ? 32  ASN A ND2 1 
ATOM   265  N N   . VAL A 1 33  ? 13.712  1.766   1.376   1.00 28.78 ? 33  VAL A N   1 
ATOM   266  C CA  . VAL A 1 33  ? 12.613  0.876   1.734   1.00 28.83 ? 33  VAL A CA  1 
ATOM   267  C C   . VAL A 1 33  ? 12.909  0.084   2.998   1.00 29.28 ? 33  VAL A C   1 
ATOM   268  O O   . VAL A 1 33  ? 13.994  -0.482  3.152   1.00 29.75 ? 33  VAL A O   1 
ATOM   269  C CB  . VAL A 1 33  ? 12.319  -0.127  0.592   1.00 28.74 ? 33  VAL A CB  1 
ATOM   270  C CG1 . VAL A 1 33  ? 11.113  -1.006  0.929   1.00 28.88 ? 33  VAL A CG1 1 
ATOM   271  C CG2 . VAL A 1 33  ? 12.096  0.614   -0.720  1.00 29.59 ? 33  VAL A CG2 1 
ATOM   272  N N   . GLU A 1 34  ? 11.937  0.060   3.903   1.00 28.43 ? 34  GLU A N   1 
ATOM   273  C CA  . GLU A 1 34  ? 12.037  -0.727  5.121   1.00 29.44 ? 34  GLU A CA  1 
ATOM   274  C C   . GLU A 1 34  ? 10.848  -1.668  5.164   1.00 28.27 ? 34  GLU A C   1 
ATOM   275  O O   . GLU A 1 34  ? 9.887   -1.478  4.420   1.00 27.61 ? 34  GLU A O   1 
ATOM   276  C CB  . GLU A 1 34  ? 12.093  0.183   6.337   1.00 29.97 ? 34  GLU A CB  1 
ATOM   277  C CG  . GLU A 1 34  ? 13.207  1.207   6.168   1.00 34.37 ? 34  GLU A CG  1 
ATOM   278  C CD  . GLU A 1 34  ? 13.498  2.009   7.412   1.00 38.83 ? 34  GLU A CD  1 
ATOM   279  O OE1 . GLU A 1 34  ? 12.906  1.688   8.462   1.00 41.60 ? 34  GLU A OE1 1 
ATOM   280  O OE2 . GLU A 1 34  ? 14.317  2.955   7.338   1.00 41.44 ? 34  GLU A OE2 1 
ATOM   281  N N   . GLU A 1 35  ? 10.927  -2.688  6.014   1.00 27.76 ? 35  GLU A N   1 
ATOM   282  C CA  . GLU A 1 35  ? 9.894   -3.718  6.103   1.00 27.73 ? 35  GLU A CA  1 
ATOM   283  C C   . GLU A 1 35  ? 9.277   -3.869  7.499   1.00 27.80 ? 35  GLU A C   1 
ATOM   284  O O   . GLU A 1 35  ? 9.910   -3.568  8.516   1.00 27.49 ? 35  GLU A O   1 
ATOM   285  C CB  . GLU A 1 35  ? 10.489  -5.071  5.701   1.00 28.19 ? 35  GLU A CB  1 
ATOM   286  C CG  . GLU A 1 35  ? 10.990  -5.138  4.265   1.00 29.30 ? 35  GLU A CG  1 
ATOM   287  C CD  . GLU A 1 35  ? 11.761  -6.410  3.976   1.00 30.47 ? 35  GLU A CD  1 
ATOM   288  O OE1 . GLU A 1 35  ? 11.383  -7.474  4.514   1.00 26.68 ? 35  GLU A OE1 1 
ATOM   289  O OE2 . GLU A 1 35  ? 12.749  -6.338  3.211   1.00 30.37 ? 35  GLU A OE2 1 
ATOM   290  N N   . ALA A 1 36  ? 8.046   -4.375  7.528   1.00 27.25 ? 36  ALA A N   1 
ATOM   291  C CA  . ALA A 1 36  ? 7.322   -4.655  8.766   1.00 27.24 ? 36  ALA A CA  1 
ATOM   292  C C   . ALA A 1 36  ? 6.551   -5.938  8.498   1.00 26.91 ? 36  ALA A C   1 
ATOM   293  O O   . ALA A 1 36  ? 6.140   -6.170  7.364   1.00 26.16 ? 36  ALA A O   1 
ATOM   294  C CB  . ALA A 1 36  ? 6.372   -3.508  9.124   1.00 27.41 ? 36  ALA A CB  1 
ATOM   295  N N   . GLU A 1 37  ? 6.352   -6.767  9.522   1.00 27.58 ? 37  GLU A N   1 
ATOM   296  C CA  . GLU A 1 37  ? 5.713   -8.076  9.340   1.00 28.43 ? 37  GLU A CA  1 
ATOM   297  C C   . GLU A 1 37  ? 4.215   -8.139  9.661   1.00 28.99 ? 37  GLU A C   1 
ATOM   298  O O   . GLU A 1 37  ? 3.577   -9.173  9.449   1.00 29.12 ? 37  GLU A O   1 
ATOM   299  C CB  . GLU A 1 37  ? 6.464   -9.136  10.149  1.00 29.60 ? 37  GLU A CB  1 
ATOM   300  C CG  . GLU A 1 37  ? 6.364   -8.972  11.654  1.00 31.27 ? 37  GLU A CG  1 
ATOM   301  C CD  . GLU A 1 37  ? 7.163   -10.030 12.397  1.00 36.23 ? 37  GLU A CD  1 
ATOM   302  O OE1 . GLU A 1 37  ? 8.234   -10.411 11.892  1.00 36.91 ? 37  GLU A OE1 1 
ATOM   303  O OE2 . GLU A 1 37  ? 6.726   -10.484 13.475  1.00 38.78 ? 37  GLU A OE2 1 
ATOM   304  N N   . ASP A 1 38  ? 3.666   -7.040  10.171  1.00 28.75 ? 38  ASP A N   1 
ATOM   305  C CA  . ASP A 1 38  ? 2.227   -6.913  10.405  1.00 28.56 ? 38  ASP A CA  1 
ATOM   306  C C   . ASP A 1 38  ? 1.919   -5.473  10.815  1.00 28.34 ? 38  ASP A C   1 
ATOM   307  O O   . ASP A 1 38  ? 2.823   -4.646  10.927  1.00 28.34 ? 38  ASP A O   1 
ATOM   308  C CB  . ASP A 1 38  ? 1.693   -7.918  11.441  1.00 28.82 ? 38  ASP A CB  1 
ATOM   309  C CG  . ASP A 1 38  ? 2.353   -7.788  12.805  1.00 28.62 ? 38  ASP A CG  1 
ATOM   310  O OD1 . ASP A 1 38  ? 2.518   -6.659  13.315  1.00 27.12 ? 38  ASP A OD1 1 
ATOM   311  O OD2 . ASP A 1 38  ? 2.729   -8.787  13.450  1.00 29.95 ? 38  ASP A OD2 1 
ATOM   312  N N   . GLY A 1 39  ? 0.643   -5.185  11.042  1.00 28.83 ? 39  GLY A N   1 
ATOM   313  C CA  . GLY A 1 39  ? 0.194   -3.847  11.380  1.00 29.01 ? 39  GLY A CA  1 
ATOM   314  C C   . GLY A 1 39  ? 0.820   -3.298  12.639  1.00 29.31 ? 39  GLY A C   1 
ATOM   315  O O   . GLY A 1 39  ? 1.127   -2.110  12.721  1.00 28.88 ? 39  GLY A O   1 
ATOM   316  N N   . VAL A 1 40  ? 1.022   -4.163  13.625  1.00 29.40 ? 40  VAL A N   1 
ATOM   317  C CA  . VAL A 1 40  ? 1.612   -3.727  14.882  1.00 29.67 ? 40  VAL A CA  1 
ATOM   318  C C   . VAL A 1 40  ? 3.069   -3.355  14.679  1.00 29.62 ? 40  VAL A C   1 
ATOM   319  O O   . VAL A 1 40  ? 3.519   -2.285  15.091  1.00 29.96 ? 40  VAL A O   1 
ATOM   320  C CB  . VAL A 1 40  ? 1.508   -4.809  15.968  1.00 30.29 ? 40  VAL A CB  1 
ATOM   321  C CG1 . VAL A 1 40  ? 2.175   -4.336  17.247  1.00 31.12 ? 40  VAL A CG1 1 
ATOM   322  C CG2 . VAL A 1 40  ? 0.050   -5.159  16.229  1.00 30.75 ? 40  VAL A CG2 1 
ATOM   323  N N   . ASP A 1 41  ? 3.807   -4.261  14.054  1.00 29.76 ? 41  ASP A N   1 
ATOM   324  C CA  . ASP A 1 41  ? 5.204   -4.023  13.760  1.00 29.49 ? 41  ASP A CA  1 
ATOM   325  C C   . ASP A 1 41  ? 5.313   -2.752  12.906  1.00 28.86 ? 41  ASP A C   1 
ATOM   326  O O   . ASP A 1 41  ? 6.215   -1.935  13.095  1.00 28.02 ? 41  ASP A O   1 
ATOM   327  C CB  . ASP A 1 41  ? 5.783   -5.245  13.036  1.00 29.75 ? 41  ASP A CB  1 
ATOM   328  C CG  . ASP A 1 41  ? 7.269   -5.142  12.795  1.00 31.01 ? 41  ASP A CG  1 
ATOM   329  O OD1 . ASP A 1 41  ? 7.990   -4.674  13.701  1.00 31.15 ? 41  ASP A OD1 1 
ATOM   330  O OD2 . ASP A 1 41  ? 7.804   -5.517  11.728  1.00 31.02 ? 41  ASP A OD2 1 
ATOM   331  N N   . ALA A 1 42  ? 4.385   -2.588  11.967  1.00 28.50 ? 42  ALA A N   1 
ATOM   332  C CA  . ALA A 1 42  ? 4.394   -1.425  11.081  1.00 28.68 ? 42  ALA A CA  1 
ATOM   333  C C   . ALA A 1 42  ? 4.259   -0.129  11.872  1.00 28.96 ? 42  ALA A C   1 
ATOM   334  O O   . ALA A 1 42  ? 5.068   0.788   11.732  1.00 28.07 ? 42  ALA A O   1 
ATOM   335  C CB  . ALA A 1 42  ? 3.284   -1.533  10.068  1.00 28.36 ? 42  ALA A CB  1 
ATOM   336  N N   . LEU A 1 43  ? 3.230   -0.056  12.706  1.00 30.47 ? 43  LEU A N   1 
ATOM   337  C CA  . LEU A 1 43  ? 3.000   1.140   13.512  1.00 31.90 ? 43  LEU A CA  1 
ATOM   338  C C   . LEU A 1 43  ? 4.192   1.457   14.401  1.00 33.27 ? 43  LEU A C   1 
ATOM   339  O O   . LEU A 1 43  ? 4.508   2.623   14.630  1.00 34.31 ? 43  LEU A O   1 
ATOM   340  C CB  . LEU A 1 43  ? 1.731   0.992   14.347  1.00 31.75 ? 43  LEU A CB  1 
ATOM   341  C CG  . LEU A 1 43  ? 0.455   1.021   13.503  1.00 31.68 ? 43  LEU A CG  1 
ATOM   342  C CD1 . LEU A 1 43  ? -0.735  0.482   14.266  1.00 32.40 ? 43  LEU A CD1 1 
ATOM   343  C CD2 . LEU A 1 43  ? 0.201   2.467   13.006  1.00 32.48 ? 43  LEU A CD2 1 
ATOM   344  N N   . ASN A 1 44  ? 4.856   0.416   14.892  1.00 34.47 ? 44  ASN A N   1 
ATOM   345  C CA  . ASN A 1 44  ? 6.033   0.586   15.721  1.00 35.30 ? 44  ASN A CA  1 
ATOM   346  C C   . ASN A 1 44  ? 7.161   1.248   14.929  1.00 35.43 ? 44  ASN A C   1 
ATOM   347  O O   . ASN A 1 44  ? 7.784   2.201   15.398  1.00 34.90 ? 44  ASN A O   1 
ATOM   348  C CB  . ASN A 1 44  ? 6.480   -0.777  16.267  1.00 36.45 ? 44  ASN A CB  1 
ATOM   349  C CG  . ASN A 1 44  ? 7.444   -0.649  17.421  1.00 40.20 ? 44  ASN A CG  1 
ATOM   350  O OD1 . ASN A 1 44  ? 8.407   -1.409  17.536  1.00 47.08 ? 44  ASN A OD1 1 
ATOM   351  N ND2 . ASN A 1 44  ? 7.194   0.324   18.285  1.00 42.32 ? 44  ASN A ND2 1 
ATOM   352  N N   . LYS A 1 45  ? 7.409   0.752   13.722  1.00 34.74 ? 45  LYS A N   1 
ATOM   353  C CA  . LYS A 1 45  ? 8.477   1.295   12.887  1.00 34.45 ? 45  LYS A CA  1 
ATOM   354  C C   . LYS A 1 45  ? 8.151   2.696   12.371  1.00 33.31 ? 45  LYS A C   1 
ATOM   355  O O   . LYS A 1 45  ? 9.047   3.522   12.170  1.00 32.70 ? 45  LYS A O   1 
ATOM   356  C CB  . LYS A 1 45  ? 8.783   0.332   11.740  1.00 34.88 ? 45  LYS A CB  1 
ATOM   357  C CG  . LYS A 1 45  ? 9.408   -0.966  12.266  1.00 38.04 ? 45  LYS A CG  1 
ATOM   358  C CD  . LYS A 1 45  ? 9.669   -2.007  11.215  1.00 41.71 ? 45  LYS A CD  1 
ATOM   359  C CE  . LYS A 1 45  ? 10.332  -3.233  11.849  1.00 44.47 ? 45  LYS A CE  1 
ATOM   360  N NZ  . LYS A 1 45  ? 10.519  -4.358  10.891  1.00 46.82 ? 45  LYS A NZ  1 
ATOM   361  N N   . LEU A 1 46  ? 6.867   2.966   12.168  1.00 32.49 ? 46  LEU A N   1 
ATOM   362  C CA  . LEU A 1 46  ? 6.437   4.270   11.682  1.00 32.49 ? 46  LEU A CA  1 
ATOM   363  C C   . LEU A 1 46  ? 6.787   5.353   12.697  1.00 33.19 ? 46  LEU A C   1 
ATOM   364  O O   . LEU A 1 46  ? 6.942   6.518   12.343  1.00 33.17 ? 46  LEU A O   1 
ATOM   365  C CB  . LEU A 1 46  ? 4.936   4.275   11.382  1.00 31.96 ? 46  LEU A CB  1 
ATOM   366  C CG  . LEU A 1 46  ? 4.531   3.587   10.069  1.00 31.32 ? 46  LEU A CG  1 
ATOM   367  C CD1 . LEU A 1 46  ? 3.027   3.480   9.946   1.00 29.96 ? 46  LEU A CD1 1 
ATOM   368  C CD2 . LEU A 1 46  ? 5.105   4.327   8.869   1.00 32.80 ? 46  LEU A CD2 1 
ATOM   369  N N   . GLN A 1 47  ? 6.932   4.963   13.958  1.00 33.96 ? 47  GLN A N   1 
ATOM   370  C CA  . GLN A 1 47  ? 7.248   5.918   15.013  1.00 35.03 ? 47  GLN A CA  1 
ATOM   371  C C   . GLN A 1 47  ? 8.624   6.554   14.817  1.00 35.62 ? 47  GLN A C   1 
ATOM   372  O O   . GLN A 1 47  ? 8.886   7.629   15.348  1.00 36.17 ? 47  GLN A O   1 
ATOM   373  C CB  . GLN A 1 47  ? 7.189   5.237   16.380  1.00 35.09 ? 47  GLN A CB  1 
ATOM   374  C CG  . GLN A 1 47  ? 5.783   4.961   16.886  1.00 35.72 ? 47  GLN A CG  1 
ATOM   375  C CD  . GLN A 1 47  ? 5.793   4.294   18.244  1.00 37.68 ? 47  GLN A CD  1 
ATOM   376  O OE1 . GLN A 1 47  ? 6.644   4.600   19.079  1.00 39.61 ? 47  GLN A OE1 1 
ATOM   377  N NE2 . GLN A 1 47  ? 4.868   3.371   18.465  1.00 37.62 ? 47  GLN A NE2 1 
ATOM   378  N N   . ALA A 1 48  ? 9.505   5.887   14.076  1.00 36.09 ? 48  ALA A N   1 
ATOM   379  C CA  . ALA A 1 48  ? 10.831  6.435   13.796  1.00 36.19 ? 48  ALA A CA  1 
ATOM   380  C C   . ALA A 1 48  ? 10.718  7.703   12.954  1.00 36.34 ? 48  ALA A C   1 
ATOM   381  O O   . ALA A 1 48  ? 11.656  8.495   12.885  1.00 36.60 ? 48  ALA A O   1 
ATOM   382  C CB  . ALA A 1 48  ? 11.698  5.408   13.087  1.00 36.43 ? 48  ALA A CB  1 
ATOM   383  N N   . GLY A 1 49  ? 9.568   7.878   12.307  1.00 35.68 ? 49  GLY A N   1 
ATOM   384  C CA  . GLY A 1 49  ? 9.319   9.032   11.465  1.00 35.34 ? 49  GLY A CA  1 
ATOM   385  C C   . GLY A 1 49  ? 10.017  8.975   10.117  1.00 34.63 ? 49  GLY A C   1 
ATOM   386  O O   . GLY A 1 49  ? 10.841  8.100   9.849   1.00 34.91 ? 49  GLY A O   1 
ATOM   387  N N   . GLY A 1 50  ? 9.664   9.920   9.255   1.00 33.37 ? 50  GLY A N   1 
ATOM   388  C CA  . GLY A 1 50  ? 10.290  10.036  7.952   1.00 32.72 ? 50  GLY A CA  1 
ATOM   389  C C   . GLY A 1 50  ? 9.663   9.226   6.838   1.00 31.19 ? 50  GLY A C   1 
ATOM   390  O O   . GLY A 1 50  ? 10.031  9.401   5.677   1.00 31.36 ? 50  GLY A O   1 
ATOM   391  N N   . PHE A 1 51  ? 8.725   8.343   7.165   1.00 30.06 ? 51  PHE A N   1 
ATOM   392  C CA  . PHE A 1 51  ? 8.103   7.502   6.141   1.00 29.38 ? 51  PHE A CA  1 
ATOM   393  C C   . PHE A 1 51  ? 7.181   8.300   5.227   1.00 28.47 ? 51  PHE A C   1 
ATOM   394  O O   . PHE A 1 51  ? 6.427   9.151   5.689   1.00 28.57 ? 51  PHE A O   1 
ATOM   395  C CB  . PHE A 1 51  ? 7.377   6.323   6.776   1.00 28.83 ? 51  PHE A CB  1 
ATOM   396  C CG  . PHE A 1 51  ? 8.302   5.227   7.186   1.00 29.51 ? 51  PHE A CG  1 
ATOM   397  C CD1 . PHE A 1 51  ? 8.874   5.218   8.449   1.00 29.79 ? 51  PHE A CD1 1 
ATOM   398  C CD2 . PHE A 1 51  ? 8.647   4.230   6.290   1.00 27.55 ? 51  PHE A CD2 1 
ATOM   399  C CE1 . PHE A 1 51  ? 9.748   4.219   8.818   1.00 29.27 ? 51  PHE A CE1 1 
ATOM   400  C CE2 . PHE A 1 51  ? 9.518   3.234   6.654   1.00 28.99 ? 51  PHE A CE2 1 
ATOM   401  C CZ  . PHE A 1 51  ? 10.068  3.224   7.920   1.00 29.31 ? 51  PHE A CZ  1 
ATOM   402  N N   . GLY A 1 52  ? 7.251   8.022   3.927   1.00 26.82 ? 52  GLY A N   1 
ATOM   403  C CA  . GLY A 1 52  ? 6.437   8.740   2.958   1.00 25.92 ? 52  GLY A CA  1 
ATOM   404  C C   . GLY A 1 52  ? 5.489   7.905   2.125   1.00 24.58 ? 52  GLY A C   1 
ATOM   405  O O   . GLY A 1 52  ? 4.729   8.450   1.331   1.00 24.45 ? 52  GLY A O   1 
ATOM   406  N N   . PHE A 1 53  ? 5.502   6.593   2.302   1.00 23.81 ? 53  PHE A N   1 
ATOM   407  C CA  . PHE A 1 53  ? 4.626   5.738   1.519   1.00 23.83 ? 53  PHE A CA  1 
ATOM   408  C C   . PHE A 1 53  ? 4.515   4.366   2.171   1.00 23.57 ? 53  PHE A C   1 
ATOM   409  O O   . PHE A 1 53  ? 5.508   3.810   2.643   1.00 24.25 ? 53  PHE A O   1 
ATOM   410  C CB  . PHE A 1 53  ? 5.186   5.591   0.095   1.00 23.47 ? 53  PHE A CB  1 
ATOM   411  C CG  . PHE A 1 53  ? 4.145   5.268   -0.938  1.00 24.41 ? 53  PHE A CG  1 
ATOM   412  C CD1 . PHE A 1 53  ? 3.531   4.027   -0.965  1.00 24.61 ? 53  PHE A CD1 1 
ATOM   413  C CD2 . PHE A 1 53  ? 3.784   6.205   -1.885  1.00 23.77 ? 53  PHE A CD2 1 
ATOM   414  C CE1 . PHE A 1 53  ? 2.569   3.737   -1.914  1.00 23.44 ? 53  PHE A CE1 1 
ATOM   415  C CE2 . PHE A 1 53  ? 2.823   5.918   -2.835  1.00 23.71 ? 53  PHE A CE2 1 
ATOM   416  C CZ  . PHE A 1 53  ? 2.214   4.684   -2.846  1.00 24.41 ? 53  PHE A CZ  1 
ATOM   417  N N   . ILE A 1 54  ? 3.306   3.818   2.178   1.00 23.62 ? 54  ILE A N   1 
ATOM   418  C CA  . ILE A 1 54  ? 3.061   2.506   2.755   1.00 24.48 ? 54  ILE A CA  1 
ATOM   419  C C   . ILE A 1 54  ? 2.479   1.564   1.718   1.00 23.44 ? 54  ILE A C   1 
ATOM   420  O O   . ILE A 1 54  ? 1.569   1.933   0.978   1.00 23.34 ? 54  ILE A O   1 
ATOM   421  C CB  . ILE A 1 54  ? 2.043   2.590   3.905   1.00 24.70 ? 54  ILE A CB  1 
ATOM   422  C CG1 . ILE A 1 54  ? 2.450   3.642   4.931   1.00 27.17 ? 54  ILE A CG1 1 
ATOM   423  C CG2 . ILE A 1 54  ? 1.874   1.210   4.549   1.00 26.20 ? 54  ILE A CG2 1 
ATOM   424  C CD1 . ILE A 1 54  ? 3.683   3.316   5.663   1.00 30.27 ? 54  ILE A CD1 1 
ATOM   425  N N   . ILE A 1 55  ? 2.997   0.343   1.679   1.00 22.37 ? 55  ILE A N   1 
ATOM   426  C CA  . ILE A 1 55  ? 2.431   -0.707  0.846   1.00 22.52 ? 55  ILE A CA  1 
ATOM   427  C C   . ILE A 1 55  ? 2.138   -1.829  1.824   1.00 22.01 ? 55  ILE A C   1 
ATOM   428  O O   . ILE A 1 55  ? 3.048   -2.340  2.482   1.00 22.36 ? 55  ILE A O   1 
ATOM   429  C CB  . ILE A 1 55  ? 3.396   -1.194  -0.255  1.00 22.75 ? 55  ILE A CB  1 
ATOM   430  C CG1 . ILE A 1 55  ? 3.805   -0.043  -1.179  1.00 23.70 ? 55  ILE A CG1 1 
ATOM   431  C CG2 . ILE A 1 55  ? 2.734   -2.328  -1.065  1.00 21.80 ? 55  ILE A CG2 1 
ATOM   432  C CD1 . ILE A 1 55  ? 4.713   -0.470  -2.351  1.00 25.35 ? 55  ILE A CD1 1 
ATOM   433  N N   . SER A 1 56  ? 0.869   -2.192  1.950   1.00 22.52 ? 56  SER A N   1 
ATOM   434  C CA  . SER A 1 56  ? 0.482   -3.211  2.914   1.00 23.48 ? 56  SER A CA  1 
ATOM   435  C C   . SER A 1 56  ? -0.398  -4.310  2.361   1.00 23.23 ? 56  SER A C   1 
ATOM   436  O O   . SER A 1 56  ? -1.336  -4.074  1.594   1.00 23.08 ? 56  SER A O   1 
ATOM   437  C CB  . SER A 1 56  ? -0.250  -2.562  4.091   1.00 23.87 ? 56  SER A CB  1 
ATOM   438  O OG  . SER A 1 56  ? -0.689  -3.538  5.019   1.00 23.95 ? 56  SER A OG  1 
ATOM   439  N N   . ASP A 1 57  ? -0.110  -5.521  2.809   1.00 23.70 ? 57  ASP A N   1 
ATOM   440  C CA  . ASP A 1 57  ? -0.931  -6.652  2.457   1.00 24.54 ? 57  ASP A CA  1 
ATOM   441  C C   . ASP A 1 57  ? -2.239  -6.565  3.235   1.00 25.15 ? 57  ASP A C   1 
ATOM   442  O O   . ASP A 1 57  ? -2.305  -5.927  4.291   1.00 24.73 ? 57  ASP A O   1 
ATOM   443  C CB  . ASP A 1 57  ? -0.240  -7.961  2.782   1.00 24.33 ? 57  ASP A CB  1 
ATOM   444  C CG  . ASP A 1 57  ? -0.923  -9.125  2.128   1.00 25.14 ? 57  ASP A CG  1 
ATOM   445  O OD1 . ASP A 1 57  ? -0.843  -9.231  0.888   1.00 26.10 ? 57  ASP A OD1 1 
ATOM   446  O OD2 . ASP A 1 57  ? -1.604  -9.952  2.761   1.00 27.52 ? 57  ASP A OD2 1 
ATOM   447  N N   . TRP A 1 58  ? -3.263  -7.233  2.717   1.00 26.99 ? 58  TRP A N   1 
ATOM   448  C CA  . TRP A 1 58  ? -4.589  -7.231  3.328   1.00 29.14 ? 58  TRP A CA  1 
ATOM   449  C C   . TRP A 1 58  ? -4.694  -8.134  4.558   1.00 30.48 ? 58  TRP A C   1 
ATOM   450  O O   . TRP A 1 58  ? -5.296  -7.751  5.557   1.00 30.72 ? 58  TRP A O   1 
ATOM   451  C CB  . TRP A 1 58  ? -5.632  -7.668  2.298   1.00 29.45 ? 58  TRP A CB  1 
ATOM   452  C CG  . TRP A 1 58  ? -7.042  -7.300  2.664   1.00 32.07 ? 58  TRP A CG  1 
ATOM   453  C CD1 . TRP A 1 58  ? -7.974  -8.096  3.279   1.00 35.26 ? 58  TRP A CD1 1 
ATOM   454  C CD2 . TRP A 1 58  ? -7.686  -6.044  2.423   1.00 31.97 ? 58  TRP A CD2 1 
ATOM   455  N NE1 . TRP A 1 58  ? -9.153  -7.408  3.435   1.00 34.88 ? 58  TRP A NE1 1 
ATOM   456  C CE2 . TRP A 1 58  ? -9.002  -6.145  2.922   1.00 34.50 ? 58  TRP A CE2 1 
ATOM   457  C CE3 . TRP A 1 58  ? -7.284  -4.838  1.834   1.00 32.73 ? 58  TRP A CE3 1 
ATOM   458  C CZ2 . TRP A 1 58  ? -9.910  -5.091  2.851   1.00 33.04 ? 58  TRP A CZ2 1 
ATOM   459  C CZ3 . TRP A 1 58  ? -8.193  -3.789  1.768   1.00 33.78 ? 58  TRP A CZ3 1 
ATOM   460  C CH2 . TRP A 1 58  ? -9.488  -3.927  2.270   1.00 33.31 ? 58  TRP A CH2 1 
ATOM   461  N N   . ASN A 1 59  ? -4.121  -9.332  4.488   1.00 31.82 ? 59  ASN A N   1 
ATOM   462  C CA  . ASN A 1 59  ? -4.251  -10.299 5.584   1.00 32.12 ? 59  ASN A CA  1 
ATOM   463  C C   . ASN A 1 59  ? -2.965  -10.535 6.368   1.00 31.45 ? 59  ASN A C   1 
ATOM   464  O O   . ASN A 1 59  ? -1.991  -11.063 5.836   1.00 31.44 ? 59  ASN A O   1 
ATOM   465  C CB  . ASN A 1 59  ? -4.756  -11.632 5.039   1.00 33.02 ? 59  ASN A CB  1 
ATOM   466  C CG  . ASN A 1 59  ? -6.128  -11.523 4.417   1.00 36.27 ? 59  ASN A CG  1 
ATOM   467  O OD1 . ASN A 1 59  ? -7.045  -10.938 4.997   1.00 39.51 ? 59  ASN A OD1 1 
ATOM   468  N ND2 . ASN A 1 59  ? -6.284  -12.104 3.233   1.00 39.67 ? 59  ASN A ND2 1 
ATOM   469  N N   . MET A 1 60  ? -2.971  -10.138 7.635   1.00 30.70 ? 60  MET A N   1 
ATOM   470  C CA  . MET A 1 60  ? -1.810  -10.288 8.503   1.00 30.39 ? 60  MET A CA  1 
ATOM   471  C C   . MET A 1 60  ? -2.305  -10.506 9.927   1.00 31.26 ? 60  MET A C   1 
ATOM   472  O O   . MET A 1 60  ? -3.381  -10.029 10.284  1.00 30.45 ? 60  MET A O   1 
ATOM   473  C CB  . MET A 1 60  ? -0.934  -9.037  8.456   1.00 29.99 ? 60  MET A CB  1 
ATOM   474  C CG  . MET A 1 60  ? -0.501  -8.630  7.055   1.00 29.43 ? 60  MET A CG  1 
ATOM   475  S SD  . MET A 1 60  ? 0.533   -7.160  7.066   1.00 26.41 ? 60  MET A SD  1 
ATOM   476  C CE  . MET A 1 60  ? -0.711  -5.880  7.412   1.00 27.85 ? 60  MET A CE  1 
ATOM   477  N N   . PRO A 1 61  ? -1.541  -11.231 10.738  1.00 32.32 ? 61  PRO A N   1 
ATOM   478  C CA  . PRO A 1 61  ? -1.907  -11.451 12.140  1.00 32.70 ? 61  PRO A CA  1 
ATOM   479  C C   . PRO A 1 61  ? -1.628  -10.236 13.017  1.00 32.87 ? 61  PRO A C   1 
ATOM   480  O O   . PRO A 1 61  ? -0.855  -9.357  12.630  1.00 32.47 ? 61  PRO A O   1 
ATOM   481  C CB  . PRO A 1 61  ? -0.983  -12.601 12.550  1.00 32.83 ? 61  PRO A CB  1 
ATOM   482  C CG  . PRO A 1 61  ? 0.242   -12.355 11.733  1.00 33.50 ? 61  PRO A CG  1 
ATOM   483  C CD  . PRO A 1 61  ? -0.302  -11.947 10.386  1.00 32.52 ? 61  PRO A CD  1 
ATOM   484  N N   . ASN A 1 62  ? -2.263  -10.208 14.187  1.00 32.63 ? 62  ASN A N   1 
ATOM   485  C CA  . ASN A 1 62  ? -2.082  -9.145  15.174  1.00 32.82 ? 62  ASN A CA  1 
ATOM   486  C C   . ASN A 1 62  ? -2.817  -7.863  14.766  1.00 33.60 ? 62  ASN A C   1 
ATOM   487  O O   . ASN A 1 62  ? -3.525  -7.251  15.562  1.00 34.64 ? 62  ASN A O   1 
ATOM   488  C CB  . ASN A 1 62  ? -0.590  -8.911  15.437  1.00 33.16 ? 62  ASN A CB  1 
ATOM   489  C CG  . ASN A 1 62  ? 0.133   -10.191 15.873  1.00 35.29 ? 62  ASN A CG  1 
ATOM   490  O OD1 . ASN A 1 62  ? -0.330  -10.890 16.770  1.00 36.00 ? 62  ASN A OD1 1 
ATOM   491  N ND2 . ASN A 1 62  ? 1.258   -10.503 15.241  1.00 34.95 ? 62  ASN A ND2 1 
ATOM   492  N N   . MET A 1 63  ? -2.627  -7.457  13.525  1.00 32.10 ? 63  MET A N   1 
ATOM   493  C CA  . MET A 1 63  ? -3.325  -6.317  12.946  1.00 31.74 ? 63  MET A CA  1 
ATOM   494  C C   . MET A 1 63  ? -3.214  -6.436  11.442  1.00 30.08 ? 63  MET A C   1 
ATOM   495  O O   . MET A 1 63  ? -2.105  -6.498  10.916  1.00 29.30 ? 63  MET A O   1 
ATOM   496  C CB  . MET A 1 63  ? -2.708  -5.008  13.428  1.00 32.26 ? 63  MET A CB  1 
ATOM   497  C CG  . MET A 1 63  ? -3.474  -3.785  13.035  1.00 35.01 ? 63  MET A CG  1 
ATOM   498  S SD  . MET A 1 63  ? -2.719  -2.275  13.664  1.00 39.10 ? 63  MET A SD  1 
ATOM   499  C CE  . MET A 1 63  ? -3.043  -2.437  15.418  1.00 37.27 ? 63  MET A CE  1 
ATOM   500  N N   . ASP A 1 64  ? -4.341  -6.617  10.773  1.00 29.14 ? 64  ASP A N   1 
ATOM   501  C CA  . ASP A 1 64  ? -4.314  -6.798  9.332   1.00 28.39 ? 64  ASP A CA  1 
ATOM   502  C C   . ASP A 1 64  ? -4.195  -5.463  8.588   1.00 28.01 ? 64  ASP A C   1 
ATOM   503  O O   . ASP A 1 64  ? -4.026  -4.403  9.202   1.00 26.97 ? 64  ASP A O   1 
ATOM   504  C CB  . ASP A 1 64  ? -5.505  -7.616  8.845   1.00 28.58 ? 64  ASP A CB  1 
ATOM   505  C CG  . ASP A 1 64  ? -6.823  -6.942  9.085   1.00 29.80 ? 64  ASP A CG  1 
ATOM   506  O OD1 . ASP A 1 64  ? -6.882  -5.695  9.109   1.00 28.59 ? 64  ASP A OD1 1 
ATOM   507  O OD2 . ASP A 1 64  ? -7.866  -7.602  9.242   1.00 30.96 ? 64  ASP A OD2 1 
ATOM   508  N N   . GLY A 1 65  ? -4.244  -5.547  7.262   1.00 27.07 ? 65  GLY A N   1 
ATOM   509  C CA  . GLY A 1 65  ? -4.080  -4.401  6.383   1.00 26.68 ? 65  GLY A CA  1 
ATOM   510  C C   . GLY A 1 65  ? -5.143  -3.337  6.535   1.00 25.97 ? 65  GLY A C   1 
ATOM   511  O O   . GLY A 1 65  ? -4.826  -2.150  6.570   1.00 25.14 ? 65  GLY A O   1 
ATOM   512  N N   . LEU A 1 66  ? -6.402  -3.756  6.604   1.00 25.46 ? 66  LEU A N   1 
ATOM   513  C CA  . LEU A 1 66  ? -7.501  -2.816  6.754   1.00 26.55 ? 66  LEU A CA  1 
ATOM   514  C C   . LEU A 1 66  ? -7.394  -2.111  8.097   1.00 26.00 ? 66  LEU A C   1 
ATOM   515  O O   . LEU A 1 66  ? -7.612  -0.906  8.200   1.00 25.92 ? 66  LEU A O   1 
ATOM   516  C CB  . LEU A 1 66  ? -8.842  -3.531  6.625   1.00 26.86 ? 66  LEU A CB  1 
ATOM   517  C CG  . LEU A 1 66  ? -10.068 -2.621  6.630   1.00 28.16 ? 66  LEU A CG  1 
ATOM   518  C CD1 . LEU A 1 66  ? -9.960  -1.595  5.520   1.00 29.24 ? 66  LEU A CD1 1 
ATOM   519  C CD2 . LEU A 1 66  ? -11.353 -3.460  6.514   1.00 29.82 ? 66  LEU A CD2 1 
ATOM   520  N N   . GLU A 1 67  ? -7.034  -2.863  9.127   1.00 25.06 ? 67  GLU A N   1 
ATOM   521  C CA  . GLU A 1 67  ? -6.907  -2.286  10.453  1.00 24.59 ? 67  GLU A CA  1 
ATOM   522  C C   . GLU A 1 67  ? -5.780  -1.259  10.454  1.00 24.00 ? 67  GLU A C   1 
ATOM   523  O O   . GLU A 1 67  ? -5.928  -0.164  10.997  1.00 23.83 ? 67  GLU A O   1 
ATOM   524  C CB  . GLU A 1 67  ? -6.698  -3.382  11.495  1.00 25.21 ? 67  GLU A CB  1 
ATOM   525  C CG  . GLU A 1 67  ? -7.872  -4.358  11.562  1.00 24.92 ? 67  GLU A CG  1 
ATOM   526  C CD  . GLU A 1 67  ? -7.622  -5.518  12.510  1.00 26.68 ? 67  GLU A CD  1 
ATOM   527  O OE1 . GLU A 1 67  ? -6.475  -6.017  12.574  1.00 23.34 ? 67  GLU A OE1 1 
ATOM   528  O OE2 . GLU A 1 67  ? -8.579  -5.920  13.200  1.00 26.33 ? 67  GLU A OE2 1 
ATOM   529  N N   . LEU A 1 68  ? -4.668  -1.601  9.813   1.00 22.77 ? 68  LEU A N   1 
ATOM   530  C CA  . LEU A 1 68  ? -3.531  -0.694  9.719   1.00 22.41 ? 68  LEU A CA  1 
ATOM   531  C C   . LEU A 1 68  ? -3.915  0.585   8.965   1.00 21.73 ? 68  LEU A C   1 
ATOM   532  O O   . LEU A 1 68  ? -3.612  1.700   9.398   1.00 21.27 ? 68  LEU A O   1 
ATOM   533  C CB  . LEU A 1 68  ? -2.362  -1.396  9.020   1.00 22.50 ? 68  LEU A CB  1 
ATOM   534  C CG  . LEU A 1 68  ? -1.159  -0.501  8.709   1.00 23.84 ? 68  LEU A CG  1 
ATOM   535  C CD1 . LEU A 1 68  ? -0.635  0.166   9.961   1.00 25.52 ? 68  LEU A CD1 1 
ATOM   536  C CD2 . LEU A 1 68  ? -0.061  -1.301  8.028   1.00 24.54 ? 68  LEU A CD2 1 
ATOM   537  N N   . LEU A 1 69  ? -4.577  0.409   7.826   1.00 21.69 ? 69  LEU A N   1 
ATOM   538  C CA  . LEU A 1 69  ? -4.998  1.528   6.986   1.00 21.61 ? 69  LEU A CA  1 
ATOM   539  C C   . LEU A 1 69  ? -5.891  2.512   7.753   1.00 21.44 ? 69  LEU A C   1 
ATOM   540  O O   . LEU A 1 69  ? -5.671  3.724   7.720   1.00 21.32 ? 69  LEU A O   1 
ATOM   541  C CB  . LEU A 1 69  ? -5.732  0.998   5.755   1.00 21.27 ? 69  LEU A CB  1 
ATOM   542  C CG  . LEU A 1 69  ? -6.450  2.036   4.885   1.00 22.36 ? 69  LEU A CG  1 
ATOM   543  C CD1 . LEU A 1 69  ? -5.501  3.107   4.372   1.00 22.51 ? 69  LEU A CD1 1 
ATOM   544  C CD2 . LEU A 1 69  ? -7.126  1.340   3.718   1.00 23.36 ? 69  LEU A CD2 1 
ATOM   545  N N   . LYS A 1 70  ? -6.892  1.992   8.452   1.00 21.37 ? 70  LYS A N   1 
ATOM   546  C CA  . LYS A 1 70  ? -7.792  2.849   9.216   1.00 22.36 ? 70  LYS A CA  1 
ATOM   547  C C   . LYS A 1 70  ? -7.037  3.599   10.315  1.00 22.76 ? 70  LYS A C   1 
ATOM   548  O O   . LYS A 1 70  ? -7.296  4.779   10.561  1.00 22.30 ? 70  LYS A O   1 
ATOM   549  C CB  . LYS A 1 70  ? -8.938  2.035   9.806   1.00 22.56 ? 70  LYS A CB  1 
ATOM   550  C CG  . LYS A 1 70  ? -9.921  1.540   8.764   1.00 23.23 ? 70  LYS A CG  1 
ATOM   551  C CD  . LYS A 1 70  ? -11.086 0.818   9.418   1.00 26.33 ? 70  LYS A CD  1 
ATOM   552  C CE  . LYS A 1 70  ? -12.087 0.314   8.403   1.00 27.80 ? 70  LYS A CE  1 
ATOM   553  N NZ  . LYS A 1 70  ? -13.292 -0.267  9.068   1.00 29.92 ? 70  LYS A NZ  1 
ATOM   554  N N   . THR A 1 71  ? -6.111  2.907   10.977  1.00 22.09 ? 71  THR A N   1 
ATOM   555  C CA  . THR A 1 71  ? -5.310  3.520   12.037  1.00 22.65 ? 71  THR A CA  1 
ATOM   556  C C   . THR A 1 71  ? -4.483  4.672   11.481  1.00 23.06 ? 71  THR A C   1 
ATOM   557  O O   . THR A 1 71  ? -4.462  5.761   12.051  1.00 23.14 ? 71  THR A O   1 
ATOM   558  C CB  . THR A 1 71  ? -4.378  2.489   12.672  1.00 22.31 ? 71  THR A CB  1 
ATOM   559  O OG1 . THR A 1 71  ? -5.148  1.491   13.359  1.00 23.67 ? 71  THR A OG1 1 
ATOM   560  C CG2 . THR A 1 71  ? -3.513  3.106   13.771  1.00 22.72 ? 71  THR A CG2 1 
ATOM   561  N N   . ILE A 1 72  ? -3.801  4.435   10.365  1.00 22.72 ? 72  ILE A N   1 
ATOM   562  C CA  . ILE A 1 72  ? -3.021  5.489   9.725   1.00 23.55 ? 72  ILE A CA  1 
ATOM   563  C C   . ILE A 1 72  ? -3.926  6.674   9.356   1.00 23.13 ? 72  ILE A C   1 
ATOM   564  O O   . ILE A 1 72  ? -3.614  7.823   9.656   1.00 23.71 ? 72  ILE A O   1 
ATOM   565  C CB  . ILE A 1 72  ? -2.305  4.953   8.471   1.00 23.60 ? 72  ILE A CB  1 
ATOM   566  C CG1 . ILE A 1 72  ? -1.234  3.938   8.872   1.00 25.07 ? 72  ILE A CG1 1 
ATOM   567  C CG2 . ILE A 1 72  ? -1.690  6.106   7.680   1.00 24.55 ? 72  ILE A CG2 1 
ATOM   568  C CD1 . ILE A 1 72  ? -0.625  3.180   7.707   1.00 27.79 ? 72  ILE A CD1 1 
ATOM   569  N N   . ARG A 1 73  ? -5.049  6.388   8.706   1.00 23.17 ? 73  ARG A N   1 
ATOM   570  C CA  . ARG A 1 73  ? -5.964  7.440   8.265   1.00 23.75 ? 73  ARG A CA  1 
ATOM   571  C C   . ARG A 1 73  ? -6.540  8.257   9.417   1.00 24.92 ? 73  ARG A C   1 
ATOM   572  O O   . ARG A 1 73  ? -6.840  9.434   9.246   1.00 24.65 ? 73  ARG A O   1 
ATOM   573  C CB  . ARG A 1 73  ? -7.103  6.864   7.427   1.00 23.35 ? 73  ARG A CB  1 
ATOM   574  C CG  . ARG A 1 73  ? -6.662  6.441   6.020   1.00 23.64 ? 73  ARG A CG  1 
ATOM   575  C CD  . ARG A 1 73  ? -6.574  7.585   4.984   1.00 23.52 ? 73  ARG A CD  1 
ATOM   576  N NE  . ARG A 1 73  ? -5.886  7.154   3.766   1.00 23.29 ? 73  ARG A NE  1 
ATOM   577  C CZ  . ARG A 1 73  ? -4.579  7.246   3.578   1.00 21.47 ? 73  ARG A CZ  1 
ATOM   578  N NH1 . ARG A 1 73  ? -3.804  7.782   4.509   1.00 20.80 ? 73  ARG A NH1 1 
ATOM   579  N NH2 . ARG A 1 73  ? -4.039  6.810   2.449   1.00 25.98 ? 73  ARG A NH2 1 
ATOM   580  N N   . ALA A 1 74  ? -6.702  7.645   10.584  1.00 25.27 ? 74  ALA A N   1 
ATOM   581  C CA  . ALA A 1 74  ? -7.276  8.369   11.719  1.00 26.14 ? 74  ALA A CA  1 
ATOM   582  C C   . ALA A 1 74  ? -6.209  8.965   12.648  1.00 27.00 ? 74  ALA A C   1 
ATOM   583  O O   . ALA A 1 74  ? -6.540  9.609   13.649  1.00 26.62 ? 74  ALA A O   1 
ATOM   584  C CB  . ALA A 1 74  ? -8.221  7.460   12.495  1.00 26.10 ? 74  ALA A CB  1 
ATOM   585  N N   . ASP A 1 75  ? -4.938  8.737   12.312  1.00 27.72 ? 75  ASP A N   1 
ATOM   586  C CA  . ASP A 1 75  ? -3.808  9.201   13.115  1.00 29.14 ? 75  ASP A CA  1 
ATOM   587  C C   . ASP A 1 75  ? -3.531  10.673  12.858  1.00 30.33 ? 75  ASP A C   1 
ATOM   588  O O   . ASP A 1 75  ? -3.548  11.117  11.716  1.00 30.71 ? 75  ASP A O   1 
ATOM   589  C CB  . ASP A 1 75  ? -2.552  8.397   12.778  1.00 29.32 ? 75  ASP A CB  1 
ATOM   590  C CG  . ASP A 1 75  ? -1.357  8.784   13.638  1.00 29.67 ? 75  ASP A CG  1 
ATOM   591  O OD1 . ASP A 1 75  ? -0.597  9.709   13.270  1.00 29.54 ? 75  ASP A OD1 1 
ATOM   592  O OD2 . ASP A 1 75  ? -1.095  8.199   14.704  1.00 27.33 ? 75  ASP A OD2 1 
ATOM   593  N N   . SER A 1 76  ? -3.238  11.423  13.913  1.00 30.84 ? 76  SER A N   1 
ATOM   594  C CA  . SER A 1 76  ? -3.015  12.860  13.780  1.00 31.64 ? 76  SER A CA  1 
ATOM   595  C C   . SER A 1 76  ? -1.859  13.223  12.852  1.00 31.58 ? 76  SER A C   1 
ATOM   596  O O   . SER A 1 76  ? -1.975  14.150  12.055  1.00 32.80 ? 76  SER A O   1 
ATOM   597  C CB  . SER A 1 76  ? -2.798  13.501  15.156  1.00 31.48 ? 76  SER A CB  1 
ATOM   598  O OG  . SER A 1 76  ? -1.640  12.997  15.808  1.00 31.39 ? 76  SER A OG  1 
ATOM   599  N N   . ALA A 1 77  ? -0.749  12.501  12.957  1.00 31.41 ? 77  ALA A N   1 
ATOM   600  C CA  . ALA A 1 77  ? 0.445   12.818  12.167  1.00 31.77 ? 77  ALA A CA  1 
ATOM   601  C C   . ALA A 1 77  ? 0.522   12.174  10.778  1.00 32.05 ? 77  ALA A C   1 
ATOM   602  O O   . ALA A 1 77  ? 1.121   12.757  9.878   1.00 32.61 ? 77  ALA A O   1 
ATOM   603  C CB  . ALA A 1 77  ? 1.703   12.458  12.960  1.00 31.81 ? 77  ALA A CB  1 
ATOM   604  N N   . MET A 1 78  ? -0.048  10.989  10.582  1.00 31.42 ? 78  MET A N   1 
ATOM   605  C CA  . MET A 1 78  ? 0.093   10.337  9.270   1.00 31.21 ? 78  MET A CA  1 
ATOM   606  C C   . MET A 1 78  ? -1.197  10.112  8.476   1.00 29.69 ? 78  MET A C   1 
ATOM   607  O O   . MET A 1 78  ? -1.208  9.324   7.531   1.00 28.87 ? 78  MET A O   1 
ATOM   608  C CB  . MET A 1 78  ? 0.865   9.023   9.412   1.00 32.29 ? 78  MET A CB  1 
ATOM   609  C CG  . MET A 1 78  ? 1.390   8.765   10.837  1.00 34.49 ? 78  MET A CG  1 
ATOM   610  S SD  . MET A 1 78  ? 2.061   7.106   11.073  1.00 36.16 ? 78  MET A SD  1 
ATOM   611  C CE  . MET A 1 78  ? 0.724   6.321   11.973  1.00 37.57 ? 78  MET A CE  1 
ATOM   612  N N   . SER A 1 79  ? -2.254  10.847  8.811   1.00 28.17 ? 79  SER A N   1 
ATOM   613  C CA  . SER A 1 79  ? -3.556  10.672  8.161   1.00 27.16 ? 79  SER A CA  1 
ATOM   614  C C   . SER A 1 79  ? -3.538  10.811  6.637   1.00 26.63 ? 79  SER A C   1 
ATOM   615  O O   . SER A 1 79  ? -4.406  10.271  5.961   1.00 26.26 ? 79  SER A O   1 
ATOM   616  C CB  . SER A 1 79  ? -4.571  11.661  8.736   1.00 27.55 ? 79  SER A CB  1 
ATOM   617  O OG  . SER A 1 79  ? -4.191  12.993  8.456   1.00 26.85 ? 79  SER A OG  1 
ATOM   618  N N   . ALA A 1 80  ? -2.573  11.541  6.096   1.00 26.58 ? 80  ALA A N   1 
ATOM   619  C CA  . ALA A 1 80  ? -2.504  11.742  4.653   1.00 26.69 ? 80  ALA A CA  1 
ATOM   620  C C   . ALA A 1 80  ? -1.455  10.867  3.963   1.00 26.81 ? 80  ALA A C   1 
ATOM   621  O O   . ALA A 1 80  ? -1.231  11.012  2.765   1.00 26.36 ? 80  ALA A O   1 
ATOM   622  C CB  . ALA A 1 80  ? -2.240  13.219  4.348   1.00 27.58 ? 80  ALA A CB  1 
ATOM   623  N N   . LEU A 1 81  ? -0.808  9.971   4.705   1.00 26.23 ? 81  LEU A N   1 
ATOM   624  C CA  . LEU A 1 81  ? 0.209   9.101   4.115   1.00 26.67 ? 81  LEU A CA  1 
ATOM   625  C C   . LEU A 1 81  ? -0.377  8.264   2.984   1.00 25.15 ? 81  LEU A C   1 
ATOM   626  O O   . LEU A 1 81  ? -1.453  7.693   3.129   1.00 24.53 ? 81  LEU A O   1 
ATOM   627  C CB  . LEU A 1 81  ? 0.789   8.146   5.168   1.00 27.36 ? 81  LEU A CB  1 
ATOM   628  C CG  . LEU A 1 81  ? 2.114   8.475   5.845   1.00 31.68 ? 81  LEU A CG  1 
ATOM   629  C CD1 . LEU A 1 81  ? 2.462   7.354   6.831   1.00 34.37 ? 81  LEU A CD1 1 
ATOM   630  C CD2 . LEU A 1 81  ? 3.219   8.628   4.826   1.00 35.13 ? 81  LEU A CD2 1 
ATOM   631  N N   . PRO A 1 82  ? 0.313   8.180   1.854   1.00 24.67 ? 82  PRO A N   1 
ATOM   632  C CA  . PRO A 1 82  ? -0.146  7.304   0.779   1.00 24.25 ? 82  PRO A CA  1 
ATOM   633  C C   . PRO A 1 82  ? -0.098  5.856   1.244   1.00 23.60 ? 82  PRO A C   1 
ATOM   634  O O   . PRO A 1 82  ? 0.884   5.454   1.872   1.00 23.79 ? 82  PRO A O   1 
ATOM   635  C CB  . PRO A 1 82  ? 0.878   7.550   -0.336  1.00 24.59 ? 82  PRO A CB  1 
ATOM   636  C CG  . PRO A 1 82  ? 1.455   8.880   -0.028  1.00 25.73 ? 82  PRO A CG  1 
ATOM   637  C CD  . PRO A 1 82  ? 1.529   8.916   1.477   1.00 25.12 ? 82  PRO A CD  1 
ATOM   638  N N   . VAL A 1 83  ? -1.150  5.093   0.970   1.00 23.32 ? 83  VAL A N   1 
ATOM   639  C CA  . VAL A 1 83  ? -1.182  3.683   1.334   1.00 23.23 ? 83  VAL A CA  1 
ATOM   640  C C   . VAL A 1 83  ? -1.699  2.866   0.164   1.00 22.99 ? 83  VAL A C   1 
ATOM   641  O O   . VAL A 1 83  ? -2.817  3.068   -0.305  1.00 22.55 ? 83  VAL A O   1 
ATOM   642  C CB  . VAL A 1 83  ? -2.094  3.402   2.534   1.00 23.03 ? 83  VAL A CB  1 
ATOM   643  C CG1 . VAL A 1 83  ? -2.073  1.920   2.858   1.00 23.86 ? 83  VAL A CG1 1 
ATOM   644  C CG2 . VAL A 1 83  ? -1.663  4.205   3.736   1.00 23.23 ? 83  VAL A CG2 1 
ATOM   645  N N   . LEU A 1 84  ? -0.866  1.951   -0.313  1.00 22.79 ? 84  LEU A N   1 
ATOM   646  C CA  . LEU A 1 84  ? -1.252  1.058   -1.390  1.00 22.37 ? 84  LEU A CA  1 
ATOM   647  C C   . LEU A 1 84  ? -1.583  -0.283  -0.782  1.00 22.25 ? 84  LEU A C   1 
ATOM   648  O O   . LEU A 1 84  ? -0.737  -0.906  -0.143  1.00 22.60 ? 84  LEU A O   1 
ATOM   649  C CB  . LEU A 1 84  ? -0.114  0.896   -2.411  1.00 23.02 ? 84  LEU A CB  1 
ATOM   650  C CG  . LEU A 1 84  ? -0.285  -0.194  -3.480  1.00 22.48 ? 84  LEU A CG  1 
ATOM   651  C CD1 . LEU A 1 84  ? -1.525  0.055   -4.303  1.00 23.79 ? 84  LEU A CD1 1 
ATOM   652  C CD2 . LEU A 1 84  ? 0.956   -0.269  -4.386  1.00 23.09 ? 84  LEU A CD2 1 
ATOM   653  N N   . MET A 1 85  ? -2.813  -0.729  -0.982  1.00 22.42 ? 85  MET A N   1 
ATOM   654  C CA  . MET A 1 85  ? -3.242  -2.002  -0.434  1.00 22.52 ? 85  MET A CA  1 
ATOM   655  C C   . MET A 1 85  ? -3.076  -3.126  -1.452  1.00 22.47 ? 85  MET A C   1 
ATOM   656  O O   . MET A 1 85  ? -3.397  -2.973  -2.633  1.00 22.44 ? 85  MET A O   1 
ATOM   657  C CB  . MET A 1 85  ? -4.701  -1.923  0.022   1.00 22.17 ? 85  MET A CB  1 
ATOM   658  C CG  . MET A 1 85  ? -4.951  -0.935  1.158   1.00 22.38 ? 85  MET A CG  1 
ATOM   659  S SD  . MET A 1 85  ? -3.941  -1.170  2.622   1.00 24.76 ? 85  MET A SD  1 
ATOM   660  C CE  . MET A 1 85  ? -4.388  -2.853  3.093   1.00 25.05 ? 85  MET A CE  1 
ATOM   661  N N   . VAL A 1 86  ? -2.603  -4.266  -0.957  1.00 23.15 ? 86  VAL A N   1 
ATOM   662  C CA  . VAL A 1 86  ? -2.389  -5.453  -1.763  1.00 23.14 ? 86  VAL A CA  1 
ATOM   663  C C   . VAL A 1 86  ? -3.297  -6.587  -1.285  1.00 23.74 ? 86  VAL A C   1 
ATOM   664  O O   . VAL A 1 86  ? -3.373  -6.880  -0.094  1.00 24.12 ? 86  VAL A O   1 
ATOM   665  C CB  . VAL A 1 86  ? -0.924  -5.907  -1.668  1.00 22.79 ? 86  VAL A CB  1 
ATOM   666  C CG1 . VAL A 1 86  ? -0.696  -7.115  -2.548  1.00 23.37 ? 86  VAL A CG1 1 
ATOM   667  C CG2 . VAL A 1 86  ? 0.007   -4.779  -2.066  1.00 22.61 ? 86  VAL A CG2 1 
ATOM   668  N N   . THR A 1 87  ? -4.011  -7.209  -2.213  1.00 24.62 ? 87  THR A N   1 
ATOM   669  C CA  . THR A 1 87  ? -4.855  -8.343  -1.860  1.00 25.76 ? 87  THR A CA  1 
ATOM   670  C C   . THR A 1 87  ? -4.572  -9.498  -2.801  1.00 26.51 ? 87  THR A C   1 
ATOM   671  O O   . THR A 1 87  ? -3.927  -9.335  -3.843  1.00 25.43 ? 87  THR A O   1 
ATOM   672  C CB  . THR A 1 87  ? -6.331  -7.983  -1.918  1.00 25.42 ? 87  THR A CB  1 
ATOM   673  O OG1 A THR A 1 87  ? -6.682  -7.583  -3.251  0.50 24.97 ? 87  THR A OG1 1 
ATOM   674  O OG1 B THR A 1 87  ? -7.140  -9.070  -1.448  0.50 26.44 ? 87  THR A OG1 1 
ATOM   675  C CG2 A THR A 1 87  ? -6.617  -6.890  -0.896  0.50 25.89 ? 87  THR A CG2 1 
ATOM   676  C CG2 B THR A 1 87  ? -6.756  -7.651  -3.348  0.50 25.74 ? 87  THR A CG2 1 
ATOM   677  N N   . ALA A 1 88  ? -5.072  -10.667 -2.425  1.00 28.35 ? 88  ALA A N   1 
ATOM   678  C CA  . ALA A 1 88  ? -4.875  -11.868 -3.223  1.00 29.66 ? 88  ALA A CA  1 
ATOM   679  C C   . ALA A 1 88  ? -5.929  -12.003 -4.309  1.00 30.97 ? 88  ALA A C   1 
ATOM   680  O O   . ALA A 1 88  ? -5.749  -12.764 -5.260  1.00 29.95 ? 88  ALA A O   1 
ATOM   681  C CB  . ALA A 1 88  ? -4.875  -13.100 -2.326  1.00 30.45 ? 88  ALA A CB  1 
ATOM   682  N N   . GLU A 1 89  ? -7.027  -11.267 -4.174  1.00 31.81 ? 89  GLU A N   1 
ATOM   683  C CA  . GLU A 1 89  ? -8.108  -11.358 -5.149  1.00 33.29 ? 89  GLU A CA  1 
ATOM   684  C C   . GLU A 1 89  ? -8.985  -10.114 -5.143  1.00 33.73 ? 89  GLU A C   1 
ATOM   685  O O   . GLU A 1 89  ? -9.353  -9.602  -4.088  1.00 33.80 ? 89  GLU A O   1 
ATOM   686  C CB  . GLU A 1 89  ? -8.965  -12.604 -4.868  1.00 34.15 ? 89  GLU A CB  1 
ATOM   687  C CG  . GLU A 1 89  ? -9.993  -12.913 -5.950  1.00 35.62 ? 89  GLU A CG  1 
ATOM   688  C CD  . GLU A 1 89  ? -10.904 -14.079 -5.594  1.00 38.76 ? 89  GLU A CD  1 
ATOM   689  O OE1 . GLU A 1 89  ? -10.631 -14.798 -4.606  1.00 40.43 ? 89  GLU A OE1 1 
ATOM   690  O OE2 . GLU A 1 89  ? -11.912 -14.272 -6.302  1.00 42.03 ? 89  GLU A OE2 1 
ATOM   691  N N   . ALA A 1 90  ? -9.324  -9.637  -6.334  1.00 34.64 ? 90  ALA A N   1 
ATOM   692  C CA  . ALA A 1 90  ? -10.167 -8.464  -6.473  1.00 35.59 ? 90  ALA A CA  1 
ATOM   693  C C   . ALA A 1 90  ? -11.613 -8.875  -6.247  1.00 36.32 ? 90  ALA A C   1 
ATOM   694  O O   . ALA A 1 90  ? -12.181 -9.599  -7.056  1.00 37.42 ? 90  ALA A O   1 
ATOM   695  C CB  . ALA A 1 90  ? -10.007 -7.876  -7.844  1.00 35.90 ? 90  ALA A CB  1 
ATOM   696  N N   . LYS A 1 91  ? -12.185 -8.449  -5.126  1.00 36.31 ? 91  LYS A N   1 
ATOM   697  C CA  . LYS A 1 91  ? -13.573 -8.741  -4.795  1.00 36.84 ? 91  LYS A CA  1 
ATOM   698  C C   . LYS A 1 91  ? -14.271 -7.422  -4.517  1.00 36.33 ? 91  LYS A C   1 
ATOM   699  O O   . LYS A 1 91  ? -13.687 -6.526  -3.907  1.00 34.81 ? 91  LYS A O   1 
ATOM   700  C CB  . LYS A 1 91  ? -13.672 -9.617  -3.545  1.00 37.43 ? 91  LYS A CB  1 
ATOM   701  C CG  . LYS A 1 91  ? -13.154 -11.035 -3.722  1.00 40.69 ? 91  LYS A CG  1 
ATOM   702  C CD  . LYS A 1 91  ? -13.210 -11.805 -2.418  1.00 44.40 ? 91  LYS A CD  1 
ATOM   703  C CE  . LYS A 1 91  ? -12.781 -13.251 -2.597  1.00 47.79 ? 91  LYS A CE  1 
ATOM   704  N NZ  . LYS A 1 91  ? -12.787 -14.007 -1.307  1.00 50.41 ? 91  LYS A NZ  1 
ATOM   705  N N   . LYS A 1 92  ? -15.521 -7.306  -4.946  1.00 35.90 ? 92  LYS A N   1 
ATOM   706  C CA  . LYS A 1 92  ? -16.282 -6.085  -4.726  1.00 36.39 ? 92  LYS A CA  1 
ATOM   707  C C   . LYS A 1 92  ? -16.239 -5.662  -3.259  1.00 35.86 ? 92  LYS A C   1 
ATOM   708  O O   . LYS A 1 92  ? -15.991 -4.497  -2.947  1.00 35.31 ? 92  LYS A O   1 
ATOM   709  C CB  . LYS A 1 92  ? -17.732 -6.271  -5.182  1.00 36.71 ? 92  LYS A CB  1 
ATOM   710  C CG  . LYS A 1 92  ? -18.643 -5.100  -4.826  1.00 39.01 ? 92  LYS A CG  1 
ATOM   711  C CD  . LYS A 1 92  ? -20.076 -5.319  -5.290  1.00 40.56 ? 92  LYS A CD  1 
ATOM   712  C CE  . LYS A 1 92  ? -20.983 -4.158  -4.884  1.00 40.38 ? 92  LYS A CE  1 
ATOM   713  N NZ  . LYS A 1 92  ? -21.240 -4.112  -3.414  1.00 40.83 ? 92  LYS A NZ  1 
ATOM   714  N N   . GLU A 1 93  ? -16.462 -6.618  -2.366  1.00 35.66 ? 93  GLU A N   1 
ATOM   715  C CA  . GLU A 1 93  ? -16.506 -6.344  -0.934  1.00 36.54 ? 93  GLU A CA  1 
ATOM   716  C C   . GLU A 1 93  ? -15.191 -5.756  -0.404  1.00 35.38 ? 93  GLU A C   1 
ATOM   717  O O   . GLU A 1 93  ? -15.202 -4.780  0.348   1.00 34.26 ? 93  GLU A O   1 
ATOM   718  C CB  . GLU A 1 93  ? -16.854 -7.627  -0.173  1.00 37.89 ? 93  GLU A CB  1 
ATOM   719  C CG  . GLU A 1 93  ? -17.155 -7.416  1.303   1.00 42.69 ? 93  GLU A CG  1 
ATOM   720  C CD  . GLU A 1 93  ? -17.495 -8.706  2.034   1.00 48.57 ? 93  GLU A CD  1 
ATOM   721  O OE1 . GLU A 1 93  ? -17.482 -9.786  1.401   1.00 53.01 ? 93  GLU A OE1 1 
ATOM   722  O OE2 . GLU A 1 93  ? -17.771 -8.640  3.253   1.00 53.57 ? 93  GLU A OE2 1 
ATOM   723  N N   . ASN A 1 94  ? -14.061 -6.341  -0.792  1.00 33.95 ? 94  ASN A N   1 
ATOM   724  C CA  . ASN A 1 94  ? -12.766 -5.864  -0.315  1.00 33.81 ? 94  ASN A CA  1 
ATOM   725  C C   . ASN A 1 94  ? -12.379 -4.540  -0.974  1.00 32.29 ? 94  ASN A C   1 
ATOM   726  O O   . ASN A 1 94  ? -11.732 -3.706  -0.346  1.00 31.20 ? 94  ASN A O   1 
ATOM   727  C CB  . ASN A 1 94  ? -11.680 -6.912  -0.550  1.00 35.05 ? 94  ASN A CB  1 
ATOM   728  C CG  . ASN A 1 94  ? -11.257 -6.998  -1.999  1.00 38.26 ? 94  ASN A CG  1 
ATOM   729  O OD1 . ASN A 1 94  ? -11.237 -5.994  -2.712  1.00 44.13 ? 94  ASN A OD1 1 
ATOM   730  N ND2 . ASN A 1 94  ? -10.913 -8.200  -2.446  1.00 45.42 ? 94  ASN A ND2 1 
ATOM   731  N N   . ILE A 1 95  ? -12.760 -4.352  -2.236  1.00 30.87 ? 95  ILE A N   1 
ATOM   732  C CA  . ILE A 1 95  ? -12.467 -3.109  -2.944  1.00 30.94 ? 95  ILE A CA  1 
ATOM   733  C C   . ILE A 1 95  ? -13.227 -1.970  -2.282  1.00 30.81 ? 95  ILE A C   1 
ATOM   734  O O   . ILE A 1 95  ? -12.660 -0.911  -2.009  1.00 30.41 ? 95  ILE A O   1 
ATOM   735  C CB  . ILE A 1 95  ? -12.850 -3.210  -4.432  1.00 30.88 ? 95  ILE A CB  1 
ATOM   736  C CG1 . ILE A 1 95  ? -11.911 -4.180  -5.146  1.00 30.98 ? 95  ILE A CG1 1 
ATOM   737  C CG2 . ILE A 1 95  ? -12.791 -1.832  -5.095  1.00 30.78 ? 95  ILE A CG2 1 
ATOM   738  C CD1 . ILE A 1 95  ? -12.317 -4.499  -6.572  1.00 30.43 ? 95  ILE A CD1 1 
ATOM   739  N N   . ILE A 1 96  ? -14.513 -2.196  -2.020  1.00 30.38 ? 96  ILE A N   1 
ATOM   740  C CA  . ILE A 1 96  ? -15.346 -1.184  -1.372  1.00 30.33 ? 96  ILE A CA  1 
ATOM   741  C C   . ILE A 1 96  ? -14.855 -0.930  0.061   1.00 29.16 ? 96  ILE A C   1 
ATOM   742  O O   . ILE A 1 96  ? -14.893 0.202   0.547   1.00 28.92 ? 96  ILE A O   1 
ATOM   743  C CB  . ILE A 1 96  ? -16.851 -1.579  -1.418  1.00 31.20 ? 96  ILE A CB  1 
ATOM   744  C CG1 . ILE A 1 96  ? -17.353 -1.545  -2.867  1.00 32.70 ? 96  ILE A CG1 1 
ATOM   745  C CG2 . ILE A 1 96  ? -17.687 -0.621  -0.557  1.00 32.52 ? 96  ILE A CG2 1 
ATOM   746  C CD1 . ILE A 1 96  ? -18.763 -2.100  -3.076  1.00 35.60 ? 96  ILE A CD1 1 
ATOM   747  N N   . ALA A 1 97  ? -14.366 -1.969  0.731   1.00 27.72 ? 97  ALA A N   1 
ATOM   748  C CA  . ALA A 1 97  ? -13.845 -1.797  2.084   1.00 26.80 ? 97  ALA A CA  1 
ATOM   749  C C   . ALA A 1 97  ? -12.589 -0.921  2.047   1.00 26.06 ? 97  ALA A C   1 
ATOM   750  O O   . ALA A 1 97  ? -12.377 -0.071  2.911   1.00 26.00 ? 97  ALA A O   1 
ATOM   751  C CB  . ALA A 1 97  ? -13.563 -3.150  2.741   1.00 27.47 ? 97  ALA A CB  1 
ATOM   752  N N   . ALA A 1 98  ? -11.762 -1.116  1.029   1.00 25.12 ? 98  ALA A N   1 
ATOM   753  C CA  . ALA A 1 98  ? -10.549 -0.330  0.883   1.00 24.78 ? 98  ALA A CA  1 
ATOM   754  C C   . ALA A 1 98  ? -10.908 1.124   0.560   1.00 24.08 ? 98  ALA A C   1 
ATOM   755  O O   . ALA A 1 98  ? -10.300 2.059   1.081   1.00 23.79 ? 98  ALA A O   1 
ATOM   756  C CB  . ALA A 1 98  ? -9.674  -0.919  -0.202  1.00 25.06 ? 98  ALA A CB  1 
ATOM   757  N N   . ALA A 1 99  ? -11.916 1.309   -0.287  1.00 23.57 ? 99  ALA A N   1 
ATOM   758  C CA  . ALA A 1 99  ? -12.365 2.650   -0.647  1.00 24.12 ? 99  ALA A CA  1 
ATOM   759  C C   . ALA A 1 99  ? -12.874 3.413   0.580   1.00 24.15 ? 99  ALA A C   1 
ATOM   760  O O   . ALA A 1 99  ? -12.491 4.563   0.812   1.00 23.61 ? 99  ALA A O   1 
ATOM   761  C CB  . ALA A 1 99  ? -13.441 2.578   -1.709  1.00 24.12 ? 99  ALA A CB  1 
ATOM   762  N N   . GLN A 1 100 ? -13.742 2.774   1.359   1.00 24.19 ? 100 GLN A N   1 
ATOM   763  C CA  . GLN A 1 100 ? -14.300 3.411   2.554   1.00 24.80 ? 100 GLN A CA  1 
ATOM   764  C C   . GLN A 1 100 ? -13.223 3.804   3.575   1.00 24.70 ? 100 GLN A C   1 
ATOM   765  O O   . GLN A 1 100 ? -13.382 4.791   4.287   1.00 23.99 ? 100 GLN A O   1 
ATOM   766  C CB  . GLN A 1 100 ? -15.339 2.504   3.233   1.00 25.19 ? 100 GLN A CB  1 
ATOM   767  C CG  . GLN A 1 100 ? -16.569 2.227   2.391   1.00 26.34 ? 100 GLN A CG  1 
ATOM   768  C CD  . GLN A 1 100 ? -17.527 1.222   3.028   1.00 28.73 ? 100 GLN A CD  1 
ATOM   769  O OE1 . GLN A 1 100 ? -18.388 1.590   3.827   1.00 28.11 ? 100 GLN A OE1 1 
ATOM   770  N NE2 . GLN A 1 100 ? -17.386 -0.046  2.658   1.00 31.98 ? 100 GLN A NE2 1 
ATOM   771  N N   . ALA A 1 101 ? -12.132 3.041   3.639   1.00 24.58 ? 101 ALA A N   1 
ATOM   772  C CA  . ALA A 1 101 ? -11.080 3.269   4.628   1.00 23.84 ? 101 ALA A CA  1 
ATOM   773  C C   . ALA A 1 101 ? -10.034 4.270   4.139   1.00 23.87 ? 101 ALA A C   1 
ATOM   774  O O   . ALA A 1 101 ? -9.132  4.628   4.892   1.00 24.13 ? 101 ALA A O   1 
ATOM   775  C CB  . ALA A 1 101 ? -10.407 1.952   4.993   1.00 24.17 ? 101 ALA A CB  1 
ATOM   776  N N   . GLY A 1 102 ? -10.101 4.669   2.870   1.00 22.50 ? 102 GLY A N   1 
ATOM   777  C CA  . GLY A 1 102 ? -9.160  5.640   2.335   1.00 22.57 ? 102 GLY A CA  1 
ATOM   778  C C   . GLY A 1 102 ? -7.902  5.092   1.673   1.00 22.35 ? 102 GLY A C   1 
ATOM   779  O O   . GLY A 1 102 ? -6.897  5.795   1.585   1.00 21.64 ? 102 GLY A O   1 
ATOM   780  N N   . ALA A 1 103 ? -7.931  3.855   1.197   1.00 22.42 ? 103 ALA A N   1 
ATOM   781  C CA  . ALA A 1 103 ? -6.765  3.324   0.493   1.00 22.49 ? 103 ALA A CA  1 
ATOM   782  C C   . ALA A 1 103 ? -6.413  4.276   -0.646  1.00 22.71 ? 103 ALA A C   1 
ATOM   783  O O   . ALA A 1 103 ? -7.299  4.715   -1.371  1.00 22.74 ? 103 ALA A O   1 
ATOM   784  C CB  . ALA A 1 103 ? -7.060  1.959   -0.055  1.00 22.87 ? 103 ALA A CB  1 
ATOM   785  N N   . SER A 1 104 ? -5.133  4.597   -0.811  1.00 23.09 ? 104 SER A N   1 
ATOM   786  C CA  . SER A 1 104 ? -4.711  5.462   -1.917  1.00 23.13 ? 104 SER A CA  1 
ATOM   787  C C   . SER A 1 104 ? -4.744  4.681   -3.244  1.00 24.31 ? 104 SER A C   1 
ATOM   788  O O   . SER A 1 104 ? -5.083  5.221   -4.307  1.00 23.40 ? 104 SER A O   1 
ATOM   789  C CB  . SER A 1 104 ? -3.316  6.019   -1.656  1.00 23.07 ? 104 SER A CB  1 
ATOM   790  O OG  . SER A 1 104 ? -3.200  6.536   -0.339  1.00 20.90 ? 104 SER A OG  1 
ATOM   791  N N   . GLY A 1 105 ? -4.395  3.400   -3.161  1.00 24.79 ? 105 GLY A N   1 
ATOM   792  C CA  . GLY A 1 105 ? -4.376  2.516   -4.312  1.00 24.81 ? 105 GLY A CA  1 
ATOM   793  C C   . GLY A 1 105 ? -4.752  1.113   -3.875  1.00 24.93 ? 105 GLY A C   1 
ATOM   794  O O   . GLY A 1 105 ? -4.787  0.821   -2.676  1.00 24.51 ? 105 GLY A O   1 
ATOM   795  N N   . TYR A 1 106 ? -5.019  0.253   -4.852  1.00 25.12 ? 106 TYR A N   1 
ATOM   796  C CA  . TYR A 1 106 ? -5.452  -1.114  -4.619  1.00 25.46 ? 106 TYR A CA  1 
ATOM   797  C C   . TYR A 1 106 ? -4.838  -1.972  -5.719  1.00 25.82 ? 106 TYR A C   1 
ATOM   798  O O   . TYR A 1 106 ? -4.973  -1.649  -6.897  1.00 25.33 ? 106 TYR A O   1 
ATOM   799  C CB  . TYR A 1 106 ? -6.975  -1.183  -4.703  1.00 25.93 ? 106 TYR A CB  1 
ATOM   800  C CG  . TYR A 1 106 ? -7.560  -2.556  -4.479  1.00 27.10 ? 106 TYR A CG  1 
ATOM   801  C CD1 . TYR A 1 106 ? -7.627  -3.479  -5.506  1.00 29.21 ? 106 TYR A CD1 1 
ATOM   802  C CD2 . TYR A 1 106 ? -8.055  -2.922  -3.237  1.00 29.86 ? 106 TYR A CD2 1 
ATOM   803  C CE1 . TYR A 1 106 ? -8.167  -4.738  -5.297  1.00 30.32 ? 106 TYR A CE1 1 
ATOM   804  C CE2 . TYR A 1 106 ? -8.595  -4.167  -3.023  1.00 31.55 ? 106 TYR A CE2 1 
ATOM   805  C CZ  . TYR A 1 106 ? -8.649  -5.076  -4.048  1.00 31.18 ? 106 TYR A CZ  1 
ATOM   806  O OH  . TYR A 1 106 ? -9.198  -6.318  -3.811  1.00 31.30 ? 106 TYR A OH  1 
ATOM   807  N N   . VAL A 1 107 ? -4.152  -3.049  -5.354  1.00 25.01 ? 107 VAL A N   1 
ATOM   808  C CA  . VAL A 1 107 ? -3.529  -3.903  -6.368  1.00 24.91 ? 107 VAL A CA  1 
ATOM   809  C C   . VAL A 1 107 ? -3.586  -5.372  -5.959  1.00 24.61 ? 107 VAL A C   1 
ATOM   810  O O   . VAL A 1 107 ? -3.487  -5.693  -4.778  1.00 23.12 ? 107 VAL A O   1 
ATOM   811  C CB  . VAL A 1 107 ? -2.056  -3.494  -6.643  1.00 23.91 ? 107 VAL A CB  1 
ATOM   812  C CG1 . VAL A 1 107 ? -1.196  -3.686  -5.410  1.00 25.26 ? 107 VAL A CG1 1 
ATOM   813  C CG2 . VAL A 1 107 ? -1.479  -4.290  -7.823  1.00 24.83 ? 107 VAL A CG2 1 
ATOM   814  N N   . VAL A 1 108 ? -3.770  -6.248  -6.943  1.00 24.59 ? 108 VAL A N   1 
ATOM   815  C CA  . VAL A 1 108 ? -3.839  -7.684  -6.710  1.00 25.80 ? 108 VAL A CA  1 
ATOM   816  C C   . VAL A 1 108 ? -2.464  -8.308  -6.931  1.00 25.07 ? 108 VAL A C   1 
ATOM   817  O O   . VAL A 1 108 ? -1.810  -8.036  -7.934  1.00 25.49 ? 108 VAL A O   1 
ATOM   818  C CB  . VAL A 1 108 ? -4.851  -8.352  -7.663  1.00 26.61 ? 108 VAL A CB  1 
ATOM   819  C CG1 . VAL A 1 108 ? -4.860  -9.863  -7.462  1.00 28.20 ? 108 VAL A CG1 1 
ATOM   820  C CG2 . VAL A 1 108 ? -6.251  -7.784  -7.443  1.00 28.14 ? 108 VAL A CG2 1 
ATOM   821  N N   . LYS A 1 109 ? -2.016  -9.117  -5.977  1.00 25.06 ? 109 LYS A N   1 
ATOM   822  C CA  . LYS A 1 109 ? -0.746  -9.829  -6.108  1.00 25.34 ? 109 LYS A CA  1 
ATOM   823  C C   . LYS A 1 109 ? -1.025  -11.181 -6.758  1.00 25.58 ? 109 LYS A C   1 
ATOM   824  O O   . LYS A 1 109 ? -2.122  -11.706 -6.599  1.00 24.55 ? 109 LYS A O   1 
ATOM   825  C CB  . LYS A 1 109 ? -0.114  -10.066 -4.735  1.00 25.47 ? 109 LYS A CB  1 
ATOM   826  C CG  . LYS A 1 109 ? -0.973  -10.899 -3.774  1.00 27.44 ? 109 LYS A CG  1 
ATOM   827  C CD  . LYS A 1 109 ? -0.350  -11.007 -2.397  1.00 27.53 ? 109 LYS A CD  1 
ATOM   828  C CE  . LYS A 1 109 ? -1.259  -11.745 -1.420  1.00 28.30 ? 109 LYS A CE  1 
ATOM   829  N NZ  . LYS A 1 109 ? -0.717  -11.710 -0.028  1.00 26.94 ? 109 LYS A NZ  1 
ATOM   830  N N   . PRO A 1 110 ? -0.070  -11.738 -7.504  1.00 25.35 ? 110 PRO A N   1 
ATOM   831  C CA  . PRO A 1 110 ? 1.209   -11.091 -7.804  1.00 24.95 ? 110 PRO A CA  1 
ATOM   832  C C   . PRO A 1 110 ? 1.099   -10.028 -8.895  1.00 24.44 ? 110 PRO A C   1 
ATOM   833  O O   . PRO A 1 110 ? 0.227   -10.095 -9.763  1.00 24.08 ? 110 PRO A O   1 
ATOM   834  C CB  . PRO A 1 110 ? 2.058   -12.271 -8.291  1.00 25.40 ? 110 PRO A CB  1 
ATOM   835  C CG  . PRO A 1 110 ? 1.086   -13.103 -9.023  1.00 25.42 ? 110 PRO A CG  1 
ATOM   836  C CD  . PRO A 1 110 ? -0.123  -13.091 -8.088  1.00 26.50 ? 110 PRO A CD  1 
ATOM   837  N N   . PHE A 1 111 ? 1.982   -9.039  -8.843  1.00 23.94 ? 111 PHE A N   1 
ATOM   838  C CA  . PHE A 1 111 ? 1.974   -7.972  -9.838  1.00 24.00 ? 111 PHE A CA  1 
ATOM   839  C C   . PHE A 1 111 ? 3.387   -7.704  -10.324 1.00 24.09 ? 111 PHE A C   1 
ATOM   840  O O   . PHE A 1 111 ? 4.355   -8.024  -9.635  1.00 24.33 ? 111 PHE A O   1 
ATOM   841  C CB  . PHE A 1 111 ? 1.337   -6.695  -9.282  1.00 24.35 ? 111 PHE A CB  1 
ATOM   842  C CG  . PHE A 1 111 ? 1.890   -6.262  -7.957  1.00 23.16 ? 111 PHE A CG  1 
ATOM   843  C CD1 . PHE A 1 111 ? 3.066   -5.539  -7.884  1.00 23.19 ? 111 PHE A CD1 1 
ATOM   844  C CD2 . PHE A 1 111 ? 1.217   -6.557  -6.786  1.00 23.23 ? 111 PHE A CD2 1 
ATOM   845  C CE1 . PHE A 1 111 ? 3.560   -5.129  -6.663  1.00 21.97 ? 111 PHE A CE1 1 
ATOM   846  C CE2 . PHE A 1 111 ? 1.713   -6.164  -5.574  1.00 22.08 ? 111 PHE A CE2 1 
ATOM   847  C CZ  . PHE A 1 111 ? 2.885   -5.441  -5.511  1.00 22.38 ? 111 PHE A CZ  1 
ATOM   848  N N   . THR A 1 112 ? 3.496   -7.143  -11.524 1.00 24.18 ? 112 THR A N   1 
ATOM   849  C CA  . THR A 1 112 ? 4.783   -6.837  -12.125 1.00 24.95 ? 112 THR A CA  1 
ATOM   850  C C   . THR A 1 112 ? 5.263   -5.464  -11.691 1.00 24.76 ? 112 THR A C   1 
ATOM   851  O O   . THR A 1 112 ? 4.519   -4.680  -11.099 1.00 23.92 ? 112 THR A O   1 
ATOM   852  C CB  . THR A 1 112 ? 4.676   -6.817  -13.652 1.00 24.88 ? 112 THR A CB  1 
ATOM   853  O OG1 . THR A 1 112 ? 3.718   -5.824  -14.057 1.00 26.34 ? 112 THR A OG1 1 
ATOM   854  C CG2 . THR A 1 112 ? 4.151   -8.149  -14.206 1.00 25.30 ? 112 THR A CG2 1 
ATOM   855  N N   . ALA A 1 113 ? 6.509   -5.167  -12.034 1.00 24.59 ? 113 ALA A N   1 
ATOM   856  C CA  . ALA A 1 113 ? 7.084   -3.864  -11.751 1.00 24.70 ? 113 ALA A CA  1 
ATOM   857  C C   . ALA A 1 113 ? 6.303   -2.803  -12.521 1.00 24.66 ? 113 ALA A C   1 
ATOM   858  O O   . ALA A 1 113 ? 6.027   -1.727  -11.996 1.00 23.59 ? 113 ALA A O   1 
ATOM   859  C CB  . ALA A 1 113 ? 8.556   -3.830  -12.134 1.00 25.31 ? 113 ALA A CB  1 
ATOM   860  N N   . ALA A 1 114 ? 5.940   -3.120  -13.762 1.00 24.61 ? 114 ALA A N   1 
ATOM   861  C CA  . ALA A 1 114 ? 5.193   -2.194  -14.612 1.00 24.76 ? 114 ALA A CA  1 
ATOM   862  C C   . ALA A 1 114 ? 3.860   -1.822  -13.964 1.00 24.14 ? 114 ALA A C   1 
ATOM   863  O O   . ALA A 1 114 ? 3.455   -0.657  -13.964 1.00 23.11 ? 114 ALA A O   1 
ATOM   864  C CB  . ALA A 1 114 ? 4.965   -2.807  -16.002 1.00 25.61 ? 114 ALA A CB  1 
ATOM   865  N N   . THR A 1 115 ? 3.178   -2.822  -13.415 1.00 23.13 ? 115 THR A N   1 
ATOM   866  C CA  . THR A 1 115 ? 1.910   -2.602  -12.725 1.00 23.57 ? 115 THR A CA  1 
ATOM   867  C C   . THR A 1 115 ? 2.129   -1.766  -11.472 1.00 23.41 ? 115 THR A C   1 
ATOM   868  O O   . THR A 1 115 ? 1.378   -0.827  -11.212 1.00 23.42 ? 115 THR A O   1 
ATOM   869  C CB  . THR A 1 115 ? 1.257   -3.941  -12.346 1.00 23.63 ? 115 THR A CB  1 
ATOM   870  O OG1 . THR A 1 115 ? 0.777   -4.602  -13.525 1.00 24.71 ? 115 THR A OG1 1 
ATOM   871  C CG2 . THR A 1 115 ? -0.003  -3.735  -11.517 1.00 24.84 ? 115 THR A CG2 1 
ATOM   872  N N   . LEU A 1 116 ? 3.152   -2.111  -10.693 1.00 22.59 ? 116 LEU A N   1 
ATOM   873  C CA  . LEU A 1 116 ? 3.463   -1.361  -9.481  1.00 22.82 ? 116 LEU A CA  1 
ATOM   874  C C   . LEU A 1 116 ? 3.692   0.094   -9.862  1.00 23.72 ? 116 LEU A C   1 
ATOM   875  O O   . LEU A 1 116 ? 3.147   1.000   -9.242  1.00 22.98 ? 116 LEU A O   1 
ATOM   876  C CB  . LEU A 1 116 ? 4.693   -1.916  -8.761  1.00 22.43 ? 116 LEU A CB  1 
ATOM   877  C CG  . LEU A 1 116 ? 5.122   -1.113  -7.516  1.00 21.81 ? 116 LEU A CG  1 
ATOM   878  C CD1 . LEU A 1 116 ? 4.022   -1.058  -6.464  1.00 22.79 ? 116 LEU A CD1 1 
ATOM   879  C CD2 . LEU A 1 116 ? 6.400   -1.664  -6.897  1.00 23.65 ? 116 LEU A CD2 1 
ATOM   880  N N   . GLU A 1 117 ? 4.476   0.310   -10.911 1.00 24.49 ? 117 GLU A N   1 
ATOM   881  C CA  . GLU A 1 117 ? 4.760   1.656   -11.385 1.00 25.14 ? 117 GLU A CA  1 
ATOM   882  C C   . GLU A 1 117 ? 3.474   2.399   -11.752 1.00 25.01 ? 117 GLU A C   1 
ATOM   883  O O   . GLU A 1 117 ? 3.314   3.572   -11.420 1.00 24.34 ? 117 GLU A O   1 
ATOM   884  C CB  . GLU A 1 117 ? 5.704   1.580   -12.581 1.00 25.86 ? 117 GLU A CB  1 
ATOM   885  C CG  . GLU A 1 117 ? 6.146   2.904   -13.170 1.00 28.00 ? 117 GLU A CG  1 
ATOM   886  C CD  . GLU A 1 117 ? 7.209   2.692   -14.236 1.00 31.42 ? 117 GLU A CD  1 
ATOM   887  O OE1 . GLU A 1 117 ? 6.947   1.923   -15.187 1.00 32.93 ? 117 GLU A OE1 1 
ATOM   888  O OE2 . GLU A 1 117 ? 8.316   3.258   -14.109 1.00 33.12 ? 117 GLU A OE2 1 
ATOM   889  N N   . GLU A 1 118 ? 2.559   1.718   -12.435 1.00 25.58 ? 118 GLU A N   1 
ATOM   890  C CA  . GLU A 1 118 ? 1.297   2.343   -12.825 1.00 26.83 ? 118 GLU A CA  1 
ATOM   891  C C   . GLU A 1 118 ? 0.501   2.764   -11.595 1.00 25.97 ? 118 GLU A C   1 
ATOM   892  O O   . GLU A 1 118 ? -0.046  3.863   -11.551 1.00 25.17 ? 118 GLU A O   1 
ATOM   893  C CB  . GLU A 1 118 ? 0.448   1.400   -13.679 1.00 27.99 ? 118 GLU A CB  1 
ATOM   894  C CG  . GLU A 1 118 ? 1.090   1.049   -15.008 1.00 32.33 ? 118 GLU A CG  1 
ATOM   895  C CD  . GLU A 1 118 ? 0.329   -0.006  -15.788 1.00 37.38 ? 118 GLU A CD  1 
ATOM   896  O OE1 . GLU A 1 118 ? -0.636  -0.593  -15.254 1.00 43.16 ? 118 GLU A OE1 1 
ATOM   897  O OE2 . GLU A 1 118 ? 0.707   -0.252  -16.949 1.00 43.41 ? 118 GLU A OE2 1 
ATOM   898  N N   . LYS A 1 119 ? 0.446   1.887   -10.597 1.00 24.74 ? 119 LYS A N   1 
ATOM   899  C CA  . LYS A 1 119 ? -0.309  2.167   -9.380  1.00 25.42 ? 119 LYS A CA  1 
ATOM   900  C C   . LYS A 1 119 ? 0.312   3.326   -8.598  1.00 25.15 ? 119 LYS A C   1 
ATOM   901  O O   . LYS A 1 119 ? -0.395  4.230   -8.153  1.00 25.67 ? 119 LYS A O   1 
ATOM   902  C CB  . LYS A 1 119 ? -0.399  0.916   -8.507  1.00 25.46 ? 119 LYS A CB  1 
ATOM   903  C CG  . LYS A 1 119 ? -1.040  -0.272  -9.196  1.00 26.50 ? 119 LYS A CG  1 
ATOM   904  C CD  . LYS A 1 119 ? -2.447  0.031   -9.634  1.00 28.42 ? 119 LYS A CD  1 
ATOM   905  C CE  . LYS A 1 119 ? -3.153  -1.194  -10.169 1.00 29.28 ? 119 LYS A CE  1 
ATOM   906  N NZ  . LYS A 1 119 ? -4.437  -0.829  -10.830 1.00 31.58 ? 119 LYS A NZ  1 
ATOM   907  N N   . LEU A 1 120 ? 1.633   3.315   -8.446  1.00 24.33 ? 120 LEU A N   1 
ATOM   908  C CA  . LEU A 1 120 ? 2.315   4.398   -7.740  1.00 24.59 ? 120 LEU A CA  1 
ATOM   909  C C   . LEU A 1 120 ? 2.081   5.728   -8.453  1.00 24.50 ? 120 LEU A C   1 
ATOM   910  O O   . LEU A 1 120 ? 1.803   6.742   -7.817  1.00 23.41 ? 120 LEU A O   1 
ATOM   911  C CB  . LEU A 1 120 ? 3.815   4.131   -7.627  1.00 24.08 ? 120 LEU A CB  1 
ATOM   912  C CG  . LEU A 1 120 ? 4.247   2.905   -6.823  1.00 25.13 ? 120 LEU A CG  1 
ATOM   913  C CD1 . LEU A 1 120 ? 5.755   2.794   -6.884  1.00 23.86 ? 120 LEU A CD1 1 
ATOM   914  C CD2 . LEU A 1 120 ? 3.778   2.974   -5.372  1.00 25.68 ? 120 LEU A CD2 1 
ATOM   915  N N   . ASN A 1 121 ? 2.184   5.720   -9.778  1.00 25.07 ? 121 ASN A N   1 
ATOM   916  C CA  . ASN A 1 121 ? 1.999   6.945   -10.551 1.00 25.72 ? 121 ASN A CA  1 
ATOM   917  C C   . ASN A 1 121 ? 0.592   7.511   -10.434 1.00 26.26 ? 121 ASN A C   1 
ATOM   918  O O   . ASN A 1 121 ? 0.417   8.725   -10.396 1.00 25.28 ? 121 ASN A O   1 
ATOM   919  C CB  . ASN A 1 121 ? 2.374   6.741   -12.014 1.00 26.05 ? 121 ASN A CB  1 
ATOM   920  C CG  . ASN A 1 121 ? 3.863   6.877   -12.244 1.00 26.82 ? 121 ASN A CG  1 
ATOM   921  O OD1 . ASN A 1 121 ? 4.593   7.367   -11.381 1.00 28.16 ? 121 ASN A OD1 1 
ATOM   922  N ND2 . ASN A 1 121 ? 4.325   6.432   -13.403 1.00 25.11 ? 121 ASN A ND2 1 
ATOM   923  N N   . LYS A 1 122 ? -0.409  6.640   -10.371 1.00 27.00 ? 122 LYS A N   1 
ATOM   924  C CA  . LYS A 1 122 ? -1.785  7.100   -10.218 1.00 28.68 ? 122 LYS A CA  1 
ATOM   925  C C   . LYS A 1 122 ? -1.942  7.797   -8.866  1.00 27.55 ? 122 LYS A C   1 
ATOM   926  O O   . LYS A 1 122 ? -2.628  8.810   -8.749  1.00 26.97 ? 122 LYS A O   1 
ATOM   927  C CB  . LYS A 1 122 ? -2.780  5.941   -10.328 1.00 29.88 ? 122 LYS A CB  1 
ATOM   928  C CG  . LYS A 1 122 ? -2.442  4.952   -11.431 1.00 35.13 ? 122 LYS A CG  1 
ATOM   929  C CD  . LYS A 1 122 ? -3.524  3.900   -11.648 1.00 40.60 ? 122 LYS A CD  1 
ATOM   930  C CE  . LYS A 1 122 ? -4.871  4.530   -11.873 1.00 43.61 ? 122 LYS A CE  1 
ATOM   931  N NZ  . LYS A 1 122 ? -5.515  4.907   -10.579 1.00 45.92 ? 122 LYS A NZ  1 
ATOM   932  N N   . ILE A 1 123 ? -1.291  7.249   -7.847  1.00 26.82 ? 123 ILE A N   1 
ATOM   933  C CA  . ILE A 1 123 ? -1.346  7.821   -6.506  1.00 26.64 ? 123 ILE A CA  1 
ATOM   934  C C   . ILE A 1 123 ? -0.584  9.154   -6.447  1.00 26.99 ? 123 ILE A C   1 
ATOM   935  O O   . ILE A 1 123 ? -1.078  10.138  -5.886  1.00 26.60 ? 123 ILE A O   1 
ATOM   936  C CB  . ILE A 1 123 ? -0.792  6.815   -5.490  1.00 26.68 ? 123 ILE A CB  1 
ATOM   937  C CG1 . ILE A 1 123 ? -1.734  5.608   -5.398  1.00 26.25 ? 123 ILE A CG1 1 
ATOM   938  C CG2 . ILE A 1 123 ? -0.618  7.469   -4.128  1.00 26.94 ? 123 ILE A CG2 1 
ATOM   939  C CD1 . ILE A 1 123 ? -1.170  4.449   -4.607  1.00 27.70 ? 123 ILE A CD1 1 
ATOM   940  N N   . PHE A 1 124 ? 0.609   9.188   -7.039  1.00 26.91 ? 124 PHE A N   1 
ATOM   941  C CA  . PHE A 1 124 ? 1.415   10.406  -7.052  1.00 27.96 ? 124 PHE A CA  1 
ATOM   942  C C   . PHE A 1 124 ? 0.637   11.527  -7.743  1.00 29.90 ? 124 PHE A C   1 
ATOM   943  O O   . PHE A 1 124 ? 0.618   12.667  -7.277  1.00 30.12 ? 124 PHE A O   1 
ATOM   944  C CB  . PHE A 1 124 ? 2.748   10.194  -7.777  1.00 28.13 ? 124 PHE A CB  1 
ATOM   945  C CG  . PHE A 1 124 ? 3.674   9.214   -7.103  1.00 26.82 ? 124 PHE A CG  1 
ATOM   946  C CD1 . PHE A 1 124 ? 3.705   9.080   -5.727  1.00 27.22 ? 124 PHE A CD1 1 
ATOM   947  C CD2 . PHE A 1 124 ? 4.532   8.437   -7.859  1.00 26.73 ? 124 PHE A CD2 1 
ATOM   948  C CE1 . PHE A 1 124 ? 4.571   8.180   -5.123  1.00 27.17 ? 124 PHE A CE1 1 
ATOM   949  C CE2 . PHE A 1 124 ? 5.387   7.539   -7.257  1.00 26.23 ? 124 PHE A CE2 1 
ATOM   950  C CZ  . PHE A 1 124 ? 5.404   7.414   -5.892  1.00 26.09 ? 124 PHE A CZ  1 
ATOM   951  N N   . GLU A 1 125 ? -0.005  11.194  -8.860  1.00 30.74 ? 125 GLU A N   1 
ATOM   952  C CA  . GLU A 1 125 ? -0.770  12.169  -9.630  1.00 32.95 ? 125 GLU A CA  1 
ATOM   953  C C   . GLU A 1 125 ? -1.938  12.743  -8.824  1.00 33.20 ? 125 GLU A C   1 
ATOM   954  O O   . GLU A 1 125 ? -2.140  13.955  -8.775  1.00 32.59 ? 125 GLU A O   1 
ATOM   955  C CB  . GLU A 1 125 ? -1.276  11.530  -10.924 1.00 33.72 ? 125 GLU A CB  1 
ATOM   956  C CG  . GLU A 1 125 ? -1.884  12.519  -11.908 1.00 39.59 ? 125 GLU A CG  1 
ATOM   957  C CD  . GLU A 1 125 ? -2.365  11.857  -13.190 1.00 46.58 ? 125 GLU A CD  1 
ATOM   958  O OE1 . GLU A 1 125 ? -2.260  10.612  -13.310 1.00 52.03 ? 125 GLU A OE1 1 
ATOM   959  O OE2 . GLU A 1 125 ? -2.844  12.585  -14.086 1.00 51.47 ? 125 GLU A OE2 1 
ATOM   960  N N   . LYS A 1 126 ? -2.697  11.865  -8.182  1.00 33.53 ? 126 LYS A N   1 
ATOM   961  C CA  . LYS A 1 126 ? -3.837  12.284  -7.383  1.00 34.80 ? 126 LYS A CA  1 
ATOM   962  C C   . LYS A 1 126 ? -3.399  13.215  -6.241  1.00 34.44 ? 126 LYS A C   1 
ATOM   963  O O   . LYS A 1 126 ? -4.076  14.195  -5.930  1.00 34.17 ? 126 LYS A O   1 
ATOM   964  C CB  . LYS A 1 126 ? -4.542  11.057  -6.810  1.00 35.57 ? 126 LYS A CB  1 
ATOM   965  C CG  . LYS A 1 126 ? -6.053  11.125  -6.905  1.00 39.31 ? 126 LYS A CG  1 
ATOM   966  C CD  . LYS A 1 126 ? -6.719  10.642  -5.645  1.00 41.28 ? 126 LYS A CD  1 
ATOM   967  C CE  . LYS A 1 126 ? -8.205  10.946  -5.666  1.00 42.05 ? 126 LYS A CE  1 
ATOM   968  N NZ  . LYS A 1 126 ? -9.016  9.837   -5.107  1.00 41.92 ? 126 LYS A NZ  1 
ATOM   969  N N   . LEU A 1 127 ? -2.259  12.907  -5.628  1.00 33.96 ? 127 LEU A N   1 
ATOM   970  C CA  . LEU A 1 127 ? -1.753  13.686  -4.497  1.00 34.14 ? 127 LEU A CA  1 
ATOM   971  C C   . LEU A 1 127 ? -0.837  14.841  -4.900  1.00 34.37 ? 127 LEU A C   1 
ATOM   972  O O   . LEU A 1 127 ? -0.332  15.561  -4.041  1.00 34.70 ? 127 LEU A O   1 
ATOM   973  C CB  . LEU A 1 127 ? -1.005  12.773  -3.523  1.00 34.21 ? 127 LEU A CB  1 
ATOM   974  C CG  . LEU A 1 127 ? -1.838  11.678  -2.853  1.00 34.29 ? 127 LEU A CG  1 
ATOM   975  C CD1 . LEU A 1 127 ? -0.957  10.814  -1.989  1.00 35.42 ? 127 LEU A CD1 1 
ATOM   976  C CD2 . LEU A 1 127 ? -2.961  12.278  -2.021  1.00 35.80 ? 127 LEU A CD2 1 
ATOM   977  N N   . GLY A 1 128 ? -0.611  15.020  -6.194  1.00 34.17 ? 128 GLY A N   1 
ATOM   978  C CA  . GLY A 1 128 ? 0.261   16.087  -6.659  1.00 34.30 ? 128 GLY A CA  1 
ATOM   979  C C   . GLY A 1 128 ? 1.710   15.880  -6.243  1.00 34.87 ? 128 GLY A C   1 
ATOM   980  O O   . GLY A 1 128 ? 2.445   16.839  -5.984  1.00 34.31 ? 128 GLY A O   1 
ATOM   981  N N   . MET A 1 129 ? 2.123   14.618  -6.183  1.00 34.63 ? 129 MET A N   1 
ATOM   982  C CA  . MET A 1 129 ? 3.487   14.279  -5.812  1.00 34.40 ? 129 MET A CA  1 
ATOM   983  C C   . MET A 1 129 ? 4.316   14.086  -7.067  1.00 34.38 ? 129 MET A C   1 
ATOM   984  O O   . MET A 1 129 ? 5.525   14.274  -7.039  1.00 34.83 ? 129 MET A O   1 
ATOM   985  C CB  . MET A 1 129 ? 3.523   12.993  -4.989  1.00 34.34 ? 129 MET A CB  1 
ATOM   986  C CG  . MET A 1 129 ? 2.935   13.142  -3.609  1.00 34.84 ? 129 MET A CG  1 
ATOM   987  S SD  . MET A 1 129 ? 2.756   11.585  -2.739  1.00 33.64 ? 129 MET A SD  1 
ATOM   988  C CE  . MET A 1 129 ? 4.423   11.313  -2.206  1.00 34.44 ? 129 MET A CE  1 
ATOM   989  O OXT . MET A 1 129 ? 3.803   13.728  -8.128  1.00 34.48 ? 129 MET A OXT 1 
ATOM   990  N N   . GLN B 2 3   ? -16.226 -9.661  -13.522 1.00 67.16 ? 202 GLN B N   1 
ATOM   991  C CA  . GLN B 2 3   ? -15.016 -8.842  -13.757 1.00 66.78 ? 202 GLN B CA  1 
ATOM   992  C C   . GLN B 2 3   ? -15.500 -7.429  -14.012 1.00 66.02 ? 202 GLN B C   1 
ATOM   993  O O   . GLN B 2 3   ? -15.054 -6.458  -13.388 1.00 65.76 ? 202 GLN B O   1 
ATOM   994  C CB  . GLN B 2 3   ? -14.227 -9.396  -14.945 1.00 66.98 ? 202 GLN B CB  1 
ATOM   995  C CG  . GLN B 2 3   ? -13.736 -10.833 -14.742 1.00 68.53 ? 202 GLN B CG  1 
ATOM   996  C CD  . GLN B 2 3   ? -12.943 -11.347 -15.946 1.00 70.48 ? 202 GLN B CD  1 
ATOM   997  O OE1 . GLN B 2 3   ? -12.775 -10.625 -16.922 1.00 71.95 ? 202 GLN B OE1 1 
ATOM   998  N NE2 . GLN B 2 3   ? -12.456 -12.582 -15.881 1.00 71.74 ? 202 GLN B NE2 1 
ATOM   999  N N   . ASP B 2 4   ? -16.403 -7.373  -14.980 1.00 65.12 ? 203 ASP B N   1 
ATOM   1000 C CA  . ASP B 2 4   ? -17.085 -6.186  -15.443 1.00 64.38 ? 203 ASP B CA  1 
ATOM   1001 C C   . ASP B 2 4   ? -17.296 -5.119  -14.380 1.00 63.25 ? 203 ASP B C   1 
ATOM   1002 O O   . ASP B 2 4   ? -16.829 -3.988  -14.517 1.00 63.23 ? 203 ASP B O   1 
ATOM   1003 C CB  . ASP B 2 4   ? -18.427 -6.603  -16.044 1.00 64.82 ? 203 ASP B CB  1 
ATOM   1004 C CG  . ASP B 2 4   ? -18.278 -7.642  -17.157 1.00 66.48 ? 203 ASP B CG  1 
ATOM   1005 O OD1 . ASP B 2 4   ? -17.210 -7.677  -17.831 1.00 68.83 ? 203 ASP B OD1 1 
ATOM   1006 O OD2 . ASP B 2 4   ? -19.196 -8.463  -17.419 1.00 68.11 ? 203 ASP B OD2 1 
ATOM   1007 N N   . GLN B 2 5   ? -18.017 -5.478  -13.330 1.00 61.73 ? 204 GLN B N   1 
ATOM   1008 C CA  . GLN B 2 5   ? -18.314 -4.538  -12.258 1.00 60.63 ? 204 GLN B CA  1 
ATOM   1009 C C   . GLN B 2 5   ? -17.053 -4.235  -11.444 1.00 59.28 ? 204 GLN B C   1 
ATOM   1010 O O   . GLN B 2 5   ? -16.852 -3.100  -11.007 1.00 59.03 ? 204 GLN B O   1 
ATOM   1011 C CB  . GLN B 2 5   ? -19.407 -5.104  -11.349 1.00 60.64 ? 204 GLN B CB  1 
ATOM   1012 C CG  . GLN B 2 5   ? -20.751 -5.303  -12.065 1.00 60.75 ? 204 GLN B CG  1 
ATOM   1013 C CD  . GLN B 2 5   ? -21.875 -5.744  -11.124 1.00 61.53 ? 204 GLN B CD  1 
ATOM   1014 O OE1 . GLN B 2 5   ? -21.609 -6.306  -10.067 1.00 61.15 ? 204 GLN B OE1 1 
ATOM   1015 N NE2 . GLN B 2 5   ? -23.125 -5.495  -11.505 1.00 61.33 ? 204 GLN B NE2 1 
ATOM   1016 N N   . VAL B 2 6   ? -16.221 -5.256  -11.233 1.00 57.59 ? 205 VAL B N   1 
ATOM   1017 C CA  . VAL B 2 6   ? -14.960 -5.108  -10.504 1.00 56.26 ? 205 VAL B CA  1 
ATOM   1018 C C   . VAL B 2 6   ? -14.080 -4.097  -11.236 1.00 54.95 ? 205 VAL B C   1 
ATOM   1019 O O   . VAL B 2 6   ? -13.628 -3.109  -10.660 1.00 54.43 ? 205 VAL B O   1 
ATOM   1020 C CB  . VAL B 2 6   ? -14.216 -6.466  -10.368 1.00 56.35 ? 205 VAL B CB  1 
ATOM   1021 C CG1 . VAL B 2 6   ? -12.840 -6.289  -9.720  1.00 55.91 ? 205 VAL B CG1 1 
ATOM   1022 C CG2 . VAL B 2 6   ? -15.056 -7.457  -9.563  1.00 56.56 ? 205 VAL B CG2 1 
ATOM   1023 N N   . ASP B 2 7   ? -13.859 -4.342  -12.523 1.00 53.50 ? 206 ASP B N   1 
ATOM   1024 C CA  . ASP B 2 7   ? -13.054 -3.452  -13.350 1.00 52.33 ? 206 ASP B CA  1 
ATOM   1025 C C   . ASP B 2 7   ? -13.636 -2.041  -13.408 1.00 50.80 ? 206 ASP B C   1 
ATOM   1026 O O   . ASP B 2 7   ? -12.897 -1.054  -13.435 1.00 50.49 ? 206 ASP B O   1 
ATOM   1027 C CB  . ASP B 2 7   ? -12.938 -4.021  -14.756 1.00 52.75 ? 206 ASP B CB  1 
ATOM   1028 C CG  . ASP B 2 7   ? -12.132 -5.292  -14.792 1.00 53.80 ? 206 ASP B CG  1 
ATOM   1029 O OD1 . ASP B 2 7   ? -11.078 -5.341  -14.125 1.00 55.90 ? 206 ASP B OD1 1 
ATOM   1030 O OD2 . ASP B 2 7   ? -12.476 -6.291  -15.455 1.00 56.14 ? 206 ASP B OD2 1 
ATOM   1031 N N   . ASP B 2 8   ? -14.963 -1.949  -13.432 1.00 48.77 ? 207 ASP B N   1 
ATOM   1032 C CA  . ASP B 2 8   ? -15.640 -0.660  -13.463 1.00 47.07 ? 207 ASP B CA  1 
ATOM   1033 C C   . ASP B 2 8   ? -15.537 0.015   -12.117 1.00 44.70 ? 207 ASP B C   1 
ATOM   1034 O O   . ASP B 2 8   ? -15.336 1.225   -12.031 1.00 43.48 ? 207 ASP B O   1 
ATOM   1035 C CB  . ASP B 2 8   ? -17.118 -0.828  -13.797 1.00 47.67 ? 207 ASP B CB  1 
ATOM   1036 C CG  . ASP B 2 8   ? -17.372 -0.895  -15.275 1.00 49.56 ? 207 ASP B CG  1 
ATOM   1037 O OD1 . ASP B 2 8   ? -16.423 -0.663  -16.051 1.00 52.38 ? 207 ASP B OD1 1 
ATOM   1038 O OD2 . ASP B 2 8   ? -18.491 -1.170  -15.749 1.00 54.23 ? 207 ASP B OD2 1 
ATOM   1039 N N   . LEU B 2 9   ? -15.696 -0.779  -11.064 1.00 41.96 ? 208 LEU B N   1 
ATOM   1040 C CA  . LEU B 2 9   ? -15.634 -0.267  -9.710  1.00 40.36 ? 208 LEU B CA  1 
ATOM   1041 C C   . LEU B 2 9   ? -14.248 0.323   -9.479  1.00 37.84 ? 208 LEU B C   1 
ATOM   1042 O O   . LEU B 2 9   ? -14.111 1.427   -8.953  1.00 36.61 ? 208 LEU B O   1 
ATOM   1043 C CB  . LEU B 2 9   ? -15.930 -1.387  -8.708  1.00 40.55 ? 208 LEU B CB  1 
ATOM   1044 C CG  . LEU B 2 9   ? -15.849 -1.037  -7.222  1.00 42.30 ? 208 LEU B CG  1 
ATOM   1045 C CD1 . LEU B 2 9   ? -16.836 0.065   -6.849  1.00 43.42 ? 208 LEU B CD1 1 
ATOM   1046 C CD2 . LEU B 2 9   ? -16.107 -2.287  -6.397  1.00 43.07 ? 208 LEU B CD2 1 
ATOM   1047 N N   . LEU B 2 10  ? -13.220 -0.415  -9.891  1.00 36.01 ? 209 LEU B N   1 
ATOM   1048 C CA  . LEU B 2 10  ? -11.841 0.034   -9.729  1.00 34.53 ? 209 LEU B CA  1 
ATOM   1049 C C   . LEU B 2 10  ? -11.627 1.372   -10.429 1.00 33.95 ? 209 LEU B C   1 
ATOM   1050 O O   . LEU B 2 10  ? -11.095 2.312   -9.842  1.00 32.02 ? 209 LEU B O   1 
ATOM   1051 C CB  . LEU B 2 10  ? -10.863 -1.014  -10.265 1.00 34.41 ? 209 LEU B CB  1 
ATOM   1052 C CG  . LEU B 2 10  ? -10.713 -2.266  -9.396  1.00 33.32 ? 209 LEU B CG  1 
ATOM   1053 C CD1 . LEU B 2 10  ? -9.806  -3.293  -10.078 1.00 34.88 ? 209 LEU B CD1 1 
ATOM   1054 C CD2 . LEU B 2 10  ? -10.174 -1.905  -8.024  1.00 32.72 ? 209 LEU B CD2 1 
ATOM   1055 N N   . ASP B 2 11  ? -12.058 1.457   -11.683 1.00 33.96 ? 210 ASP B N   1 
ATOM   1056 C CA  . ASP B 2 11  ? -11.912 2.685   -12.460 1.00 34.51 ? 210 ASP B CA  1 
ATOM   1057 C C   . ASP B 2 11  ? -12.617 3.842   -11.765 1.00 34.10 ? 210 ASP B C   1 
ATOM   1058 O O   . ASP B 2 11  ? -12.074 4.932   -11.641 1.00 32.31 ? 210 ASP B O   1 
ATOM   1059 C CB  . ASP B 2 11  ? -12.476 2.471   -13.866 1.00 35.36 ? 210 ASP B CB  1 
ATOM   1060 C CG  A ASP B 2 11  ? -11.780 1.320   -14.587 0.50 35.50 ? 210 ASP B CG  1 
ATOM   1061 C CG  B ASP B 2 11  ? -12.222 3.661   -14.790 0.50 36.36 ? 210 ASP B CG  1 
ATOM   1062 O OD1 A ASP B 2 11  ? -10.681 0.842   -14.112 0.50 37.24 ? 210 ASP B OD1 1 
ATOM   1063 O OD1 B ASP B 2 11  ? -11.218 4.437   -14.574 0.50 39.33 ? 210 ASP B OD1 1 
ATOM   1064 O OD2 A ASP B 2 11  ? -12.290 0.823   -15.656 0.50 37.65 ? 210 ASP B OD2 1 
ATOM   1065 O OD2 B ASP B 2 11  ? -13.011 3.887   -15.781 0.50 40.44 ? 210 ASP B OD2 1 
ATOM   1066 N N   . SER B 2 12  ? -13.823 3.586   -11.287 1.00 34.74 ? 211 SER B N   1 
ATOM   1067 C CA  . SER B 2 12  ? -14.618 4.609   -10.620 1.00 35.76 ? 211 SER B CA  1 
ATOM   1068 C C   . SER B 2 12  ? -13.881 5.153   -9.376  1.00 36.22 ? 211 SER B C   1 
ATOM   1069 O O   . SER B 2 12  ? -13.960 6.348   -9.067  1.00 36.65 ? 211 SER B O   1 
ATOM   1070 C CB  . SER B 2 12  ? -16.006 4.034   -10.252 1.00 36.58 ? 211 SER B CB  1 
ATOM   1071 O OG  A SER B 2 12  ? -16.756 3.828   -11.423 0.50 35.62 ? 211 SER B OG  1 
ATOM   1072 O OG  B SER B 2 12  ? -15.997 3.639   -8.887  0.50 36.02 ? 211 SER B OG  1 
ATOM   1073 N N   . LEU B 2 13  ? -13.160 4.273   -8.675  1.00 36.22 ? 212 LEU B N   1 
ATOM   1074 C CA  . LEU B 2 13  ? -12.426 4.651   -7.460  1.00 36.46 ? 212 LEU B CA  1 
ATOM   1075 C C   . LEU B 2 13  ? -11.049 5.215   -7.760  1.00 36.22 ? 212 LEU B C   1 
ATOM   1076 O O   . LEU B 2 13  ? -10.373 5.715   -6.866  1.00 37.29 ? 212 LEU B O   1 
ATOM   1077 C CB  . LEU B 2 13  ? -12.265 3.453   -6.523  1.00 36.93 ? 212 LEU B CB  1 
ATOM   1078 C CG  . LEU B 2 13  ? -13.526 2.618   -6.301  1.00 38.30 ? 212 LEU B CG  1 
ATOM   1079 C CD1 . LEU B 2 13  ? -13.291 1.522   -5.284  1.00 39.13 ? 212 LEU B CD1 1 
ATOM   1080 C CD2 . LEU B 2 13  ? -14.671 3.488   -5.859  1.00 42.93 ? 212 LEU B CD2 1 
ATOM   1081 N N   . GLY B 2 14  ? -10.625 5.125   -9.013  1.00 35.67 ? 213 GLY B N   1 
ATOM   1082 C CA  . GLY B 2 14  ? -9.311  5.611   -9.397  1.00 35.28 ? 213 GLY B CA  1 
ATOM   1083 C C   . GLY B 2 14  ? -8.199  4.664   -8.970  1.00 34.43 ? 213 GLY B C   1 
ATOM   1084 O O   . GLY B 2 14  ? -7.059  5.087   -8.762  1.00 34.40 ? 213 GLY B O   1 
ATOM   1085 N N   . PHE B 2 15  ? -8.534  3.380   -8.858  1.00 32.75 ? 214 PHE B N   1 
ATOM   1086 C CA  . PHE B 2 15  ? -7.593  2.348   -8.439  1.00 31.89 ? 214 PHE B CA  1 
ATOM   1087 C C   . PHE B 2 15  ? -7.017  1.635   -9.652  1.00 32.39 ? 214 PHE B C   1 
ATOM   1088 O O   . PHE B 2 15  ? -5.978  0.973   -9.569  1.00 32.71 ? 214 PHE B O   1 
ATOM   1089 C CB  . PHE B 2 15  ? -8.307  1.314   -7.562  1.00 31.26 ? 214 PHE B CB  1 
ATOM   1090 C CG  . PHE B 2 15  ? -8.635  1.793   -6.162  1.00 28.77 ? 214 PHE B CG  1 
ATOM   1091 C CD1 . PHE B 2 15  ? -7.988  2.877   -5.602  1.00 29.35 ? 214 PHE B CD1 1 
ATOM   1092 C CD2 . PHE B 2 15  ? -9.588  1.130   -5.400  1.00 29.49 ? 214 PHE B CD2 1 
ATOM   1093 C CE1 . PHE B 2 15  ? -8.284  3.293   -4.307  1.00 27.98 ? 214 PHE B CE1 1 
ATOM   1094 C CE2 . PHE B 2 15  ? -9.886  1.545   -4.106  1.00 28.36 ? 214 PHE B CE2 1 
ATOM   1095 C CZ  . PHE B 2 15  ? -9.233  2.626   -3.566  1.00 28.11 ? 214 PHE B CZ  1 
ATOM   1096 O OXT . PHE B 2 15  ? -7.626  1.726   -10.711 1.00 31.92 ? 214 PHE B OXT 1 
HETATM 1097 S S   . SO4 C 3 .   ? -15.322 2.709   10.153  0.33 54.46 ? 150 SO4 A S   1 
HETATM 1098 O O1  . SO4 C 3 .   ? -15.266 3.021   8.726   0.33 54.36 ? 150 SO4 A O1  1 
HETATM 1099 O O2  . SO4 C 3 .   ? -15.713 3.899   10.904  0.33 54.72 ? 150 SO4 A O2  1 
HETATM 1100 O O3  . SO4 C 3 .   ? -16.300 1.648   10.367  0.33 55.22 ? 150 SO4 A O3  1 
HETATM 1101 O O4  . SO4 C 3 .   ? -14.030 2.224   10.633  0.33 54.25 ? 150 SO4 A O4  1 
HETATM 1102 O O   . HOH D 4 .   ? -11.531 7.009   0.090   1.00 21.25 ? 151 HOH A O   1 
HETATM 1103 O O   . HOH D 4 .   ? 7.292   -5.192  -15.475 1.00 26.64 ? 152 HOH A O   1 
HETATM 1104 O O   . HOH D 4 .   ? 13.130  5.317   -2.118  1.00 26.32 ? 153 HOH A O   1 
HETATM 1105 O O   . HOH D 4 .   ? 10.899  3.401   -13.422 1.00 25.49 ? 154 HOH A O   1 
HETATM 1106 O O   . HOH D 4 .   ? -0.234  12.924  7.282   1.00 34.32 ? 155 HOH A O   1 
HETATM 1107 O O   . HOH D 4 .   ? -9.794  5.649   9.647   1.00 21.91 ? 156 HOH A O   1 
HETATM 1108 O O   . HOH D 4 .   ? 16.252  5.684   -4.074  1.00 28.06 ? 157 HOH A O   1 
HETATM 1109 O O   . HOH D 4 .   ? 1.901   -12.217 0.827   1.00 31.40 ? 158 HOH A O   1 
HETATM 1110 O O   . HOH D 4 .   ? -13.625 -0.021  5.272   1.00 27.14 ? 159 HOH A O   1 
HETATM 1111 O O   . HOH D 4 .   ? 0.826   -7.113  -12.913 1.00 26.78 ? 160 HOH A O   1 
HETATM 1112 O O   . HOH D 4 .   ? -3.533  10.830  1.432   1.00 31.40 ? 161 HOH A O   1 
HETATM 1113 O O   . HOH D 4 .   ? 10.963  -8.421  -7.148  1.00 27.44 ? 162 HOH A O   1 
HETATM 1114 O O   . HOH D 4 .   ? -10.521 5.544   7.122   1.00 29.91 ? 163 HOH A O   1 
HETATM 1115 O O   . HOH D 4 .   ? 8.306   5.278   -12.421 1.00 32.48 ? 164 HOH A O   1 
HETATM 1116 O O   . HOH D 4 .   ? 19.678  6.930   -4.418  1.00 37.85 ? 165 HOH A O   1 
HETATM 1117 O O   . HOH D 4 .   ? 2.943   -5.501  0.934   1.00 27.42 ? 166 HOH A O   1 
HETATM 1118 O O   . HOH D 4 .   ? 13.917  -0.930  -2.764  1.00 29.45 ? 167 HOH A O   1 
HETATM 1119 O O   . HOH D 4 .   ? 9.822   9.846   2.798   1.00 27.79 ? 168 HOH A O   1 
HETATM 1120 O O   . HOH D 4 .   ? 12.830  -14.999 2.169   1.00 48.30 ? 169 HOH A O   1 
HETATM 1121 O O   . HOH D 4 .   ? -6.233  -10.806 0.303   1.00 39.25 ? 170 HOH A O   1 
HETATM 1122 O O   . HOH D 4 .   ? 1.599   -7.962  0.103   1.00 28.41 ? 171 HOH A O   1 
HETATM 1123 O O   . HOH D 4 .   ? 4.049   -8.857  -6.619  1.00 28.12 ? 172 HOH A O   1 
HETATM 1124 O O   . HOH D 4 .   ? 4.334   11.058  1.416   1.00 29.54 ? 173 HOH A O   1 
HETATM 1125 O O   . HOH D 4 .   ? 8.223   -7.255  -13.122 1.00 30.65 ? 174 HOH A O   1 
HETATM 1126 O O   . HOH D 4 .   ? -0.437  5.339   -13.864 1.00 35.48 ? 175 HOH A O   1 
HETATM 1127 O O   . HOH D 4 .   ? 6.965   7.995   9.706   1.00 34.07 ? 176 HOH A O   1 
HETATM 1128 O O   . HOH D 4 .   ? -4.039  -12.410 14.878  1.00 46.41 ? 177 HOH A O   1 
HETATM 1129 O O   . HOH D 4 .   ? 1.994   15.019  -9.565  1.00 41.27 ? 178 HOH A O   1 
HETATM 1130 O O   . HOH D 4 .   ? 10.776  -7.600  -12.228 1.00 39.28 ? 179 HOH A O   1 
HETATM 1131 O O   . HOH D 4 .   ? 4.307   0.990   -15.776 1.00 30.89 ? 180 HOH A O   1 
HETATM 1132 O O   . HOH D 4 .   ? 6.229   -9.924  -9.404  1.00 32.64 ? 181 HOH A O   1 
HETATM 1133 O O   . HOH D 4 .   ? -3.514  -11.265 1.491   1.00 36.83 ? 182 HOH A O   1 
HETATM 1134 O O   . HOH D 4 .   ? 13.082  1.596   -13.710 1.00 33.63 ? 183 HOH A O   1 
HETATM 1135 O O   . HOH D 4 .   ? 12.592  -10.401 -6.138  1.00 39.12 ? 184 HOH A O   1 
HETATM 1136 O O   . HOH D 4 .   ? 0.471   14.788  15.407  1.00 37.83 ? 185 HOH A O   1 
HETATM 1137 O O   . HOH D 4 .   ? -1.354  -13.958 6.887   1.00 42.39 ? 186 HOH A O   1 
HETATM 1138 O O   . HOH D 4 .   ? 7.821   12.676  -3.470  1.00 34.59 ? 187 HOH A O   1 
HETATM 1139 O O   . HOH D 4 .   ? -2.142  -10.173 18.746  1.00 38.39 ? 188 HOH A O   1 
HETATM 1140 O O   . HOH D 4 .   ? -13.391 5.161   7.320   1.00 34.34 ? 189 HOH A O   1 
HETATM 1141 O O   . HOH D 4 .   ? -3.012  3.346   -7.786  1.00 36.20 ? 190 HOH A O   1 
HETATM 1142 O O   . HOH D 4 .   ? 9.840   2.409   -16.597 1.00 40.93 ? 191 HOH A O   1 
HETATM 1143 O O   . HOH D 4 .   ? -4.410  9.580   -10.475 1.00 33.31 ? 192 HOH A O   1 
HETATM 1144 O O   . HOH D 4 .   ? -5.673  10.629  16.031  1.00 39.04 ? 193 HOH A O   1 
HETATM 1145 O O   . HOH D 4 .   ? 15.670  13.680  -1.863  1.00 41.28 ? 194 HOH A O   1 
HETATM 1146 O O   . HOH D 4 .   ? 2.870   -5.954  -16.432 1.00 31.39 ? 195 HOH A O   1 
HETATM 1147 O O   . HOH D 4 .   ? 2.126   5.363   -15.194 1.00 43.03 ? 196 HOH A O   1 
HETATM 1148 O O   . HOH D 4 .   ? 15.328  -5.106  -8.223  1.00 44.57 ? 197 HOH A O   1 
HETATM 1149 O O   . HOH D 4 .   ? -8.461  10.546  7.327   1.00 40.10 ? 198 HOH A O   1 
HETATM 1150 O O   . HOH D 4 .   ? -5.424  -10.203 12.041  1.00 35.21 ? 199 HOH A O   1 
HETATM 1151 O O   . HOH D 4 .   ? -4.455  8.862   -0.402  1.00 38.42 ? 200 HOH A O   1 
HETATM 1152 O O   . HOH D 4 .   ? 3.369   4.923   14.278  1.00 32.56 ? 201 HOH A O   1 
HETATM 1153 O O   . HOH D 4 .   ? -16.654 -9.462  -6.413  1.00 42.33 ? 202 HOH A O   1 
HETATM 1154 O O   . HOH D 4 .   ? -1.511  -7.843  -11.099 1.00 48.89 ? 203 HOH A O   1 
HETATM 1155 O O   . HOH D 4 .   ? -7.670  -6.481  5.924   1.00 43.39 ? 204 HOH A O   1 
HETATM 1156 O O   . HOH D 4 .   ? -8.443  -10.729 -8.697  1.00 35.63 ? 205 HOH A O   1 
HETATM 1157 O O   . HOH D 4 .   ? 14.205  -8.226  1.909   1.00 48.14 ? 206 HOH A O   1 
HETATM 1158 O O   . HOH D 4 .   ? 7.753   -15.361 6.362   1.00 44.36 ? 207 HOH A O   1 
HETATM 1159 O O   . HOH D 4 .   ? 4.254   -11.334 -5.730  1.00 35.36 ? 208 HOH A O   1 
HETATM 1160 O O   . HOH D 4 .   ? 2.136   -12.693 -4.740  1.00 38.99 ? 209 HOH A O   1 
HETATM 1161 O O   . HOH D 4 .   ? 5.880   -12.203 -7.936  0.50 29.58 ? 210 HOH A O   1 
HETATM 1162 O O   . HOH D 4 .   ? 12.167  -10.080 3.572   1.00 43.20 ? 211 HOH A O   1 
HETATM 1163 O O   . HOH D 4 .   ? 8.328   -12.230 8.661   1.00 47.42 ? 212 HOH A O   1 
HETATM 1164 O O   . HOH D 4 .   ? 16.149  -1.746  -1.343  1.00 41.64 ? 213 HOH A O   1 
HETATM 1165 O O   . HOH D 4 .   ? 18.613  -0.549  -2.751  1.00 42.99 ? 214 HOH A O   1 
HETATM 1166 O O   . HOH D 4 .   ? 16.869  -3.410  -9.403  1.00 47.68 ? 215 HOH A O   1 
HETATM 1167 O O   . HOH D 4 .   ? 10.132  -5.901  -15.181 1.00 48.96 ? 216 HOH A O   1 
HETATM 1168 O O   . HOH D 4 .   ? 13.701  -3.154  7.184   1.00 37.56 ? 217 HOH A O   1 
HETATM 1169 O O   . HOH D 4 .   ? 13.062  4.164   9.566   1.00 46.42 ? 218 HOH A O   1 
HETATM 1170 O O   . HOH D 4 .   ? 3.456   -10.946 11.926  1.00 48.44 ? 219 HOH A O   1 
HETATM 1171 O O   . HOH D 4 .   ? 4.219   7.591   14.057  1.00 44.88 ? 220 HOH A O   1 
HETATM 1172 O O   . HOH D 4 .   ? 2.221   9.377   14.478  1.00 47.91 ? 221 HOH A O   1 
HETATM 1173 O O   . HOH D 4 .   ? -14.198 2.479   6.728   1.00 39.79 ? 222 HOH A O   1 
HETATM 1174 O O   . HOH D 4 .   ? -9.385  12.217  5.159   1.00 49.46 ? 223 HOH A O   1 
HETATM 1175 O O   . HOH D 4 .   ? -7.064  11.180  4.976   1.00 45.19 ? 224 HOH A O   1 
HETATM 1176 O O   . HOH D 4 .   ? -5.135  9.659   -2.707  1.00 36.43 ? 225 HOH A O   1 
HETATM 1177 O O   . HOH D 4 .   ? -7.387  9.195   -1.677  1.00 42.04 ? 226 HOH A O   1 
HETATM 1178 O O   . HOH D 4 .   ? -8.338  7.080   -2.652  1.00 42.94 ? 227 HOH A O   1 
HETATM 1179 O O   . HOH D 4 .   ? -6.260  -2.467  -8.891  1.00 40.91 ? 228 HOH A O   1 
HETATM 1180 O O   . HOH D 4 .   ? 5.306   -6.317  -17.694 1.00 46.76 ? 229 HOH A O   1 
HETATM 1181 O O   . HOH D 4 .   ? -1.115  8.021   -13.541 1.00 41.65 ? 230 HOH A O   1 
HETATM 1182 O O   . HOH D 4 .   ? 3.208   3.491   -16.423 1.00 48.57 ? 231 HOH A O   1 
HETATM 1183 O O   . HOH D 4 .   ? 5.434   12.582  -9.915  1.00 41.79 ? 232 HOH A O   1 
HETATM 1184 O O   . HOH D 4 .   ? -0.049  -11.991 4.011   1.00 20.84 ? 233 HOH A O   1 
HETATM 1185 O O   . HOH E 4 .   ? -4.897  4.929   -7.117  1.00 24.12 ? 1   HOH B O   1 
HETATM 1186 O O   . HOH E 4 .   ? -4.673  1.325   -7.400  1.00 30.06 ? 12  HOH B O   1 
HETATM 1187 O O   . HOH E 4 .   ? -12.397 8.443   -7.212  1.00 39.59 ? 46  HOH B O   1 
# 
loop_
_pdbx_poly_seq_scheme.asym_id 
_pdbx_poly_seq_scheme.entity_id 
_pdbx_poly_seq_scheme.seq_id 
_pdbx_poly_seq_scheme.mon_id 
_pdbx_poly_seq_scheme.ndb_seq_num 
_pdbx_poly_seq_scheme.pdb_seq_num 
_pdbx_poly_seq_scheme.auth_seq_num 
_pdbx_poly_seq_scheme.pdb_mon_id 
_pdbx_poly_seq_scheme.auth_mon_id 
_pdbx_poly_seq_scheme.pdb_strand_id 
_pdbx_poly_seq_scheme.pdb_ins_code 
_pdbx_poly_seq_scheme.hetero 
A 1 1   MET 1   1   ?   ?   ?   A . n 
A 1 2   ALA 2   2   2   ALA ALA A . n 
A 1 3   ASP 3   3   3   ASP ASP A . n 
A 1 4   LYS 4   4   4   LYS LYS A . n 
A 1 5   GLU 5   5   5   GLU GLU A . n 
A 1 6   LEU 6   6   6   LEU LEU A . n 
A 1 7   LYS 7   7   7   LYS LYS A . n 
A 1 8   PHE 8   8   8   PHE PHE A . n 
A 1 9   LEU 9   9   9   LEU LEU A . n 
A 1 10  VAL 10  10  10  VAL VAL A . n 
A 1 11  VAL 11  11  11  VAL VAL A . n 
A 1 12  ASP 12  12  12  ASP ASP A . n 
A 1 13  ASP 13  13  13  ASP ASP A . n 
A 1 14  PHE 14  14  14  PHE PHE A . n 
A 1 15  SER 15  15  15  SER SER A . n 
A 1 16  THR 16  16  16  THR THR A . n 
A 1 17  MET 17  17  17  MET MET A . n 
A 1 18  ARG 18  18  18  ARG ARG A . n 
A 1 19  ARG 19  19  19  ARG ARG A . n 
A 1 20  ILE 20  20  20  ILE ILE A . n 
A 1 21  VAL 21  21  21  VAL VAL A . n 
A 1 22  ARG 22  22  22  ARG ARG A . n 
A 1 23  ASN 23  23  23  ASN ASN A . n 
A 1 24  LEU 24  24  24  LEU LEU A . n 
A 1 25  LEU 25  25  25  LEU LEU A . n 
A 1 26  LYS 26  26  26  LYS LYS A . n 
A 1 27  GLU 27  27  27  GLU GLU A . n 
A 1 28  LEU 28  28  28  LEU LEU A . n 
A 1 29  GLY 29  29  29  GLY GLY A . n 
A 1 30  PHE 30  30  30  PHE PHE A . n 
A 1 31  ASN 31  31  31  ASN ASN A . n 
A 1 32  ASN 32  32  32  ASN ASN A . n 
A 1 33  VAL 33  33  33  VAL VAL A . n 
A 1 34  GLU 34  34  34  GLU GLU A . n 
A 1 35  GLU 35  35  35  GLU GLU A . n 
A 1 36  ALA 36  36  36  ALA ALA A . n 
A 1 37  GLU 37  37  37  GLU GLU A . n 
A 1 38  ASP 38  38  38  ASP ASP A . n 
A 1 39  GLY 39  39  39  GLY GLY A . n 
A 1 40  VAL 40  40  40  VAL VAL A . n 
A 1 41  ASP 41  41  41  ASP ASP A . n 
A 1 42  ALA 42  42  42  ALA ALA A . n 
A 1 43  LEU 43  43  43  LEU LEU A . n 
A 1 44  ASN 44  44  44  ASN ASN A . n 
A 1 45  LYS 45  45  45  LYS LYS A . n 
A 1 46  LEU 46  46  46  LEU LEU A . n 
A 1 47  GLN 47  47  47  GLN GLN A . n 
A 1 48  ALA 48  48  48  ALA ALA A . n 
A 1 49  GLY 49  49  49  GLY GLY A . n 
A 1 50  GLY 50  50  50  GLY GLY A . n 
A 1 51  PHE 51  51  51  PHE PHE A . n 
A 1 52  GLY 52  52  52  GLY GLY A . n 
A 1 53  PHE 53  53  53  PHE PHE A . n 
A 1 54  ILE 54  54  54  ILE ILE A . n 
A 1 55  ILE 55  55  55  ILE ILE A . n 
A 1 56  SER 56  56  56  SER SER A . n 
A 1 57  ASP 57  57  57  ASP ASP A . n 
A 1 58  TRP 58  58  58  TRP TRP A . n 
A 1 59  ASN 59  59  59  ASN ASN A . n 
A 1 60  MET 60  60  60  MET MET A . n 
A 1 61  PRO 61  61  61  PRO PRO A . n 
A 1 62  ASN 62  62  62  ASN ASN A . n 
A 1 63  MET 63  63  63  MET MET A . n 
A 1 64  ASP 64  64  64  ASP ASP A . n 
A 1 65  GLY 65  65  65  GLY GLY A . n 
A 1 66  LEU 66  66  66  LEU LEU A . n 
A 1 67  GLU 67  67  67  GLU GLU A . n 
A 1 68  LEU 68  68  68  LEU LEU A . n 
A 1 69  LEU 69  69  69  LEU LEU A . n 
A 1 70  LYS 70  70  70  LYS LYS A . n 
A 1 71  THR 71  71  71  THR THR A . n 
A 1 72  ILE 72  72  72  ILE ILE A . n 
A 1 73  ARG 73  73  73  ARG ARG A . n 
A 1 74  ALA 74  74  74  ALA ALA A . n 
A 1 75  ASP 75  75  75  ASP ASP A . n 
A 1 76  SER 76  76  76  SER SER A . n 
A 1 77  ALA 77  77  77  ALA ALA A . n 
A 1 78  MET 78  78  78  MET MET A . n 
A 1 79  SER 79  79  79  SER SER A . n 
A 1 80  ALA 80  80  80  ALA ALA A . n 
A 1 81  LEU 81  81  81  LEU LEU A . n 
A 1 82  PRO 82  82  82  PRO PRO A . n 
A 1 83  VAL 83  83  83  VAL VAL A . n 
A 1 84  LEU 84  84  84  LEU LEU A . n 
A 1 85  MET 85  85  85  MET MET A . n 
A 1 86  VAL 86  86  86  VAL VAL A . n 
A 1 87  THR 87  87  87  THR THR A . n 
A 1 88  ALA 88  88  88  ALA ALA A . n 
A 1 89  GLU 89  89  89  GLU GLU A . n 
A 1 90  ALA 90  90  90  ALA ALA A . n 
A 1 91  LYS 91  91  91  LYS LYS A . n 
A 1 92  LYS 92  92  92  LYS LYS A . n 
A 1 93  GLU 93  93  93  GLU GLU A . n 
A 1 94  ASN 94  94  94  ASN ASN A . n 
A 1 95  ILE 95  95  95  ILE ILE A . n 
A 1 96  ILE 96  96  96  ILE ILE A . n 
A 1 97  ALA 97  97  97  ALA ALA A . n 
A 1 98  ALA 98  98  98  ALA ALA A . n 
A 1 99  ALA 99  99  99  ALA ALA A . n 
A 1 100 GLN 100 100 100 GLN GLN A . n 
A 1 101 ALA 101 101 101 ALA ALA A . n 
A 1 102 GLY 102 102 102 GLY GLY A . n 
A 1 103 ALA 103 103 103 ALA ALA A . n 
A 1 104 SER 104 104 104 SER SER A . n 
A 1 105 GLY 105 105 105 GLY GLY A . n 
A 1 106 TYR 106 106 106 TYR TYR A . n 
A 1 107 VAL 107 107 107 VAL VAL A . n 
A 1 108 VAL 108 108 108 VAL VAL A . n 
A 1 109 LYS 109 109 109 LYS LYS A . n 
A 1 110 PRO 110 110 110 PRO PRO A . n 
A 1 111 PHE 111 111 111 PHE PHE A . n 
A 1 112 THR 112 112 112 THR THR A . n 
A 1 113 ALA 113 113 113 ALA ALA A . n 
A 1 114 ALA 114 114 114 ALA ALA A . n 
A 1 115 THR 115 115 115 THR THR A . n 
A 1 116 LEU 116 116 116 LEU LEU A . n 
A 1 117 GLU 117 117 117 GLU GLU A . n 
A 1 118 GLU 118 118 118 GLU GLU A . n 
A 1 119 LYS 119 119 119 LYS LYS A . n 
A 1 120 LEU 120 120 120 LEU LEU A . n 
A 1 121 ASN 121 121 121 ASN ASN A . n 
A 1 122 LYS 122 122 122 LYS LYS A . n 
A 1 123 ILE 123 123 123 ILE ILE A . n 
A 1 124 PHE 124 124 124 PHE PHE A . n 
A 1 125 GLU 125 125 125 GLU GLU A . n 
A 1 126 LYS 126 126 126 LYS LYS A . n 
A 1 127 LEU 127 127 127 LEU LEU A . n 
A 1 128 GLY 128 128 128 GLY GLY A . n 
A 1 129 MET 129 129 129 MET MET A . n 
B 2 1   ALA 1   200 ?   ?   ?   B . n 
B 2 2   SER 2   201 ?   ?   ?   B . n 
B 2 3   GLN 3   202 202 GLN GLN B . n 
B 2 4   ASP 4   203 203 ASP ASP B . n 
B 2 5   GLN 5   204 204 GLN GLN B . n 
B 2 6   VAL 6   205 205 VAL VAL B . n 
B 2 7   ASP 7   206 206 ASP ASP B . n 
B 2 8   ASP 8   207 207 ASP ASP B . n 
B 2 9   LEU 9   208 208 LEU LEU B . n 
B 2 10  LEU 10  209 209 LEU LEU B . n 
B 2 11  ASP 11  210 210 ASP ASP B . n 
B 2 12  SER 12  211 211 SER SER B . n 
B 2 13  LEU 13  212 212 LEU LEU B . n 
B 2 14  GLY 14  213 213 GLY GLY B . n 
B 2 15  PHE 15  214 214 PHE PHE B . n 
# 
loop_
_pdbx_nonpoly_scheme.asym_id 
_pdbx_nonpoly_scheme.entity_id 
_pdbx_nonpoly_scheme.mon_id 
_pdbx_nonpoly_scheme.ndb_seq_num 
_pdbx_nonpoly_scheme.pdb_seq_num 
_pdbx_nonpoly_scheme.auth_seq_num 
_pdbx_nonpoly_scheme.pdb_mon_id 
_pdbx_nonpoly_scheme.auth_mon_id 
_pdbx_nonpoly_scheme.pdb_strand_id 
_pdbx_nonpoly_scheme.pdb_ins_code 
C 3 SO4 1  150 150 SO4 SO4 A . 
D 4 HOH 1  151 2   HOH HOH A . 
D 4 HOH 2  152 3   HOH HOH A . 
D 4 HOH 3  153 4   HOH HOH A . 
D 4 HOH 4  154 5   HOH HOH A . 
D 4 HOH 5  155 6   HOH HOH A . 
D 4 HOH 6  156 7   HOH HOH A . 
D 4 HOH 7  157 8   HOH HOH A . 
D 4 HOH 8  158 9   HOH HOH A . 
D 4 HOH 9  159 10  HOH HOH A . 
D 4 HOH 10 160 11  HOH HOH A . 
D 4 HOH 11 161 13  HOH HOH A . 
D 4 HOH 12 162 14  HOH HOH A . 
D 4 HOH 13 163 15  HOH HOH A . 
D 4 HOH 14 164 16  HOH HOH A . 
D 4 HOH 15 165 17  HOH HOH A . 
D 4 HOH 16 166 18  HOH HOH A . 
D 4 HOH 17 167 19  HOH HOH A . 
D 4 HOH 18 168 20  HOH HOH A . 
D 4 HOH 19 169 21  HOH HOH A . 
D 4 HOH 20 170 22  HOH HOH A . 
D 4 HOH 21 171 23  HOH HOH A . 
D 4 HOH 22 172 24  HOH HOH A . 
D 4 HOH 23 173 25  HOH HOH A . 
D 4 HOH 24 174 26  HOH HOH A . 
D 4 HOH 25 175 27  HOH HOH A . 
D 4 HOH 26 176 28  HOH HOH A . 
D 4 HOH 27 177 29  HOH HOH A . 
D 4 HOH 28 178 30  HOH HOH A . 
D 4 HOH 29 179 31  HOH HOH A . 
D 4 HOH 30 180 32  HOH HOH A . 
D 4 HOH 31 181 33  HOH HOH A . 
D 4 HOH 32 182 34  HOH HOH A . 
D 4 HOH 33 183 35  HOH HOH A . 
D 4 HOH 34 184 36  HOH HOH A . 
D 4 HOH 35 185 37  HOH HOH A . 
D 4 HOH 36 186 38  HOH HOH A . 
D 4 HOH 37 187 39  HOH HOH A . 
D 4 HOH 38 188 40  HOH HOH A . 
D 4 HOH 39 189 41  HOH HOH A . 
D 4 HOH 40 190 42  HOH HOH A . 
D 4 HOH 41 191 43  HOH HOH A . 
D 4 HOH 42 192 44  HOH HOH A . 
D 4 HOH 43 193 45  HOH HOH A . 
D 4 HOH 44 194 47  HOH HOH A . 
D 4 HOH 45 195 48  HOH HOH A . 
D 4 HOH 46 196 49  HOH HOH A . 
D 4 HOH 47 197 50  HOH HOH A . 
D 4 HOH 48 198 51  HOH HOH A . 
D 4 HOH 49 199 52  HOH HOH A . 
D 4 HOH 50 200 53  HOH HOH A . 
D 4 HOH 51 201 54  HOH HOH A . 
D 4 HOH 52 202 55  HOH HOH A . 
D 4 HOH 53 203 56  HOH HOH A . 
D 4 HOH 54 204 57  HOH HOH A . 
D 4 HOH 55 205 58  HOH HOH A . 
D 4 HOH 56 206 59  HOH HOH A . 
D 4 HOH 57 207 60  HOH HOH A . 
D 4 HOH 58 208 61  HOH HOH A . 
D 4 HOH 59 209 62  HOH HOH A . 
D 4 HOH 60 210 63  HOH HOH A . 
D 4 HOH 61 211 64  HOH HOH A . 
D 4 HOH 62 212 65  HOH HOH A . 
D 4 HOH 63 213 66  HOH HOH A . 
D 4 HOH 64 214 67  HOH HOH A . 
D 4 HOH 65 215 68  HOH HOH A . 
D 4 HOH 66 216 69  HOH HOH A . 
D 4 HOH 67 217 70  HOH HOH A . 
D 4 HOH 68 218 71  HOH HOH A . 
D 4 HOH 69 219 72  HOH HOH A . 
D 4 HOH 70 220 73  HOH HOH A . 
D 4 HOH 71 221 74  HOH HOH A . 
D 4 HOH 72 222 75  HOH HOH A . 
D 4 HOH 73 223 76  HOH HOH A . 
D 4 HOH 74 224 77  HOH HOH A . 
D 4 HOH 75 225 78  HOH HOH A . 
D 4 HOH 76 226 79  HOH HOH A . 
D 4 HOH 77 227 80  HOH HOH A . 
D 4 HOH 78 228 81  HOH HOH A . 
D 4 HOH 79 229 82  HOH HOH A . 
D 4 HOH 80 230 83  HOH HOH A . 
D 4 HOH 81 231 84  HOH HOH A . 
D 4 HOH 82 232 85  HOH HOH A . 
D 4 HOH 83 233 86  HOH HOH A . 
E 4 HOH 1  1   1   HOH HOH B . 
E 4 HOH 2  12  12  HOH HOH B . 
E 4 HOH 3  46  46  HOH HOH B . 
# 
_pdbx_struct_assembly.id                   1 
_pdbx_struct_assembly.details              author_defined_assembly 
_pdbx_struct_assembly.method_details       ? 
_pdbx_struct_assembly.oligomeric_details   dimeric 
_pdbx_struct_assembly.oligomeric_count     2 
# 
_pdbx_struct_assembly_gen.assembly_id       1 
_pdbx_struct_assembly_gen.oper_expression   1 
_pdbx_struct_assembly_gen.asym_id_list      A,B,C,D,E 
# 
_pdbx_struct_oper_list.id                   1 
_pdbx_struct_oper_list.type                 'identity operation' 
_pdbx_struct_oper_list.name                 1_555 
_pdbx_struct_oper_list.symmetry_operation   x,y,z 
_pdbx_struct_oper_list.matrix[1][1]         1.0000000000 
_pdbx_struct_oper_list.matrix[1][2]         0.0000000000 
_pdbx_struct_oper_list.matrix[1][3]         0.0000000000 
_pdbx_struct_oper_list.vector[1]            0.0000000000 
_pdbx_struct_oper_list.matrix[2][1]         0.0000000000 
_pdbx_struct_oper_list.matrix[2][2]         1.0000000000 
_pdbx_struct_oper_list.matrix[2][3]         0.0000000000 
_pdbx_struct_oper_list.vector[2]            0.0000000000 
_pdbx_struct_oper_list.matrix[3][1]         0.0000000000 
_pdbx_struct_oper_list.matrix[3][2]         0.0000000000 
_pdbx_struct_oper_list.matrix[3][3]         1.0000000000 
_pdbx_struct_oper_list.vector[3]            0.0000000000 
# 
loop_
_pdbx_struct_special_symmetry.id 
_pdbx_struct_special_symmetry.PDB_model_num 
_pdbx_struct_special_symmetry.auth_asym_id 
_pdbx_struct_special_symmetry.auth_comp_id 
_pdbx_struct_special_symmetry.auth_seq_id 
_pdbx_struct_special_symmetry.PDB_ins_code 
_pdbx_struct_special_symmetry.label_asym_id 
_pdbx_struct_special_symmetry.label_comp_id 
_pdbx_struct_special_symmetry.label_seq_id 
1 1 A SO4 150 ? C SO4 . 
2 1 A SO4 150 ? C SO4 . 
3 1 A HOH 210 ? D HOH . 
# 
loop_
_pdbx_audit_revision_history.ordinal 
_pdbx_audit_revision_history.data_content_type 
_pdbx_audit_revision_history.major_revision 
_pdbx_audit_revision_history.minor_revision 
_pdbx_audit_revision_history.revision_date 
1 'Structure model' 1 0 2006-05-23 
2 'Structure model' 1 1 2008-05-01 
3 'Structure model' 1 2 2011-07-13 
4 'Structure model' 1 3 2023-08-30 
# 
_pdbx_audit_revision_details.ordinal             1 
_pdbx_audit_revision_details.revision_ordinal    1 
_pdbx_audit_revision_details.data_content_type   'Structure model' 
_pdbx_audit_revision_details.provider            repository 
_pdbx_audit_revision_details.type                'Initial release' 
_pdbx_audit_revision_details.description         ? 
_pdbx_audit_revision_details.details             ? 
# 
loop_
_pdbx_audit_revision_group.ordinal 
_pdbx_audit_revision_group.revision_ordinal 
_pdbx_audit_revision_group.data_content_type 
_pdbx_audit_revision_group.group 
1 2 'Structure model' 'Version format compliance' 
2 3 'Structure model' 'Source and taxonomy'       
3 3 'Structure model' 'Version format compliance' 
4 4 'Structure model' 'Data collection'           
5 4 'Structure model' 'Database references'       
6 4 'Structure model' 'Derived calculations'      
7 4 'Structure model' 'Refinement description'    
# 
loop_
_pdbx_audit_revision_category.ordinal 
_pdbx_audit_revision_category.revision_ordinal 
_pdbx_audit_revision_category.data_content_type 
_pdbx_audit_revision_category.category 
1 4 'Structure model' chem_comp_atom                
2 4 'Structure model' chem_comp_bond                
3 4 'Structure model' database_2                    
4 4 'Structure model' pdbx_initial_refinement_model 
5 4 'Structure model' pdbx_struct_special_symmetry  
6 4 'Structure model' struct_ref_seq_dif            
7 4 'Structure model' struct_site                   
# 
loop_
_pdbx_audit_revision_item.ordinal 
_pdbx_audit_revision_item.revision_ordinal 
_pdbx_audit_revision_item.data_content_type 
_pdbx_audit_revision_item.item 
1 4 'Structure model' '_database_2.pdbx_DOI'                
2 4 'Structure model' '_database_2.pdbx_database_accession' 
3 4 'Structure model' '_struct_ref_seq_dif.details'         
4 4 'Structure model' '_struct_site.pdbx_auth_asym_id'      
5 4 'Structure model' '_struct_site.pdbx_auth_comp_id'      
6 4 'Structure model' '_struct_site.pdbx_auth_seq_id'       
# 
loop_
_software.name 
_software.classification 
_software.version 
_software.citation_id 
_software.pdbx_ordinal 
DENZO     'data reduction' .   ? 1 
SCALEPACK 'data scaling'   .   ? 2 
PHASER    phasing          .   ? 3 
REFMAC    refinement       5.0 ? 4 
# 
loop_
_pdbx_validate_torsion.id 
_pdbx_validate_torsion.PDB_model_num 
_pdbx_validate_torsion.auth_comp_id 
_pdbx_validate_torsion.auth_asym_id 
_pdbx_validate_torsion.auth_seq_id 
_pdbx_validate_torsion.PDB_ins_code 
_pdbx_validate_torsion.label_alt_id 
_pdbx_validate_torsion.phi 
_pdbx_validate_torsion.psi 
1 1 ASN A 62 ? ? 75.86   -48.34 
2 1 MET A 63 ? ? -161.51 115.51 
# 
loop_
_pdbx_unobs_or_zero_occ_residues.id 
_pdbx_unobs_or_zero_occ_residues.PDB_model_num 
_pdbx_unobs_or_zero_occ_residues.polymer_flag 
_pdbx_unobs_or_zero_occ_residues.occupancy_flag 
_pdbx_unobs_or_zero_occ_residues.auth_asym_id 
_pdbx_unobs_or_zero_occ_residues.auth_comp_id 
_pdbx_unobs_or_zero_occ_residues.auth_seq_id 
_pdbx_unobs_or_zero_occ_residues.PDB_ins_code 
_pdbx_unobs_or_zero_occ_residues.label_asym_id 
_pdbx_unobs_or_zero_occ_residues.label_comp_id 
_pdbx_unobs_or_zero_occ_residues.label_seq_id 
1 1 Y 1 A MET 1   ? A MET 1 
2 1 Y 1 B ALA 200 ? B ALA 1 
3 1 Y 1 B SER 201 ? B SER 2 
# 
loop_
_chem_comp_atom.comp_id 
_chem_comp_atom.atom_id 
_chem_comp_atom.type_symbol 
_chem_comp_atom.pdbx_aromatic_flag 
_chem_comp_atom.pdbx_stereo_config 
_chem_comp_atom.pdbx_ordinal 
ALA N    N N N 1   
ALA CA   C N S 2   
ALA C    C N N 3   
ALA O    O N N 4   
ALA CB   C N N 5   
ALA OXT  O N N 6   
ALA H    H N N 7   
ALA H2   H N N 8   
ALA HA   H N N 9   
ALA HB1  H N N 10  
ALA HB2  H N N 11  
ALA HB3  H N N 12  
ALA HXT  H N N 13  
ARG N    N N N 14  
ARG CA   C N S 15  
ARG C    C N N 16  
ARG O    O N N 17  
ARG CB   C N N 18  
ARG CG   C N N 19  
ARG CD   C N N 20  
ARG NE   N N N 21  
ARG CZ   C N N 22  
ARG NH1  N N N 23  
ARG NH2  N N N 24  
ARG OXT  O N N 25  
ARG H    H N N 26  
ARG H2   H N N 27  
ARG HA   H N N 28  
ARG HB2  H N N 29  
ARG HB3  H N N 30  
ARG HG2  H N N 31  
ARG HG3  H N N 32  
ARG HD2  H N N 33  
ARG HD3  H N N 34  
ARG HE   H N N 35  
ARG HH11 H N N 36  
ARG HH12 H N N 37  
ARG HH21 H N N 38  
ARG HH22 H N N 39  
ARG HXT  H N N 40  
ASN N    N N N 41  
ASN CA   C N S 42  
ASN C    C N N 43  
ASN O    O N N 44  
ASN CB   C N N 45  
ASN CG   C N N 46  
ASN OD1  O N N 47  
ASN ND2  N N N 48  
ASN OXT  O N N 49  
ASN H    H N N 50  
ASN H2   H N N 51  
ASN HA   H N N 52  
ASN HB2  H N N 53  
ASN HB3  H N N 54  
ASN HD21 H N N 55  
ASN HD22 H N N 56  
ASN HXT  H N N 57  
ASP N    N N N 58  
ASP CA   C N S 59  
ASP C    C N N 60  
ASP O    O N N 61  
ASP CB   C N N 62  
ASP CG   C N N 63  
ASP OD1  O N N 64  
ASP OD2  O N N 65  
ASP OXT  O N N 66  
ASP H    H N N 67  
ASP H2   H N N 68  
ASP HA   H N N 69  
ASP HB2  H N N 70  
ASP HB3  H N N 71  
ASP HD2  H N N 72  
ASP HXT  H N N 73  
GLN N    N N N 74  
GLN CA   C N S 75  
GLN C    C N N 76  
GLN O    O N N 77  
GLN CB   C N N 78  
GLN CG   C N N 79  
GLN CD   C N N 80  
GLN OE1  O N N 81  
GLN NE2  N N N 82  
GLN OXT  O N N 83  
GLN H    H N N 84  
GLN H2   H N N 85  
GLN HA   H N N 86  
GLN HB2  H N N 87  
GLN HB3  H N N 88  
GLN HG2  H N N 89  
GLN HG3  H N N 90  
GLN HE21 H N N 91  
GLN HE22 H N N 92  
GLN HXT  H N N 93  
GLU N    N N N 94  
GLU CA   C N S 95  
GLU C    C N N 96  
GLU O    O N N 97  
GLU CB   C N N 98  
GLU CG   C N N 99  
GLU CD   C N N 100 
GLU OE1  O N N 101 
GLU OE2  O N N 102 
GLU OXT  O N N 103 
GLU H    H N N 104 
GLU H2   H N N 105 
GLU HA   H N N 106 
GLU HB2  H N N 107 
GLU HB3  H N N 108 
GLU HG2  H N N 109 
GLU HG3  H N N 110 
GLU HE2  H N N 111 
GLU HXT  H N N 112 
GLY N    N N N 113 
GLY CA   C N N 114 
GLY C    C N N 115 
GLY O    O N N 116 
GLY OXT  O N N 117 
GLY H    H N N 118 
GLY H2   H N N 119 
GLY HA2  H N N 120 
GLY HA3  H N N 121 
GLY HXT  H N N 122 
HOH O    O N N 123 
HOH H1   H N N 124 
HOH H2   H N N 125 
ILE N    N N N 126 
ILE CA   C N S 127 
ILE C    C N N 128 
ILE O    O N N 129 
ILE CB   C N S 130 
ILE CG1  C N N 131 
ILE CG2  C N N 132 
ILE CD1  C N N 133 
ILE OXT  O N N 134 
ILE H    H N N 135 
ILE H2   H N N 136 
ILE HA   H N N 137 
ILE HB   H N N 138 
ILE HG12 H N N 139 
ILE HG13 H N N 140 
ILE HG21 H N N 141 
ILE HG22 H N N 142 
ILE HG23 H N N 143 
ILE HD11 H N N 144 
ILE HD12 H N N 145 
ILE HD13 H N N 146 
ILE HXT  H N N 147 
LEU N    N N N 148 
LEU CA   C N S 149 
LEU C    C N N 150 
LEU O    O N N 151 
LEU CB   C N N 152 
LEU CG   C N N 153 
LEU CD1  C N N 154 
LEU CD2  C N N 155 
LEU OXT  O N N 156 
LEU H    H N N 157 
LEU H2   H N N 158 
LEU HA   H N N 159 
LEU HB2  H N N 160 
LEU HB3  H N N 161 
LEU HG   H N N 162 
LEU HD11 H N N 163 
LEU HD12 H N N 164 
LEU HD13 H N N 165 
LEU HD21 H N N 166 
LEU HD22 H N N 167 
LEU HD23 H N N 168 
LEU HXT  H N N 169 
LYS N    N N N 170 
LYS CA   C N S 171 
LYS C    C N N 172 
LYS O    O N N 173 
LYS CB   C N N 174 
LYS CG   C N N 175 
LYS CD   C N N 176 
LYS CE   C N N 177 
LYS NZ   N N N 178 
LYS OXT  O N N 179 
LYS H    H N N 180 
LYS H2   H N N 181 
LYS HA   H N N 182 
LYS HB2  H N N 183 
LYS HB3  H N N 184 
LYS HG2  H N N 185 
LYS HG3  H N N 186 
LYS HD2  H N N 187 
LYS HD3  H N N 188 
LYS HE2  H N N 189 
LYS HE3  H N N 190 
LYS HZ1  H N N 191 
LYS HZ2  H N N 192 
LYS HZ3  H N N 193 
LYS HXT  H N N 194 
MET N    N N N 195 
MET CA   C N S 196 
MET C    C N N 197 
MET O    O N N 198 
MET CB   C N N 199 
MET CG   C N N 200 
MET SD   S N N 201 
MET CE   C N N 202 
MET OXT  O N N 203 
MET H    H N N 204 
MET H2   H N N 205 
MET HA   H N N 206 
MET HB2  H N N 207 
MET HB3  H N N 208 
MET HG2  H N N 209 
MET HG3  H N N 210 
MET HE1  H N N 211 
MET HE2  H N N 212 
MET HE3  H N N 213 
MET HXT  H N N 214 
PHE N    N N N 215 
PHE CA   C N S 216 
PHE C    C N N 217 
PHE O    O N N 218 
PHE CB   C N N 219 
PHE CG   C Y N 220 
PHE CD1  C Y N 221 
PHE CD2  C Y N 222 
PHE CE1  C Y N 223 
PHE CE2  C Y N 224 
PHE CZ   C Y N 225 
PHE OXT  O N N 226 
PHE H    H N N 227 
PHE H2   H N N 228 
PHE HA   H N N 229 
PHE HB2  H N N 230 
PHE HB3  H N N 231 
PHE HD1  H N N 232 
PHE HD2  H N N 233 
PHE HE1  H N N 234 
PHE HE2  H N N 235 
PHE HZ   H N N 236 
PHE HXT  H N N 237 
PRO N    N N N 238 
PRO CA   C N S 239 
PRO C    C N N 240 
PRO O    O N N 241 
PRO CB   C N N 242 
PRO CG   C N N 243 
PRO CD   C N N 244 
PRO OXT  O N N 245 
PRO H    H N N 246 
PRO HA   H N N 247 
PRO HB2  H N N 248 
PRO HB3  H N N 249 
PRO HG2  H N N 250 
PRO HG3  H N N 251 
PRO HD2  H N N 252 
PRO HD3  H N N 253 
PRO HXT  H N N 254 
SER N    N N N 255 
SER CA   C N S 256 
SER C    C N N 257 
SER O    O N N 258 
SER CB   C N N 259 
SER OG   O N N 260 
SER OXT  O N N 261 
SER H    H N N 262 
SER H2   H N N 263 
SER HA   H N N 264 
SER HB2  H N N 265 
SER HB3  H N N 266 
SER HG   H N N 267 
SER HXT  H N N 268 
SO4 S    S N N 269 
SO4 O1   O N N 270 
SO4 O2   O N N 271 
SO4 O3   O N N 272 
SO4 O4   O N N 273 
THR N    N N N 274 
THR CA   C N S 275 
THR C    C N N 276 
THR O    O N N 277 
THR CB   C N R 278 
THR OG1  O N N 279 
THR CG2  C N N 280 
THR OXT  O N N 281 
THR H    H N N 282 
THR H2   H N N 283 
THR HA   H N N 284 
THR HB   H N N 285 
THR HG1  H N N 286 
THR HG21 H N N 287 
THR HG22 H N N 288 
THR HG23 H N N 289 
THR HXT  H N N 290 
TRP N    N N N 291 
TRP CA   C N S 292 
TRP C    C N N 293 
TRP O    O N N 294 
TRP CB   C N N 295 
TRP CG   C Y N 296 
TRP CD1  C Y N 297 
TRP CD2  C Y N 298 
TRP NE1  N Y N 299 
TRP CE2  C Y N 300 
TRP CE3  C Y N 301 
TRP CZ2  C Y N 302 
TRP CZ3  C Y N 303 
TRP CH2  C Y N 304 
TRP OXT  O N N 305 
TRP H    H N N 306 
TRP H2   H N N 307 
TRP HA   H N N 308 
TRP HB2  H N N 309 
TRP HB3  H N N 310 
TRP HD1  H N N 311 
TRP HE1  H N N 312 
TRP HE3  H N N 313 
TRP HZ2  H N N 314 
TRP HZ3  H N N 315 
TRP HH2  H N N 316 
TRP HXT  H N N 317 
TYR N    N N N 318 
TYR CA   C N S 319 
TYR C    C N N 320 
TYR O    O N N 321 
TYR CB   C N N 322 
TYR CG   C Y N 323 
TYR CD1  C Y N 324 
TYR CD2  C Y N 325 
TYR CE1  C Y N 326 
TYR CE2  C Y N 327 
TYR CZ   C Y N 328 
TYR OH   O N N 329 
TYR OXT  O N N 330 
TYR H    H N N 331 
TYR H2   H N N 332 
TYR HA   H N N 333 
TYR HB2  H N N 334 
TYR HB3  H N N 335 
TYR HD1  H N N 336 
TYR HD2  H N N 337 
TYR HE1  H N N 338 
TYR HE2  H N N 339 
TYR HH   H N N 340 
TYR HXT  H N N 341 
VAL N    N N N 342 
VAL CA   C N S 343 
VAL C    C N N 344 
VAL O    O N N 345 
VAL CB   C N N 346 
VAL CG1  C N N 347 
VAL CG2  C N N 348 
VAL OXT  O N N 349 
VAL H    H N N 350 
VAL H2   H N N 351 
VAL HA   H N N 352 
VAL HB   H N N 353 
VAL HG11 H N N 354 
VAL HG12 H N N 355 
VAL HG13 H N N 356 
VAL HG21 H N N 357 
VAL HG22 H N N 358 
VAL HG23 H N N 359 
VAL HXT  H N N 360 
# 
loop_
_chem_comp_bond.comp_id 
_chem_comp_bond.atom_id_1 
_chem_comp_bond.atom_id_2 
_chem_comp_bond.value_order 
_chem_comp_bond.pdbx_aromatic_flag 
_chem_comp_bond.pdbx_stereo_config 
_chem_comp_bond.pdbx_ordinal 
ALA N   CA   sing N N 1   
ALA N   H    sing N N 2   
ALA N   H2   sing N N 3   
ALA CA  C    sing N N 4   
ALA CA  CB   sing N N 5   
ALA CA  HA   sing N N 6   
ALA C   O    doub N N 7   
ALA C   OXT  sing N N 8   
ALA CB  HB1  sing N N 9   
ALA CB  HB2  sing N N 10  
ALA CB  HB3  sing N N 11  
ALA OXT HXT  sing N N 12  
ARG N   CA   sing N N 13  
ARG N   H    sing N N 14  
ARG N   H2   sing N N 15  
ARG CA  C    sing N N 16  
ARG CA  CB   sing N N 17  
ARG CA  HA   sing N N 18  
ARG C   O    doub N N 19  
ARG C   OXT  sing N N 20  
ARG CB  CG   sing N N 21  
ARG CB  HB2  sing N N 22  
ARG CB  HB3  sing N N 23  
ARG CG  CD   sing N N 24  
ARG CG  HG2  sing N N 25  
ARG CG  HG3  sing N N 26  
ARG CD  NE   sing N N 27  
ARG CD  HD2  sing N N 28  
ARG CD  HD3  sing N N 29  
ARG NE  CZ   sing N N 30  
ARG NE  HE   sing N N 31  
ARG CZ  NH1  sing N N 32  
ARG CZ  NH2  doub N N 33  
ARG NH1 HH11 sing N N 34  
ARG NH1 HH12 sing N N 35  
ARG NH2 HH21 sing N N 36  
ARG NH2 HH22 sing N N 37  
ARG OXT HXT  sing N N 38  
ASN N   CA   sing N N 39  
ASN N   H    sing N N 40  
ASN N   H2   sing N N 41  
ASN CA  C    sing N N 42  
ASN CA  CB   sing N N 43  
ASN CA  HA   sing N N 44  
ASN C   O    doub N N 45  
ASN C   OXT  sing N N 46  
ASN CB  CG   sing N N 47  
ASN CB  HB2  sing N N 48  
ASN CB  HB3  sing N N 49  
ASN CG  OD1  doub N N 50  
ASN CG  ND2  sing N N 51  
ASN ND2 HD21 sing N N 52  
ASN ND2 HD22 sing N N 53  
ASN OXT HXT  sing N N 54  
ASP N   CA   sing N N 55  
ASP N   H    sing N N 56  
ASP N   H2   sing N N 57  
ASP CA  C    sing N N 58  
ASP CA  CB   sing N N 59  
ASP CA  HA   sing N N 60  
ASP C   O    doub N N 61  
ASP C   OXT  sing N N 62  
ASP CB  CG   sing N N 63  
ASP CB  HB2  sing N N 64  
ASP CB  HB3  sing N N 65  
ASP CG  OD1  doub N N 66  
ASP CG  OD2  sing N N 67  
ASP OD2 HD2  sing N N 68  
ASP OXT HXT  sing N N 69  
GLN N   CA   sing N N 70  
GLN N   H    sing N N 71  
GLN N   H2   sing N N 72  
GLN CA  C    sing N N 73  
GLN CA  CB   sing N N 74  
GLN CA  HA   sing N N 75  
GLN C   O    doub N N 76  
GLN C   OXT  sing N N 77  
GLN CB  CG   sing N N 78  
GLN CB  HB2  sing N N 79  
GLN CB  HB3  sing N N 80  
GLN CG  CD   sing N N 81  
GLN CG  HG2  sing N N 82  
GLN CG  HG3  sing N N 83  
GLN CD  OE1  doub N N 84  
GLN CD  NE2  sing N N 85  
GLN NE2 HE21 sing N N 86  
GLN NE2 HE22 sing N N 87  
GLN OXT HXT  sing N N 88  
GLU N   CA   sing N N 89  
GLU N   H    sing N N 90  
GLU N   H2   sing N N 91  
GLU CA  C    sing N N 92  
GLU CA  CB   sing N N 93  
GLU CA  HA   sing N N 94  
GLU C   O    doub N N 95  
GLU C   OXT  sing N N 96  
GLU CB  CG   sing N N 97  
GLU CB  HB2  sing N N 98  
GLU CB  HB3  sing N N 99  
GLU CG  CD   sing N N 100 
GLU CG  HG2  sing N N 101 
GLU CG  HG3  sing N N 102 
GLU CD  OE1  doub N N 103 
GLU CD  OE2  sing N N 104 
GLU OE2 HE2  sing N N 105 
GLU OXT HXT  sing N N 106 
GLY N   CA   sing N N 107 
GLY N   H    sing N N 108 
GLY N   H2   sing N N 109 
GLY CA  C    sing N N 110 
GLY CA  HA2  sing N N 111 
GLY CA  HA3  sing N N 112 
GLY C   O    doub N N 113 
GLY C   OXT  sing N N 114 
GLY OXT HXT  sing N N 115 
HOH O   H1   sing N N 116 
HOH O   H2   sing N N 117 
ILE N   CA   sing N N 118 
ILE N   H    sing N N 119 
ILE N   H2   sing N N 120 
ILE CA  C    sing N N 121 
ILE CA  CB   sing N N 122 
ILE CA  HA   sing N N 123 
ILE C   O    doub N N 124 
ILE C   OXT  sing N N 125 
ILE CB  CG1  sing N N 126 
ILE CB  CG2  sing N N 127 
ILE CB  HB   sing N N 128 
ILE CG1 CD1  sing N N 129 
ILE CG1 HG12 sing N N 130 
ILE CG1 HG13 sing N N 131 
ILE CG2 HG21 sing N N 132 
ILE CG2 HG22 sing N N 133 
ILE CG2 HG23 sing N N 134 
ILE CD1 HD11 sing N N 135 
ILE CD1 HD12 sing N N 136 
ILE CD1 HD13 sing N N 137 
ILE OXT HXT  sing N N 138 
LEU N   CA   sing N N 139 
LEU N   H    sing N N 140 
LEU N   H2   sing N N 141 
LEU CA  C    sing N N 142 
LEU CA  CB   sing N N 143 
LEU CA  HA   sing N N 144 
LEU C   O    doub N N 145 
LEU C   OXT  sing N N 146 
LEU CB  CG   sing N N 147 
LEU CB  HB2  sing N N 148 
LEU CB  HB3  sing N N 149 
LEU CG  CD1  sing N N 150 
LEU CG  CD2  sing N N 151 
LEU CG  HG   sing N N 152 
LEU CD1 HD11 sing N N 153 
LEU CD1 HD12 sing N N 154 
LEU CD1 HD13 sing N N 155 
LEU CD2 HD21 sing N N 156 
LEU CD2 HD22 sing N N 157 
LEU CD2 HD23 sing N N 158 
LEU OXT HXT  sing N N 159 
LYS N   CA   sing N N 160 
LYS N   H    sing N N 161 
LYS N   H2   sing N N 162 
LYS CA  C    sing N N 163 
LYS CA  CB   sing N N 164 
LYS CA  HA   sing N N 165 
LYS C   O    doub N N 166 
LYS C   OXT  sing N N 167 
LYS CB  CG   sing N N 168 
LYS CB  HB2  sing N N 169 
LYS CB  HB3  sing N N 170 
LYS CG  CD   sing N N 171 
LYS CG  HG2  sing N N 172 
LYS CG  HG3  sing N N 173 
LYS CD  CE   sing N N 174 
LYS CD  HD2  sing N N 175 
LYS CD  HD3  sing N N 176 
LYS CE  NZ   sing N N 177 
LYS CE  HE2  sing N N 178 
LYS CE  HE3  sing N N 179 
LYS NZ  HZ1  sing N N 180 
LYS NZ  HZ2  sing N N 181 
LYS NZ  HZ3  sing N N 182 
LYS OXT HXT  sing N N 183 
MET N   CA   sing N N 184 
MET N   H    sing N N 185 
MET N   H2   sing N N 186 
MET CA  C    sing N N 187 
MET CA  CB   sing N N 188 
MET CA  HA   sing N N 189 
MET C   O    doub N N 190 
MET C   OXT  sing N N 191 
MET CB  CG   sing N N 192 
MET CB  HB2  sing N N 193 
MET CB  HB3  sing N N 194 
MET CG  SD   sing N N 195 
MET CG  HG2  sing N N 196 
MET CG  HG3  sing N N 197 
MET SD  CE   sing N N 198 
MET CE  HE1  sing N N 199 
MET CE  HE2  sing N N 200 
MET CE  HE3  sing N N 201 
MET OXT HXT  sing N N 202 
PHE N   CA   sing N N 203 
PHE N   H    sing N N 204 
PHE N   H2   sing N N 205 
PHE CA  C    sing N N 206 
PHE CA  CB   sing N N 207 
PHE CA  HA   sing N N 208 
PHE C   O    doub N N 209 
PHE C   OXT  sing N N 210 
PHE CB  CG   sing N N 211 
PHE CB  HB2  sing N N 212 
PHE CB  HB3  sing N N 213 
PHE CG  CD1  doub Y N 214 
PHE CG  CD2  sing Y N 215 
PHE CD1 CE1  sing Y N 216 
PHE CD1 HD1  sing N N 217 
PHE CD2 CE2  doub Y N 218 
PHE CD2 HD2  sing N N 219 
PHE CE1 CZ   doub Y N 220 
PHE CE1 HE1  sing N N 221 
PHE CE2 CZ   sing Y N 222 
PHE CE2 HE2  sing N N 223 
PHE CZ  HZ   sing N N 224 
PHE OXT HXT  sing N N 225 
PRO N   CA   sing N N 226 
PRO N   CD   sing N N 227 
PRO N   H    sing N N 228 
PRO CA  C    sing N N 229 
PRO CA  CB   sing N N 230 
PRO CA  HA   sing N N 231 
PRO C   O    doub N N 232 
PRO C   OXT  sing N N 233 
PRO CB  CG   sing N N 234 
PRO CB  HB2  sing N N 235 
PRO CB  HB3  sing N N 236 
PRO CG  CD   sing N N 237 
PRO CG  HG2  sing N N 238 
PRO CG  HG3  sing N N 239 
PRO CD  HD2  sing N N 240 
PRO CD  HD3  sing N N 241 
PRO OXT HXT  sing N N 242 
SER N   CA   sing N N 243 
SER N   H    sing N N 244 
SER N   H2   sing N N 245 
SER CA  C    sing N N 246 
SER CA  CB   sing N N 247 
SER CA  HA   sing N N 248 
SER C   O    doub N N 249 
SER C   OXT  sing N N 250 
SER CB  OG   sing N N 251 
SER CB  HB2  sing N N 252 
SER CB  HB3  sing N N 253 
SER OG  HG   sing N N 254 
SER OXT HXT  sing N N 255 
SO4 S   O1   doub N N 256 
SO4 S   O2   doub N N 257 
SO4 S   O3   sing N N 258 
SO4 S   O4   sing N N 259 
THR N   CA   sing N N 260 
THR N   H    sing N N 261 
THR N   H2   sing N N 262 
THR CA  C    sing N N 263 
THR CA  CB   sing N N 264 
THR CA  HA   sing N N 265 
THR C   O    doub N N 266 
THR C   OXT  sing N N 267 
THR CB  OG1  sing N N 268 
THR CB  CG2  sing N N 269 
THR CB  HB   sing N N 270 
THR OG1 HG1  sing N N 271 
THR CG2 HG21 sing N N 272 
THR CG2 HG22 sing N N 273 
THR CG2 HG23 sing N N 274 
THR OXT HXT  sing N N 275 
TRP N   CA   sing N N 276 
TRP N   H    sing N N 277 
TRP N   H2   sing N N 278 
TRP CA  C    sing N N 279 
TRP CA  CB   sing N N 280 
TRP CA  HA   sing N N 281 
TRP C   O    doub N N 282 
TRP C   OXT  sing N N 283 
TRP CB  CG   sing N N 284 
TRP CB  HB2  sing N N 285 
TRP CB  HB3  sing N N 286 
TRP CG  CD1  doub Y N 287 
TRP CG  CD2  sing Y N 288 
TRP CD1 NE1  sing Y N 289 
TRP CD1 HD1  sing N N 290 
TRP CD2 CE2  doub Y N 291 
TRP CD2 CE3  sing Y N 292 
TRP NE1 CE2  sing Y N 293 
TRP NE1 HE1  sing N N 294 
TRP CE2 CZ2  sing Y N 295 
TRP CE3 CZ3  doub Y N 296 
TRP CE3 HE3  sing N N 297 
TRP CZ2 CH2  doub Y N 298 
TRP CZ2 HZ2  sing N N 299 
TRP CZ3 CH2  sing Y N 300 
TRP CZ3 HZ3  sing N N 301 
TRP CH2 HH2  sing N N 302 
TRP OXT HXT  sing N N 303 
TYR N   CA   sing N N 304 
TYR N   H    sing N N 305 
TYR N   H2   sing N N 306 
TYR CA  C    sing N N 307 
TYR CA  CB   sing N N 308 
TYR CA  HA   sing N N 309 
TYR C   O    doub N N 310 
TYR C   OXT  sing N N 311 
TYR CB  CG   sing N N 312 
TYR CB  HB2  sing N N 313 
TYR CB  HB3  sing N N 314 
TYR CG  CD1  doub Y N 315 
TYR CG  CD2  sing Y N 316 
TYR CD1 CE1  sing Y N 317 
TYR CD1 HD1  sing N N 318 
TYR CD2 CE2  doub Y N 319 
TYR CD2 HD2  sing N N 320 
TYR CE1 CZ   doub Y N 321 
TYR CE1 HE1  sing N N 322 
TYR CE2 CZ   sing Y N 323 
TYR CE2 HE2  sing N N 324 
TYR CZ  OH   sing N N 325 
TYR OH  HH   sing N N 326 
TYR OXT HXT  sing N N 327 
VAL N   CA   sing N N 328 
VAL N   H    sing N N 329 
VAL N   H2   sing N N 330 
VAL CA  C    sing N N 331 
VAL CA  CB   sing N N 332 
VAL CA  HA   sing N N 333 
VAL C   O    doub N N 334 
VAL C   OXT  sing N N 335 
VAL CB  CG1  sing N N 336 
VAL CB  CG2  sing N N 337 
VAL CB  HB   sing N N 338 
VAL CG1 HG11 sing N N 339 
VAL CG1 HG12 sing N N 340 
VAL CG1 HG13 sing N N 341 
VAL CG2 HG21 sing N N 342 
VAL CG2 HG22 sing N N 343 
VAL CG2 HG23 sing N N 344 
VAL OXT HXT  sing N N 345 
# 
loop_
_pdbx_entity_nonpoly.entity_id 
_pdbx_entity_nonpoly.name 
_pdbx_entity_nonpoly.comp_id 
3 'SULFATE ION' SO4 
4 water         HOH 
# 
_pdbx_initial_refinement_model.id               1 
_pdbx_initial_refinement_model.entity_id_list   ? 
_pdbx_initial_refinement_model.type             'experimental model' 
_pdbx_initial_refinement_model.source_name      PDB 
_pdbx_initial_refinement_model.accession_code   1FQW 
_pdbx_initial_refinement_model.details          'PDB ENTRY 1FQW' 
# 
